data_8WTZ
#
_entry.id   8WTZ
#
_cell.length_a   1.00
_cell.length_b   1.00
_cell.length_c   1.00
_cell.angle_alpha   90.00
_cell.angle_beta   90.00
_cell.angle_gamma   90.00
#
_symmetry.space_group_name_H-M   'P 1'
#
loop_
_entity.id
_entity.type
_entity.pdbx_description
1 polymer 'Potassium channel SKOR'
2 non-polymer 1,2-DIACYL-SN-GLYCERO-3-PHOSPHOCHOLINE
#
_entity_poly.entity_id   1
_entity_poly.type   'polypeptide(L)'
_entity_poly.pdbx_seq_one_letter_code
;DYKDDDDKHMGGSSGGGVSYRSGGESDVELEDYEVDDFRDGIVESRGNRFNPLTNFLGLDFAGGSGGKFTVINGIRDISR
GSIVHPDNRWYKAWTMFILIWALYSSFFTPLEFGFFRGLPENLFILDIAGQIAFLVDIVLTFFVAYRDSRTYRMIYKRSS
IALRYLKSTFIIDLLACMPWDIIYKAAGEKEEVRYLLLIRLYRVHRVILFFHKMEKDIRINYLFTRIVKLIFVELYCTHT
AACIFYYLATTLPASQEGYTWIGSLKLGDYSYSKFREIDLWTRYTTSMYFAVVTMATVGYGDIHAVNMREMIFAMVYISF
DMILGAYLIGNMTALIVKGSKTERFRDKMADIMRYMNRNKLGRNIRGQITGHLRLQYESSYTEAAVLQDIPVSIRAKIAQ
TLYLPYIEKVPLFRGCSSEFINQIVIRLHEEFFLPGEVIMEQGSVVDQLYFVCHGVLEEIGITKDGSEEIVAVLQPDHSF
GEISILCNIPQPYTVRVAELCRILRLDKQSFMNILEIFFHDGRRILNNLLEGKESNVRIKQLESDITFHISKQEAELALK
LNSAAFYGDLYQLKSLIRAGGDPNKTDYDGRSPLHLAASRGYEDITLYLIQESVDVNIKDKLGSTPLLEAIKNGNDRVAA
LLVKEGATLNIENAGTFLCTVVAKGDSDFLKRLLSNGIDPNSKDYDHRTPLHVAASEGFYVLAIQLVEASANVLAKDRWG
NTPLDEALGCGNKMLIKLLEDAKNSQISSFPSGSKEPKDKVYKKKCTVYFSHPGDSKEKRRRGIVLWVPRSIEELIRTAK
EQLNVPEASCVLSEDEAKIIDVDLISDGQKLYLAVET
;
_entity_poly.pdbx_strand_id   C,D,A,B
#
loop_
_chem_comp.id
_chem_comp.type
_chem_comp.name
_chem_comp.formula
PC1 non-polymer 1,2-DIACYL-SN-GLYCERO-3-PHOSPHOCHOLINE 'C44 H88 N O8 P'
#
# COMPACT_ATOMS: atom_id res chain seq x y z
N HIS A 85 31.69 15.80 -26.50
CA HIS A 85 31.27 17.18 -26.32
C HIS A 85 29.73 17.32 -26.41
N PRO A 86 29.09 16.68 -27.41
CA PRO A 86 27.62 16.67 -27.43
C PRO A 86 27.03 15.55 -26.60
N ASP A 87 27.84 14.94 -25.72
CA ASP A 87 27.47 13.75 -24.98
C ASP A 87 27.18 12.59 -25.93
N ASN A 88 28.11 12.37 -26.86
CA ASN A 88 27.98 11.32 -27.86
C ASN A 88 28.38 9.97 -27.26
N ARG A 89 28.59 8.98 -28.12
CA ARG A 89 28.94 7.64 -27.65
C ARG A 89 30.28 7.62 -26.94
N TRP A 90 31.22 8.47 -27.35
CA TRP A 90 32.55 8.46 -26.75
C TRP A 90 32.49 8.91 -25.29
N TYR A 91 31.72 9.96 -25.01
CA TYR A 91 31.59 10.42 -23.63
C TYR A 91 30.91 9.37 -22.75
N LYS A 92 29.90 8.68 -23.29
CA LYS A 92 29.22 7.66 -22.52
C LYS A 92 30.14 6.50 -22.15
N ALA A 93 31.10 6.17 -23.02
CA ALA A 93 32.09 5.16 -22.67
C ALA A 93 32.97 5.62 -21.51
N TRP A 94 33.36 6.90 -21.52
CA TRP A 94 34.17 7.43 -20.42
C TRP A 94 33.41 7.40 -19.10
N THR A 95 32.13 7.76 -19.12
CA THR A 95 31.33 7.71 -17.90
C THR A 95 31.23 6.29 -17.36
N MET A 96 31.28 5.29 -18.24
CA MET A 96 31.37 3.91 -17.79
C MET A 96 32.77 3.56 -17.32
N PHE A 97 33.79 4.17 -17.93
CA PHE A 97 35.17 3.91 -17.50
C PHE A 97 35.43 4.51 -16.12
N ILE A 98 35.02 5.75 -15.90
CA ILE A 98 35.22 6.39 -14.60
C ILE A 98 34.34 5.73 -13.56
N LEU A 99 33.19 5.19 -13.96
CA LEU A 99 32.33 4.46 -13.03
C LEU A 99 33.05 3.24 -12.46
N ILE A 100 33.83 2.54 -13.29
CA ILE A 100 34.66 1.46 -12.76
C ILE A 100 35.70 2.01 -11.79
N TRP A 101 36.33 3.14 -12.15
CA TRP A 101 37.27 3.78 -11.23
C TRP A 101 36.57 4.30 -9.99
N ALA A 102 35.34 4.80 -10.13
CA ALA A 102 34.59 5.26 -8.97
C ALA A 102 34.30 4.12 -8.01
N LEU A 103 33.96 2.94 -8.55
CA LEU A 103 33.76 1.77 -7.69
C LEU A 103 35.04 1.39 -6.97
N TYR A 104 36.17 1.43 -7.67
CA TYR A 104 37.45 1.12 -7.03
C TYR A 104 37.82 2.19 -6.00
N SER A 105 37.76 3.47 -6.41
CA SER A 105 38.23 4.53 -5.52
C SER A 105 37.35 4.69 -4.30
N SER A 106 36.04 4.42 -4.43
CA SER A 106 35.17 4.50 -3.27
C SER A 106 35.37 3.31 -2.33
N PHE A 107 35.65 2.12 -2.88
CA PHE A 107 35.88 0.96 -2.03
C PHE A 107 37.29 0.96 -1.43
N PHE A 108 38.28 1.38 -2.21
CA PHE A 108 39.67 1.27 -1.77
C PHE A 108 40.05 2.35 -0.76
N THR A 109 39.42 3.52 -0.82
CA THR A 109 39.80 4.61 0.06
C THR A 109 39.60 4.29 1.54
N PRO A 110 38.45 3.79 2.00
CA PRO A 110 38.37 3.40 3.41
C PRO A 110 39.35 2.31 3.79
N LEU A 111 39.59 1.36 2.89
CA LEU A 111 40.62 0.35 3.14
C LEU A 111 41.99 0.98 3.24
N GLU A 112 42.27 1.96 2.37
CA GLU A 112 43.52 2.70 2.47
C GLU A 112 43.57 3.55 3.73
N PHE A 113 42.44 4.15 4.10
CA PHE A 113 42.42 5.04 5.27
C PHE A 113 42.63 4.26 6.56
N GLY A 114 41.87 3.19 6.75
CA GLY A 114 41.89 2.47 8.02
C GLY A 114 43.01 1.47 8.17
N PHE A 115 43.20 0.62 7.16
CA PHE A 115 44.14 -0.49 7.25
C PHE A 115 45.55 -0.15 6.79
N PHE A 116 45.81 1.09 6.39
CA PHE A 116 47.11 1.48 5.86
C PHE A 116 47.48 2.86 6.37
N ARG A 117 48.61 2.95 7.07
CA ARG A 117 49.18 4.26 7.37
C ARG A 117 49.72 4.90 6.10
N GLY A 118 50.51 4.14 5.34
CA GLY A 118 50.97 4.58 4.05
C GLY A 118 51.04 3.40 3.09
N LEU A 119 50.61 3.64 1.87
CA LEU A 119 50.53 2.56 0.89
C LEU A 119 51.92 2.04 0.56
N PRO A 120 52.11 0.72 0.47
CA PRO A 120 53.41 0.19 0.04
C PRO A 120 53.72 0.56 -1.40
N GLU A 121 54.98 0.32 -1.78
CA GLU A 121 55.42 0.67 -3.13
C GLU A 121 54.66 -0.11 -4.20
N ASN A 122 54.09 -1.27 -3.86
CA ASN A 122 53.30 -2.01 -4.83
C ASN A 122 52.06 -1.24 -5.24
N LEU A 123 51.40 -0.60 -4.27
CA LEU A 123 50.17 0.14 -4.54
C LEU A 123 50.41 1.59 -4.89
N PHE A 124 51.67 2.03 -4.97
CA PHE A 124 51.97 3.40 -5.39
C PHE A 124 51.50 3.64 -6.82
N ILE A 125 51.77 2.71 -7.73
CA ILE A 125 51.38 2.88 -9.13
C ILE A 125 49.87 2.84 -9.27
N LEU A 126 49.20 1.98 -8.50
CA LEU A 126 47.76 1.80 -8.66
C LEU A 126 47.00 3.08 -8.36
N ASP A 127 47.39 3.80 -7.30
CA ASP A 127 46.72 5.06 -6.98
C ASP A 127 47.05 6.16 -7.97
N ILE A 128 48.27 6.15 -8.53
CA ILE A 128 48.63 7.16 -9.53
C ILE A 128 47.72 7.06 -10.73
N ALA A 129 47.45 5.85 -11.20
CA ALA A 129 46.53 5.66 -12.32
C ALA A 129 45.11 6.11 -11.94
N GLY A 130 44.70 5.84 -10.70
CA GLY A 130 43.37 6.22 -10.28
C GLY A 130 43.15 7.72 -10.27
N GLN A 131 44.12 8.46 -9.71
CA GLN A 131 44.00 9.91 -9.67
C GLN A 131 44.12 10.52 -11.07
N ILE A 132 44.99 9.96 -11.90
CA ILE A 132 45.13 10.45 -13.27
C ILE A 132 43.84 10.24 -14.05
N ALA A 133 43.19 9.08 -13.87
CA ALA A 133 41.94 8.82 -14.55
C ALA A 133 40.86 9.82 -14.14
N PHE A 134 40.80 10.16 -12.86
CA PHE A 134 39.87 11.18 -12.40
C PHE A 134 40.34 12.59 -12.77
N LEU A 135 41.65 12.80 -12.88
CA LEU A 135 42.16 14.09 -13.32
C LEU A 135 41.75 14.38 -14.76
N VAL A 136 41.79 13.36 -15.63
CA VAL A 136 41.34 13.52 -17.00
C VAL A 136 39.84 13.82 -17.02
N ASP A 137 39.08 13.23 -16.11
CA ASP A 137 37.65 13.51 -16.03
C ASP A 137 37.38 14.97 -15.71
N ILE A 138 38.28 15.61 -14.94
CA ILE A 138 38.11 17.03 -14.64
C ILE A 138 38.22 17.85 -15.91
N VAL A 139 39.20 17.53 -16.76
CA VAL A 139 39.36 18.26 -18.03
C VAL A 139 38.20 17.94 -18.97
N LEU A 140 37.79 16.67 -19.03
CA LEU A 140 36.71 16.28 -19.92
C LEU A 140 35.40 16.96 -19.54
N THR A 141 35.13 17.09 -18.25
CA THR A 141 33.92 17.76 -17.80
C THR A 141 33.90 19.23 -18.25
N PHE A 142 35.06 19.89 -18.30
CA PHE A 142 35.14 21.22 -18.87
C PHE A 142 34.74 21.25 -20.34
N PHE A 143 34.74 20.10 -21.02
CA PHE A 143 34.37 20.01 -22.42
C PHE A 143 33.01 19.37 -22.65
N VAL A 144 32.46 18.75 -21.59
CA VAL A 144 31.12 18.12 -21.67
C VAL A 144 30.07 19.19 -21.93
N ALA A 145 28.88 18.77 -22.32
CA ALA A 145 27.78 19.70 -22.54
C ALA A 145 27.20 20.19 -21.21
N TYR A 146 26.21 21.07 -21.31
CA TYR A 146 25.61 21.72 -20.15
C TYR A 146 24.10 21.48 -20.21
N ARG A 147 23.57 20.79 -19.20
CA ARG A 147 22.15 20.49 -19.10
C ARG A 147 21.56 21.36 -18.00
N ASP A 148 20.72 22.31 -18.39
CA ASP A 148 20.05 23.21 -17.45
C ASP A 148 18.57 22.84 -17.37
N SER A 149 18.06 22.72 -16.14
CA SER A 149 16.72 22.18 -15.94
C SER A 149 15.64 23.09 -16.51
N ARG A 150 15.76 24.40 -16.28
CA ARG A 150 14.66 25.31 -16.64
C ARG A 150 14.44 25.37 -18.14
N THR A 151 15.52 25.39 -18.93
CA THR A 151 15.39 25.62 -20.36
C THR A 151 15.43 24.33 -21.19
N TYR A 152 15.92 23.23 -20.63
CA TYR A 152 15.92 21.93 -21.30
C TYR A 152 16.62 21.99 -22.65
N ARG A 153 17.86 22.47 -22.67
CA ARG A 153 18.64 22.55 -23.89
C ARG A 153 20.09 22.18 -23.64
N MET A 154 20.76 21.77 -24.71
CA MET A 154 22.19 21.50 -24.69
C MET A 154 22.91 22.74 -25.21
N ILE A 155 23.47 23.53 -24.31
CA ILE A 155 24.17 24.76 -24.67
C ILE A 155 25.65 24.46 -24.78
N TYR A 156 26.26 24.83 -25.91
CA TYR A 156 27.62 24.47 -26.24
C TYR A 156 28.63 25.57 -25.97
N LYS A 157 28.20 26.71 -25.44
CA LYS A 157 29.13 27.81 -25.18
C LYS A 157 30.08 27.44 -24.06
N ARG A 158 31.38 27.60 -24.29
CA ARG A 158 32.39 27.15 -23.34
C ARG A 158 32.31 27.96 -22.04
N SER A 159 32.11 29.26 -22.15
CA SER A 159 32.13 30.12 -20.96
C SER A 159 31.05 29.72 -19.96
N SER A 160 29.85 29.42 -20.43
CA SER A 160 28.80 28.96 -19.54
C SER A 160 29.08 27.54 -19.04
N ILE A 161 29.78 26.74 -19.83
CA ILE A 161 30.03 25.35 -19.48
C ILE A 161 30.98 25.25 -18.29
N ALA A 162 32.06 26.04 -18.32
CA ALA A 162 33.05 25.98 -17.21
C ALA A 162 32.44 26.62 -15.96
N LEU A 163 31.64 27.66 -16.13
CA LEU A 163 31.07 28.38 -14.96
C LEU A 163 30.27 27.40 -14.09
N ARG A 164 29.40 26.59 -14.71
CA ARG A 164 28.54 25.71 -13.93
C ARG A 164 29.36 24.76 -13.05
N TYR A 165 30.39 24.15 -13.62
CA TYR A 165 31.15 23.14 -12.88
C TYR A 165 31.88 23.76 -11.69
N LEU A 166 32.44 24.95 -11.87
CA LEU A 166 33.26 25.54 -10.80
C LEU A 166 32.45 25.75 -9.53
N LYS A 167 31.21 26.23 -9.66
CA LYS A 167 30.36 26.37 -8.48
C LYS A 167 29.82 25.04 -8.01
N SER A 168 29.63 24.09 -8.93
CA SER A 168 28.98 22.82 -8.63
C SER A 168 30.02 21.73 -8.45
N THR A 169 30.53 21.62 -7.21
CA THR A 169 31.38 20.51 -6.79
C THR A 169 32.61 20.33 -7.69
N PHE A 170 33.31 21.43 -7.96
CA PHE A 170 34.59 21.32 -8.64
C PHE A 170 35.75 21.29 -7.65
N ILE A 171 35.61 22.00 -6.53
CA ILE A 171 36.65 21.98 -5.49
C ILE A 171 36.79 20.57 -4.91
N ILE A 172 35.65 19.91 -4.66
CA ILE A 172 35.69 18.56 -4.11
C ILE A 172 36.38 17.61 -5.07
N ASP A 173 36.09 17.72 -6.36
CA ASP A 173 36.75 16.87 -7.35
C ASP A 173 38.25 17.11 -7.38
N LEU A 174 38.67 18.38 -7.33
CA LEU A 174 40.10 18.68 -7.25
C LEU A 174 40.68 18.20 -5.93
N LEU A 175 39.96 18.40 -4.82
CA LEU A 175 40.45 17.98 -3.52
C LEU A 175 40.61 16.47 -3.46
N ALA A 176 39.65 15.72 -4.01
CA ALA A 176 39.78 14.26 -4.02
C ALA A 176 40.87 13.79 -4.96
N CYS A 177 41.20 14.60 -5.98
CA CYS A 177 42.25 14.24 -6.93
C CYS A 177 43.65 14.53 -6.43
N MET A 178 43.79 15.31 -5.36
CA MET A 178 45.11 15.64 -4.86
C MET A 178 45.78 14.41 -4.25
N PRO A 179 47.10 14.29 -4.38
CA PRO A 179 47.78 13.11 -3.83
C PRO A 179 47.93 13.16 -2.32
N TRP A 180 46.87 12.80 -1.59
CA TRP A 180 46.92 12.85 -0.14
C TRP A 180 47.85 11.81 0.45
N ASP A 181 48.17 10.75 -0.29
CA ASP A 181 49.18 9.80 0.16
C ASP A 181 50.56 10.45 0.16
N ILE A 182 50.93 11.09 -0.96
CA ILE A 182 52.25 11.67 -1.08
C ILE A 182 52.43 12.83 -0.11
N ILE A 183 51.37 13.63 0.08
CA ILE A 183 51.43 14.73 1.04
C ILE A 183 51.59 14.18 2.45
N TYR A 184 50.93 13.06 2.75
CA TYR A 184 51.01 12.47 4.08
C TYR A 184 52.45 12.10 4.44
N LYS A 185 53.14 11.40 3.52
CA LYS A 185 54.55 11.07 3.77
C LYS A 185 55.42 12.32 3.73
N ALA A 186 55.16 13.23 2.80
CA ALA A 186 55.98 14.43 2.69
C ALA A 186 55.86 15.32 3.92
N ALA A 187 54.65 15.45 4.47
CA ALA A 187 54.45 16.33 5.61
C ALA A 187 55.10 15.81 6.88
N GLY A 188 55.46 14.52 6.92
CA GLY A 188 56.09 13.97 8.10
C GLY A 188 55.26 12.90 8.78
N GLU A 189 54.47 12.17 7.99
CA GLU A 189 53.60 11.10 8.49
C GLU A 189 52.64 11.63 9.55
N LYS A 190 52.01 12.76 9.25
CA LYS A 190 51.06 13.39 10.15
C LYS A 190 49.66 12.87 9.86
N GLU A 191 49.03 12.28 10.86
CA GLU A 191 47.76 11.57 10.67
C GLU A 191 46.58 12.50 10.42
N GLU A 192 46.66 13.78 10.82
CA GLU A 192 45.56 14.70 10.56
C GLU A 192 45.44 15.00 9.07
N VAL A 193 46.56 14.95 8.33
CA VAL A 193 46.48 15.09 6.88
C VAL A 193 45.77 13.89 6.27
N ARG A 194 45.99 12.69 6.82
CA ARG A 194 45.39 11.48 6.28
C ARG A 194 43.89 11.42 6.49
N TYR A 195 43.34 12.24 7.40
CA TYR A 195 41.88 12.33 7.51
C TYR A 195 41.25 12.92 6.27
N LEU A 196 42.03 13.59 5.43
CA LEU A 196 41.52 14.21 4.22
C LEU A 196 41.42 13.25 3.05
N LEU A 197 41.79 11.98 3.26
CA LEU A 197 41.53 10.97 2.24
C LEU A 197 40.06 10.64 2.12
N LEU A 198 39.27 10.92 3.15
CA LEU A 198 37.86 10.55 3.19
C LEU A 198 36.99 11.40 2.28
N ILE A 199 37.51 12.49 1.71
CA ILE A 199 36.76 13.25 0.72
C ILE A 199 36.64 12.50 -0.60
N ARG A 200 37.43 11.44 -0.80
CA ARG A 200 37.27 10.55 -1.94
C ARG A 200 36.05 9.66 -1.81
N LEU A 201 35.40 9.64 -0.65
CA LEU A 201 34.13 8.95 -0.48
C LEU A 201 33.01 9.62 -1.26
N TYR A 202 33.20 10.86 -1.72
CA TYR A 202 32.23 11.49 -2.60
C TYR A 202 32.13 10.76 -3.94
N ARG A 203 33.17 10.01 -4.31
CA ARG A 203 33.18 9.29 -5.58
C ARG A 203 32.17 8.15 -5.61
N VAL A 204 31.62 7.74 -4.46
CA VAL A 204 30.56 6.74 -4.49
C VAL A 204 29.24 7.32 -4.97
N HIS A 205 29.07 8.64 -4.87
CA HIS A 205 27.90 9.29 -5.43
C HIS A 205 27.86 9.18 -6.95
N ARG A 206 29.02 9.05 -7.58
CA ARG A 206 29.06 8.82 -9.02
C ARG A 206 28.41 7.49 -9.36
N VAL A 207 28.66 6.46 -8.56
CA VAL A 207 27.99 5.18 -8.74
C VAL A 207 26.50 5.31 -8.45
N ILE A 208 26.14 6.14 -7.46
CA ILE A 208 24.73 6.35 -7.14
C ILE A 208 24.01 6.98 -8.31
N LEU A 209 24.67 7.90 -9.01
CA LEU A 209 24.07 8.50 -10.20
C LEU A 209 23.80 7.45 -11.27
N PHE A 210 24.72 6.50 -11.45
CA PHE A 210 24.49 5.43 -12.42
C PHE A 210 23.31 4.56 -12.02
N PHE A 211 23.10 4.35 -10.71
CA PHE A 211 21.92 3.62 -10.26
C PHE A 211 20.64 4.42 -10.52
N HIS A 212 20.68 5.73 -10.29
CA HIS A 212 19.52 6.56 -10.59
C HIS A 212 19.22 6.57 -12.08
N LYS A 213 20.27 6.63 -12.92
CA LYS A 213 20.06 6.57 -14.35
C LYS A 213 19.53 5.21 -14.79
N MET A 214 19.93 4.14 -14.10
CA MET A 214 19.39 2.82 -14.41
C MET A 214 17.90 2.75 -14.11
N GLU A 215 17.44 3.44 -13.06
CA GLU A 215 16.02 3.46 -12.75
C GLU A 215 15.22 4.08 -13.87
N LYS A 216 15.81 5.05 -14.58
CA LYS A 216 15.10 5.74 -15.66
C LYS A 216 14.85 4.81 -16.84
N ASP A 217 15.63 3.73 -16.95
CA ASP A 217 15.45 2.79 -18.05
C ASP A 217 14.15 2.00 -17.87
N ILE A 218 13.38 1.92 -18.95
CA ILE A 218 12.09 1.23 -18.89
C ILE A 218 12.29 -0.28 -18.77
N ARG A 219 13.27 -0.82 -19.48
CA ARG A 219 13.45 -2.27 -19.57
C ARG A 219 13.78 -2.92 -18.24
N ILE A 220 14.70 -2.32 -17.48
CA ILE A 220 15.14 -2.90 -16.22
C ILE A 220 14.01 -2.84 -15.19
N ASN A 221 13.76 -3.97 -14.53
CA ASN A 221 12.73 -4.03 -13.51
C ASN A 221 13.02 -3.04 -12.38
N TYR A 222 12.01 -2.26 -12.01
CA TYR A 222 12.22 -1.22 -11.00
C TYR A 222 12.53 -1.84 -9.64
N LEU A 223 11.89 -2.95 -9.29
CA LEU A 223 12.18 -3.60 -8.02
C LEU A 223 13.62 -4.09 -7.97
N PHE A 224 14.13 -4.57 -9.10
CA PHE A 224 15.51 -5.06 -9.15
C PHE A 224 16.51 -3.93 -8.93
N THR A 225 16.35 -2.82 -9.65
CA THR A 225 17.31 -1.73 -9.56
C THR A 225 17.19 -0.94 -8.27
N ARG A 226 16.05 -1.02 -7.57
CA ARG A 226 15.89 -0.38 -6.27
C ARG A 226 16.30 -1.32 -5.14
N ILE A 227 16.58 -2.58 -5.44
CA ILE A 227 17.16 -3.50 -4.48
C ILE A 227 18.68 -3.49 -4.54
N VAL A 228 19.23 -3.53 -5.76
CA VAL A 228 20.68 -3.47 -5.93
C VAL A 228 21.22 -2.12 -5.45
N LYS A 229 20.47 -1.04 -5.70
CA LYS A 229 20.90 0.28 -5.25
C LYS A 229 20.96 0.37 -3.73
N LEU A 230 19.99 -0.22 -3.03
CA LEU A 230 19.97 -0.20 -1.58
C LEU A 230 20.73 -1.37 -0.96
N ILE A 231 21.18 -2.33 -1.77
CA ILE A 231 22.09 -3.37 -1.32
C ILE A 231 23.53 -2.99 -1.59
N PHE A 232 23.76 -1.99 -2.43
CA PHE A 232 25.08 -1.39 -2.59
C PHE A 232 25.34 -0.27 -1.60
N VAL A 233 24.32 0.53 -1.27
CA VAL A 233 24.46 1.53 -0.22
C VAL A 233 24.69 0.85 1.12
N GLU A 234 23.94 -0.21 1.41
CA GLU A 234 24.18 -1.00 2.62
C GLU A 234 25.56 -1.63 2.59
N LEU A 235 25.96 -2.19 1.45
CA LEU A 235 27.29 -2.79 1.33
C LEU A 235 28.38 -1.74 1.48
N TYR A 236 28.20 -0.58 0.86
CA TYR A 236 29.22 0.46 0.95
C TYR A 236 29.31 1.02 2.36
N CYS A 237 28.16 1.32 2.98
CA CYS A 237 28.18 1.81 4.36
C CYS A 237 28.71 0.77 5.33
N THR A 238 28.55 -0.51 5.01
CA THR A 238 29.15 -1.58 5.79
C THR A 238 30.66 -1.69 5.56
N HIS A 239 31.09 -1.55 4.30
CA HIS A 239 32.52 -1.55 4.01
C HIS A 239 33.22 -0.36 4.66
N THR A 240 32.59 0.82 4.61
CA THR A 240 33.18 1.98 5.26
C THR A 240 33.24 1.80 6.77
N ALA A 241 32.15 1.33 7.37
CA ALA A 241 32.12 1.12 8.82
C ALA A 241 33.14 0.05 9.24
N ALA A 242 33.34 -0.96 8.40
CA ALA A 242 34.35 -1.97 8.71
C ALA A 242 35.76 -1.38 8.71
N CYS A 243 36.00 -0.39 7.85
CA CYS A 243 37.33 0.21 7.75
C CYS A 243 37.57 1.31 8.78
N ILE A 244 36.51 1.98 9.25
CA ILE A 244 36.67 2.96 10.32
C ILE A 244 36.71 2.30 11.69
N PHE A 245 36.02 1.18 11.88
CA PHE A 245 36.12 0.46 13.15
C PHE A 245 37.53 -0.06 13.39
N TYR A 246 38.18 -0.57 12.33
CA TYR A 246 39.57 -0.97 12.47
C TYR A 246 40.48 0.22 12.74
N TYR A 247 40.19 1.38 12.13
CA TYR A 247 41.01 2.55 12.37
C TYR A 247 40.95 2.97 13.83
N LEU A 248 39.75 2.93 14.43
CA LEU A 248 39.61 3.27 15.84
C LEU A 248 40.38 2.34 16.76
N ALA A 249 40.66 1.11 16.32
CA ALA A 249 41.55 0.21 17.05
C ALA A 249 43.01 0.58 16.90
N THR A 250 43.39 1.19 15.78
CA THR A 250 44.77 1.63 15.57
C THR A 250 45.04 3.02 16.14
N THR A 251 44.00 3.72 16.59
CA THR A 251 44.21 5.04 17.21
C THR A 251 44.93 4.94 18.54
N LEU A 252 44.94 3.77 19.16
CA LEU A 252 45.68 3.53 20.40
C LEU A 252 47.07 3.00 20.08
N PRO A 253 48.04 3.21 20.97
CA PRO A 253 49.36 2.57 20.78
C PRO A 253 49.24 1.06 20.91
N ALA A 254 50.23 0.36 20.33
CA ALA A 254 50.22 -1.09 20.35
C ALA A 254 50.32 -1.67 21.76
N SER A 255 50.74 -0.87 22.74
CA SER A 255 50.81 -1.36 24.11
C SER A 255 49.42 -1.53 24.72
N GLN A 256 48.44 -0.80 24.21
CA GLN A 256 47.06 -0.88 24.68
C GLN A 256 46.18 -1.67 23.71
N GLU A 257 46.74 -2.73 23.13
CA GLU A 257 45.97 -3.57 22.22
C GLU A 257 44.81 -4.26 22.93
N GLY A 258 44.95 -4.54 24.22
CA GLY A 258 43.92 -5.25 24.95
C GLY A 258 42.65 -4.46 25.16
N TYR A 259 42.68 -3.15 24.93
CA TYR A 259 41.52 -2.30 25.08
C TYR A 259 40.90 -1.92 23.74
N THR A 260 41.11 -2.74 22.70
CA THR A 260 40.53 -2.52 21.39
C THR A 260 39.53 -3.62 21.09
N TRP A 261 38.78 -3.44 19.99
CA TRP A 261 37.83 -4.45 19.56
C TRP A 261 38.50 -5.63 18.88
N ILE A 262 39.74 -5.48 18.43
CA ILE A 262 40.44 -6.55 17.74
C ILE A 262 41.61 -7.11 18.54
N GLY A 263 42.36 -6.27 19.26
CA GLY A 263 43.47 -6.77 20.03
C GLY A 263 43.05 -7.66 21.19
N SER A 264 41.82 -7.49 21.66
CA SER A 264 41.25 -8.33 22.71
C SER A 264 40.34 -9.40 22.15
N LEU A 265 40.44 -9.70 20.86
CA LEU A 265 39.56 -10.64 20.18
C LEU A 265 40.26 -11.99 20.05
N LYS A 266 39.66 -13.02 20.63
CA LYS A 266 40.09 -14.40 20.46
C LYS A 266 38.93 -15.19 19.89
N LEU A 267 39.14 -15.83 18.75
CA LEU A 267 38.13 -16.63 18.08
C LEU A 267 38.65 -18.05 17.92
N GLY A 268 38.00 -19.00 18.59
CA GLY A 268 38.52 -20.36 18.61
C GLY A 268 39.89 -20.39 19.25
N ASP A 269 40.82 -21.08 18.61
CA ASP A 269 42.20 -21.11 19.08
C ASP A 269 43.01 -19.92 18.58
N TYR A 270 42.49 -19.16 17.62
CA TYR A 270 43.22 -18.01 17.09
C TYR A 270 43.03 -16.80 18.01
N SER A 271 44.14 -16.15 18.35
CA SER A 271 44.13 -14.96 19.18
C SER A 271 44.72 -13.81 18.39
N TYR A 272 43.99 -12.70 18.31
CA TYR A 272 44.47 -11.48 17.63
C TYR A 272 45.33 -10.66 18.60
N SER A 273 46.38 -11.31 19.11
CA SER A 273 47.22 -10.69 20.13
C SER A 273 47.90 -9.43 19.60
N LYS A 274 48.59 -9.55 18.45
CA LYS A 274 49.22 -8.42 17.79
C LYS A 274 48.56 -8.29 16.42
N PHE A 275 47.47 -7.52 16.38
CA PHE A 275 46.64 -7.47 15.18
C PHE A 275 47.31 -6.70 14.05
N ARG A 276 48.27 -5.83 14.35
CA ARG A 276 48.92 -5.06 13.29
C ARG A 276 49.88 -5.90 12.47
N GLU A 277 50.34 -7.03 13.02
CA GLU A 277 51.24 -7.92 12.28
C GLU A 277 50.51 -8.98 11.47
N ILE A 278 49.19 -9.12 11.64
CA ILE A 278 48.43 -10.08 10.85
C ILE A 278 48.31 -9.56 9.41
N ASP A 279 48.16 -10.49 8.47
CA ASP A 279 48.00 -10.11 7.08
C ASP A 279 46.71 -9.30 6.88
N LEU A 280 46.70 -8.51 5.80
CA LEU A 280 45.64 -7.52 5.61
C LEU A 280 44.27 -8.18 5.48
N TRP A 281 44.16 -9.29 4.74
CA TRP A 281 42.85 -9.83 4.43
C TRP A 281 42.24 -10.55 5.62
N THR A 282 43.03 -10.92 6.62
CA THR A 282 42.44 -11.42 7.87
C THR A 282 41.87 -10.27 8.68
N ARG A 283 42.57 -9.14 8.72
CA ARG A 283 42.06 -7.98 9.44
C ARG A 283 40.80 -7.43 8.78
N TYR A 284 40.79 -7.35 7.45
CA TYR A 284 39.62 -6.82 6.76
C TYR A 284 38.42 -7.76 6.89
N THR A 285 38.64 -9.06 6.69
CA THR A 285 37.54 -10.01 6.82
C THR A 285 36.96 -10.00 8.23
N THR A 286 37.83 -9.94 9.25
CA THR A 286 37.34 -9.84 10.62
C THR A 286 36.56 -8.55 10.84
N SER A 287 37.06 -7.43 10.31
CA SER A 287 36.36 -6.17 10.44
C SER A 287 35.07 -6.17 9.62
N MET A 288 35.13 -6.70 8.38
CA MET A 288 33.95 -6.70 7.52
C MET A 288 32.91 -7.67 8.05
N TYR A 289 33.36 -8.78 8.67
CA TYR A 289 32.44 -9.72 9.31
C TYR A 289 31.67 -9.05 10.44
N PHE A 290 32.37 -8.25 11.25
CA PHE A 290 31.69 -7.53 12.34
C PHE A 290 30.68 -6.54 11.77
N ALA A 291 31.06 -5.81 10.73
CA ALA A 291 30.18 -4.78 10.19
C ALA A 291 28.96 -5.39 9.50
N VAL A 292 29.15 -6.50 8.76
CA VAL A 292 28.02 -7.17 8.13
C VAL A 292 27.07 -7.73 9.17
N VAL A 293 27.63 -8.37 10.21
CA VAL A 293 26.80 -8.93 11.28
C VAL A 293 26.02 -7.82 11.98
N THR A 294 26.68 -6.69 12.22
CA THR A 294 25.98 -5.52 12.76
C THR A 294 24.97 -4.96 11.76
N MET A 295 25.31 -5.00 10.47
CA MET A 295 24.45 -4.41 9.45
C MET A 295 23.09 -5.11 9.40
N ALA A 296 23.07 -6.43 9.48
CA ALA A 296 21.83 -7.19 9.47
C ALA A 296 21.24 -7.37 10.86
N THR A 297 21.83 -6.75 11.88
CA THR A 297 21.38 -6.83 13.26
C THR A 297 21.38 -8.26 13.78
N VAL A 298 22.23 -9.11 13.22
CA VAL A 298 22.41 -10.45 13.76
C VAL A 298 23.07 -10.39 15.13
N GLY A 299 24.16 -9.63 15.23
CA GLY A 299 24.83 -9.39 16.50
C GLY A 299 25.25 -10.62 17.26
N TYR A 300 26.22 -11.37 16.74
CA TYR A 300 26.72 -12.54 17.47
C TYR A 300 27.31 -12.13 18.81
N GLY A 301 28.10 -11.08 18.83
CA GLY A 301 28.78 -10.64 20.04
C GLY A 301 30.17 -11.20 20.23
N ASP A 302 30.62 -12.09 19.36
CA ASP A 302 32.01 -12.52 19.41
C ASP A 302 32.95 -11.35 19.15
N ILE A 303 32.59 -10.51 18.20
CA ILE A 303 33.29 -9.26 17.91
C ILE A 303 32.38 -8.12 18.32
N HIS A 304 32.85 -7.25 19.22
CA HIS A 304 32.04 -6.15 19.71
C HIS A 304 32.97 -4.99 20.07
N ALA A 305 32.36 -3.84 20.34
CA ALA A 305 33.09 -2.63 20.67
C ALA A 305 33.58 -2.71 22.11
N VAL A 306 34.88 -2.47 22.30
CA VAL A 306 35.47 -2.50 23.63
C VAL A 306 35.82 -1.10 24.11
N ASN A 307 36.47 -0.30 23.26
CA ASN A 307 36.88 1.04 23.63
C ASN A 307 35.68 1.98 23.73
N MET A 308 35.93 3.17 24.28
CA MET A 308 34.95 4.23 24.24
C MET A 308 34.82 4.84 22.85
N ARG A 309 35.93 4.89 22.10
CA ARG A 309 35.87 5.33 20.71
C ARG A 309 35.03 4.37 19.87
N GLU A 310 35.24 3.06 20.05
CA GLU A 310 34.51 2.08 19.26
C GLU A 310 33.04 2.02 19.65
N MET A 311 32.73 2.21 20.93
CA MET A 311 31.34 2.24 21.36
C MET A 311 30.59 3.41 20.72
N ILE A 312 31.20 4.60 20.72
CA ILE A 312 30.55 5.78 20.18
C ILE A 312 30.25 5.59 18.69
N PHE A 313 31.23 5.08 17.93
CA PHE A 313 31.01 4.84 16.52
C PHE A 313 29.99 3.73 16.31
N ALA A 314 29.99 2.71 17.17
CA ALA A 314 29.01 1.64 17.05
C ALA A 314 27.60 2.17 17.26
N MET A 315 27.41 3.04 18.25
CA MET A 315 26.11 3.69 18.41
C MET A 315 25.76 4.53 17.20
N VAL A 316 26.72 5.27 16.66
CA VAL A 316 26.48 6.09 15.48
C VAL A 316 26.18 5.20 14.27
N TYR A 317 26.97 4.15 14.09
CA TYR A 317 26.77 3.27 12.94
C TYR A 317 25.47 2.48 13.06
N ILE A 318 25.17 1.96 14.25
CA ILE A 318 23.94 1.19 14.45
C ILE A 318 22.72 2.07 14.25
N SER A 319 22.74 3.28 14.81
CA SER A 319 21.61 4.19 14.66
C SER A 319 21.39 4.56 13.19
N PHE A 320 22.48 4.85 12.48
CA PHE A 320 22.37 5.16 11.05
C PHE A 320 21.89 3.94 10.27
N ASP A 321 22.43 2.76 10.58
CA ASP A 321 22.06 1.56 9.83
C ASP A 321 20.63 1.15 10.13
N MET A 322 20.16 1.40 11.35
CA MET A 322 18.77 1.11 11.69
C MET A 322 17.81 1.91 10.81
N ILE A 323 18.10 3.19 10.61
CA ILE A 323 17.30 3.99 9.68
C ILE A 323 17.49 3.48 8.25
N LEU A 324 18.73 3.17 7.87
CA LEU A 324 18.98 2.62 6.54
C LEU A 324 18.37 1.24 6.38
N GLY A 325 18.38 0.42 7.44
CA GLY A 325 17.78 -0.89 7.36
C GLY A 325 16.28 -0.84 7.17
N ALA A 326 15.61 0.10 7.87
CA ALA A 326 14.18 0.27 7.68
C ALA A 326 13.85 0.84 6.31
N TYR A 327 14.78 1.56 5.68
CA TYR A 327 14.56 2.04 4.33
C TYR A 327 14.55 0.90 3.32
N LEU A 328 15.45 -0.07 3.50
CA LEU A 328 15.47 -1.22 2.60
C LEU A 328 14.19 -2.05 2.74
N ILE A 329 13.73 -2.27 3.96
CA ILE A 329 12.48 -2.99 4.17
C ILE A 329 11.32 -2.19 3.61
N GLY A 330 11.32 -0.88 3.84
CA GLY A 330 10.24 -0.04 3.34
C GLY A 330 10.18 0.00 1.83
N ASN A 331 11.33 0.14 1.17
CA ASN A 331 11.37 0.17 -0.28
C ASN A 331 10.93 -1.15 -0.90
N MET A 332 11.41 -2.27 -0.38
CA MET A 332 11.02 -3.59 -0.88
C MET A 332 9.54 -3.87 -0.63
N THR A 333 9.04 -3.46 0.54
CA THR A 333 7.62 -3.61 0.82
C THR A 333 6.77 -2.76 -0.10
N ALA A 334 7.20 -1.52 -0.37
CA ALA A 334 6.43 -0.62 -1.23
C ALA A 334 6.38 -1.10 -2.67
N LEU A 335 7.43 -1.77 -3.14
CA LEU A 335 7.48 -2.27 -4.50
C LEU A 335 6.77 -3.60 -4.67
N ILE A 336 6.37 -4.24 -3.57
CA ILE A 336 5.54 -5.43 -3.63
C ILE A 336 4.05 -5.10 -3.49
N VAL A 337 3.70 -4.14 -2.64
CA VAL A 337 2.32 -3.67 -2.56
C VAL A 337 1.90 -3.06 -3.90
N LYS A 338 2.77 -2.25 -4.50
CA LYS A 338 2.54 -1.72 -5.84
C LYS A 338 2.87 -2.79 -6.88
N GLY A 339 2.04 -3.83 -6.89
CA GLY A 339 2.26 -4.95 -7.76
C GLY A 339 2.00 -4.65 -9.23
N SER A 340 2.36 -5.60 -10.07
CA SER A 340 2.17 -5.45 -11.50
C SER A 340 0.69 -5.44 -11.85
N LYS A 341 0.37 -4.84 -13.01
CA LYS A 341 -1.01 -4.76 -13.46
C LYS A 341 -1.58 -6.15 -13.73
N THR A 342 -0.73 -7.13 -14.04
CA THR A 342 -1.21 -8.49 -14.25
C THR A 342 -1.79 -9.07 -12.97
N GLU A 343 -1.13 -8.82 -11.83
CA GLU A 343 -1.64 -9.32 -10.56
C GLU A 343 -2.91 -8.59 -10.14
N ARG A 344 -3.00 -7.29 -10.44
CA ARG A 344 -4.25 -6.57 -10.18
C ARG A 344 -5.37 -7.14 -11.05
N PHE A 345 -5.07 -7.51 -12.29
CA PHE A 345 -6.05 -8.19 -13.13
C PHE A 345 -6.46 -9.52 -12.51
N ARG A 346 -5.48 -10.28 -12.00
CA ARG A 346 -5.78 -11.58 -11.39
C ARG A 346 -6.69 -11.44 -10.17
N ASP A 347 -6.49 -10.38 -9.38
CA ASP A 347 -7.33 -10.16 -8.21
C ASP A 347 -8.80 -10.03 -8.61
N LYS A 348 -9.09 -9.19 -9.60
CA LYS A 348 -10.44 -9.08 -10.12
C LYS A 348 -10.85 -10.37 -10.82
N MET A 349 -9.93 -10.99 -11.55
CA MET A 349 -10.27 -12.17 -12.34
C MET A 349 -10.65 -13.33 -11.44
N ALA A 350 -9.85 -13.60 -10.41
CA ALA A 350 -10.12 -14.73 -9.53
C ALA A 350 -11.39 -14.50 -8.72
N ASP A 351 -11.67 -13.24 -8.37
CA ASP A 351 -12.88 -12.94 -7.60
C ASP A 351 -14.14 -13.27 -8.38
N ILE A 352 -14.13 -13.08 -9.70
CA ILE A 352 -15.33 -13.34 -10.50
C ILE A 352 -15.61 -14.84 -10.58
N MET A 353 -14.58 -15.67 -10.72
CA MET A 353 -14.79 -17.10 -10.56
C MET A 353 -15.39 -17.44 -9.20
N ARG A 354 -15.01 -16.71 -8.16
CA ARG A 354 -15.65 -16.91 -6.86
C ARG A 354 -17.12 -16.53 -6.89
N TYR A 355 -17.50 -15.65 -7.83
CA TYR A 355 -18.88 -15.17 -7.89
C TYR A 355 -19.79 -16.08 -8.73
N MET A 356 -19.24 -16.88 -9.64
CA MET A 356 -20.04 -17.81 -10.42
C MET A 356 -20.02 -19.23 -9.85
N ASN A 357 -18.86 -19.71 -9.42
CA ASN A 357 -18.74 -21.07 -8.91
C ASN A 357 -19.63 -21.31 -7.69
N ARG A 358 -19.89 -20.27 -6.90
CA ARG A 358 -20.83 -20.38 -5.78
C ARG A 358 -22.28 -20.21 -6.22
N ASN A 359 -22.52 -19.79 -7.46
CA ASN A 359 -23.88 -19.55 -7.96
C ASN A 359 -24.27 -20.49 -9.08
N LYS A 360 -23.37 -20.72 -10.05
CA LYS A 360 -23.72 -21.54 -11.20
C LYS A 360 -22.49 -22.19 -11.83
N LEU A 361 -22.67 -22.77 -13.01
CA LEU A 361 -21.56 -23.36 -13.76
C LEU A 361 -21.76 -23.12 -15.25
N GLY A 362 -20.97 -23.80 -16.08
CA GLY A 362 -21.13 -23.67 -17.52
C GLY A 362 -19.81 -23.59 -18.26
N ARG A 363 -19.68 -24.40 -19.32
CA ARG A 363 -18.43 -24.40 -20.13
C ARG A 363 -18.36 -23.09 -20.90
N ASN A 364 -19.52 -22.48 -21.18
CA ASN A 364 -19.54 -21.26 -22.03
C ASN A 364 -19.57 -20.00 -21.14
N ILE A 365 -20.38 -20.00 -20.09
CA ILE A 365 -20.53 -18.79 -19.23
C ILE A 365 -19.16 -18.46 -18.63
N ARG A 366 -18.52 -19.43 -17.99
CA ARG A 366 -17.19 -19.20 -17.38
C ARG A 366 -16.19 -18.78 -18.47
N GLY A 367 -16.33 -19.33 -19.67
CA GLY A 367 -15.37 -19.03 -20.76
C GLY A 367 -15.70 -17.73 -21.45
N GLN A 368 -16.81 -17.08 -21.07
CA GLN A 368 -17.23 -15.83 -21.75
C GLN A 368 -16.95 -14.62 -20.84
N ILE A 369 -17.09 -14.81 -19.52
CA ILE A 369 -16.72 -13.70 -18.57
C ILE A 369 -15.19 -13.53 -18.60
N THR A 370 -14.46 -14.60 -18.89
CA THR A 370 -12.99 -14.49 -19.02
C THR A 370 -12.72 -13.59 -20.23
N GLY A 371 -13.42 -13.85 -21.32
CA GLY A 371 -13.29 -12.98 -22.49
C GLY A 371 -13.58 -11.55 -22.09
N HIS A 372 -14.63 -11.34 -21.28
CA HIS A 372 -15.03 -9.96 -20.89
C HIS A 372 -13.94 -9.27 -20.05
N LEU A 373 -13.28 -10.03 -19.16
CA LEU A 373 -12.19 -9.44 -18.35
C LEU A 373 -10.95 -9.18 -19.21
N ARG A 374 -10.72 -10.02 -20.23
CA ARG A 374 -9.57 -9.75 -21.14
C ARG A 374 -9.92 -8.54 -22.01
N LEU A 375 -11.22 -8.25 -22.18
CA LEU A 375 -11.67 -7.06 -22.93
C LEU A 375 -11.48 -5.84 -22.03
N GLN A 376 -11.63 -6.03 -20.71
CA GLN A 376 -11.34 -4.91 -19.79
C GLN A 376 -9.81 -4.67 -19.84
N TYR A 377 -9.04 -5.74 -20.01
CA TYR A 377 -7.58 -5.50 -20.16
C TYR A 377 -7.28 -4.77 -21.47
N GLU A 378 -8.06 -5.04 -22.52
CA GLU A 378 -7.91 -4.34 -23.82
C GLU A 378 -8.32 -2.87 -23.67
N SER A 379 -9.24 -2.58 -22.75
CA SER A 379 -9.64 -1.18 -22.46
C SER A 379 -8.55 -0.48 -21.64
N SER A 380 -7.81 -1.24 -20.82
CA SER A 380 -6.65 -0.63 -20.11
C SER A 380 -5.80 0.11 -21.14
N TYR A 381 -5.96 -0.20 -22.43
CA TYR A 381 -5.27 0.45 -23.58
C TYR A 381 -5.94 1.81 -23.87
N THR A 382 -7.28 1.81 -23.96
CA THR A 382 -7.96 3.08 -24.31
C THR A 382 -7.75 4.13 -23.21
N GLU A 383 -7.50 3.71 -21.96
CA GLU A 383 -7.28 4.60 -20.80
C GLU A 383 -5.93 5.28 -20.99
N ALA A 384 -4.90 4.51 -21.33
CA ALA A 384 -3.63 5.17 -21.69
C ALA A 384 -3.97 6.24 -22.73
N ALA A 385 -4.74 5.82 -23.75
CA ALA A 385 -5.11 6.79 -24.82
C ALA A 385 -5.65 8.07 -24.19
N VAL A 386 -6.76 7.97 -23.44
CA VAL A 386 -7.42 9.15 -22.81
C VAL A 386 -6.40 9.99 -22.05
N LEU A 387 -5.60 9.38 -21.17
CA LEU A 387 -4.54 10.14 -20.46
C LEU A 387 -3.77 10.98 -21.48
N GLN A 388 -2.96 10.36 -22.35
CA GLN A 388 -2.25 11.11 -23.44
C GLN A 388 -1.57 12.41 -23.00
N ASP A 389 -2.24 13.54 -22.67
CA ASP A 389 -1.71 14.80 -22.15
C ASP A 389 -0.57 15.33 -23.00
N ILE A 390 -0.27 14.63 -24.10
CA ILE A 390 0.66 15.11 -25.13
C ILE A 390 -0.01 16.27 -25.84
N PRO A 391 0.73 17.30 -26.26
CA PRO A 391 0.11 18.39 -27.05
C PRO A 391 -0.71 17.87 -28.21
N VAL A 392 -1.84 18.54 -28.47
CA VAL A 392 -2.82 18.10 -29.47
C VAL A 392 -2.19 18.03 -30.85
N SER A 393 -1.17 18.87 -31.09
CA SER A 393 -0.51 18.86 -32.39
C SER A 393 0.12 17.50 -32.67
N ILE A 394 0.80 16.92 -31.68
CA ILE A 394 1.33 15.57 -31.83
C ILE A 394 0.21 14.55 -31.84
N ARG A 395 -0.79 14.73 -30.98
CA ARG A 395 -1.92 13.79 -30.96
C ARG A 395 -2.70 13.82 -32.26
N ALA A 396 -2.77 14.98 -32.92
CA ALA A 396 -3.37 15.04 -34.25
C ALA A 396 -2.55 14.22 -35.24
N LYS A 397 -1.23 14.28 -35.13
CA LYS A 397 -0.37 13.48 -36.00
C LYS A 397 -0.58 11.99 -35.76
N ILE A 398 -0.80 11.60 -34.50
CA ILE A 398 -1.12 10.22 -34.19
C ILE A 398 -2.44 9.82 -34.86
N ALA A 399 -3.44 10.70 -34.77
CA ALA A 399 -4.72 10.42 -35.42
C ALA A 399 -4.57 10.34 -36.93
N GLN A 400 -3.76 11.23 -37.52
CA GLN A 400 -3.57 11.23 -38.96
C GLN A 400 -2.78 10.00 -39.43
N THR A 401 -1.82 9.55 -38.63
CA THR A 401 -0.99 8.43 -39.06
C THR A 401 -1.75 7.12 -39.09
N LEU A 402 -2.65 6.90 -38.12
CA LEU A 402 -3.33 5.62 -37.99
C LEU A 402 -4.66 5.56 -38.75
N TYR A 403 -5.60 6.46 -38.43
CA TYR A 403 -6.97 6.34 -38.88
C TYR A 403 -7.23 6.93 -40.26
N LEU A 404 -6.30 7.71 -40.81
CA LEU A 404 -6.52 8.30 -42.13
C LEU A 404 -6.67 7.26 -43.23
N PRO A 405 -5.83 6.21 -43.33
CA PRO A 405 -6.06 5.21 -44.39
C PRO A 405 -7.41 4.54 -44.30
N TYR A 406 -7.92 4.28 -43.10
CA TYR A 406 -9.21 3.60 -42.95
C TYR A 406 -10.37 4.51 -43.33
N ILE A 407 -10.30 5.78 -42.94
CA ILE A 407 -11.40 6.71 -43.20
C ILE A 407 -11.53 7.00 -44.69
N GLU A 408 -10.39 7.12 -45.40
CA GLU A 408 -10.43 7.46 -46.81
C GLU A 408 -11.08 6.37 -47.66
N LYS A 409 -11.12 5.13 -47.19
CA LYS A 409 -11.65 4.02 -47.97
C LYS A 409 -13.14 3.80 -47.77
N VAL A 410 -13.78 4.52 -46.85
CA VAL A 410 -15.21 4.32 -46.63
C VAL A 410 -16.00 4.89 -47.79
N PRO A 411 -17.07 4.24 -48.24
CA PRO A 411 -17.92 4.85 -49.28
C PRO A 411 -18.63 6.11 -48.82
N LEU A 412 -18.74 6.34 -47.51
CA LEU A 412 -19.47 7.50 -47.00
C LEU A 412 -18.82 8.79 -47.44
N PHE A 413 -17.49 8.87 -47.36
CA PHE A 413 -16.75 10.08 -47.69
C PHE A 413 -16.18 10.06 -49.10
N ARG A 414 -16.86 9.40 -50.03
CA ARG A 414 -16.41 9.40 -51.42
C ARG A 414 -16.56 10.78 -52.02
N GLY A 415 -15.45 11.32 -52.53
CA GLY A 415 -15.44 12.65 -53.12
C GLY A 415 -15.31 13.79 -52.12
N CYS A 416 -15.24 13.49 -50.82
CA CYS A 416 -15.10 14.53 -49.82
C CYS A 416 -13.69 15.11 -49.85
N SER A 417 -13.57 16.37 -49.43
CA SER A 417 -12.27 17.03 -49.39
C SER A 417 -11.38 16.40 -48.33
N SER A 418 -10.08 16.37 -48.62
CA SER A 418 -9.12 15.80 -47.66
C SER A 418 -9.08 16.60 -46.36
N GLU A 419 -9.32 17.92 -46.45
CA GLU A 419 -9.36 18.74 -45.24
C GLU A 419 -10.49 18.31 -44.34
N PHE A 420 -11.67 18.00 -44.91
CA PHE A 420 -12.79 17.54 -44.11
C PHE A 420 -12.47 16.23 -43.42
N ILE A 421 -11.78 15.32 -44.11
CA ILE A 421 -11.34 14.07 -43.49
C ILE A 421 -10.32 14.36 -42.39
N ASN A 422 -9.47 15.37 -42.60
CA ASN A 422 -8.46 15.71 -41.60
C ASN A 422 -9.09 16.15 -40.29
N GLN A 423 -10.17 16.94 -40.37
CA GLN A 423 -10.90 17.28 -39.15
C GLN A 423 -11.71 16.12 -38.61
N ILE A 424 -11.92 15.08 -39.41
CA ILE A 424 -12.65 13.90 -38.95
C ILE A 424 -11.73 12.97 -38.18
N VAL A 425 -10.53 12.71 -38.71
CA VAL A 425 -9.66 11.67 -38.15
C VAL A 425 -9.25 11.99 -36.73
N ILE A 426 -9.32 13.26 -36.33
CA ILE A 426 -8.88 13.66 -35.00
C ILE A 426 -9.82 13.12 -33.92
N ARG A 427 -11.12 13.10 -34.19
CA ARG A 427 -12.14 12.97 -33.14
C ARG A 427 -12.65 11.56 -32.91
N LEU A 428 -12.08 10.55 -33.55
CA LEU A 428 -12.51 9.18 -33.27
C LEU A 428 -11.73 8.59 -32.10
N HIS A 429 -12.41 7.75 -31.32
CA HIS A 429 -11.81 7.00 -30.24
C HIS A 429 -11.97 5.51 -30.52
N GLU A 430 -10.95 4.73 -30.18
CA GLU A 430 -10.90 3.32 -30.52
C GLU A 430 -11.60 2.50 -29.44
N GLU A 431 -12.55 1.67 -29.86
CA GLU A 431 -13.29 0.79 -28.96
C GLU A 431 -13.31 -0.61 -29.56
N PHE A 432 -13.09 -1.61 -28.70
CA PHE A 432 -13.00 -2.99 -29.13
C PHE A 432 -14.24 -3.76 -28.68
N PHE A 433 -14.77 -4.60 -29.56
CA PHE A 433 -15.95 -5.41 -29.29
C PHE A 433 -15.61 -6.88 -29.46
N LEU A 434 -16.00 -7.68 -28.48
CA LEU A 434 -15.77 -9.12 -28.53
C LEU A 434 -16.81 -9.80 -29.44
N PRO A 435 -16.47 -10.95 -30.00
CA PRO A 435 -17.47 -11.71 -30.77
C PRO A 435 -18.65 -12.10 -29.90
N GLY A 436 -19.84 -12.07 -30.49
CA GLY A 436 -21.06 -12.39 -29.79
C GLY A 436 -21.71 -11.23 -29.06
N GLU A 437 -21.02 -10.10 -28.91
CA GLU A 437 -21.61 -8.95 -28.26
C GLU A 437 -22.63 -8.28 -29.17
N VAL A 438 -23.55 -7.54 -28.55
CA VAL A 438 -24.63 -6.86 -29.26
C VAL A 438 -24.28 -5.36 -29.31
N ILE A 439 -24.09 -4.83 -30.50
CA ILE A 439 -23.76 -3.42 -30.65
C ILE A 439 -25.02 -2.58 -30.67
N MET A 440 -26.02 -3.00 -31.45
CA MET A 440 -27.24 -2.22 -31.64
C MET A 440 -28.46 -3.12 -31.53
N GLU A 441 -29.62 -2.49 -31.39
CA GLU A 441 -30.90 -3.18 -31.31
C GLU A 441 -31.89 -2.53 -32.29
N GLN A 442 -33.09 -3.10 -32.37
CA GLN A 442 -34.10 -2.59 -33.28
C GLN A 442 -34.71 -1.30 -32.75
N GLY A 443 -34.69 -0.25 -33.58
CA GLY A 443 -35.36 0.99 -33.27
C GLY A 443 -34.93 1.68 -32.00
N SER A 444 -33.62 1.80 -31.78
CA SER A 444 -33.07 2.43 -30.59
C SER A 444 -32.25 3.64 -31.00
N VAL A 445 -32.43 4.75 -30.28
CA VAL A 445 -31.73 5.99 -30.59
C VAL A 445 -30.23 5.78 -30.45
N VAL A 446 -29.46 6.41 -31.35
CA VAL A 446 -28.02 6.19 -31.46
C VAL A 446 -27.30 7.44 -30.96
N ASP A 447 -26.25 7.22 -30.17
CA ASP A 447 -25.42 8.30 -29.65
C ASP A 447 -23.99 8.26 -30.15
N GLN A 448 -23.64 7.34 -31.05
CA GLN A 448 -22.26 7.19 -31.50
C GLN A 448 -22.23 6.64 -32.92
N LEU A 449 -21.25 7.11 -33.69
CA LEU A 449 -20.99 6.61 -35.04
C LEU A 449 -19.86 5.60 -34.97
N TYR A 450 -19.98 4.54 -35.76
CA TYR A 450 -19.03 3.42 -35.71
C TYR A 450 -18.47 3.14 -37.10
N PHE A 451 -17.16 2.95 -37.16
CA PHE A 451 -16.47 2.51 -38.38
C PHE A 451 -15.74 1.21 -38.09
N VAL A 452 -15.74 0.31 -39.07
CA VAL A 452 -15.19 -1.03 -38.92
C VAL A 452 -13.83 -1.08 -39.63
N CYS A 453 -12.80 -1.46 -38.89
CA CYS A 453 -11.45 -1.60 -39.43
C CYS A 453 -10.94 -3.05 -39.40
N HIS A 454 -11.42 -3.85 -38.44
CA HIS A 454 -10.98 -5.22 -38.28
C HIS A 454 -12.21 -6.06 -37.94
N GLY A 455 -12.31 -7.24 -38.53
CA GLY A 455 -13.35 -8.19 -38.18
C GLY A 455 -14.57 -8.08 -39.06
N VAL A 456 -15.57 -8.89 -38.73
CA VAL A 456 -16.80 -9.02 -39.49
C VAL A 456 -17.98 -8.84 -38.55
N LEU A 457 -18.92 -7.99 -38.93
CA LEU A 457 -20.15 -7.77 -38.18
C LEU A 457 -21.34 -8.29 -38.99
N GLU A 458 -22.48 -8.43 -38.30
CA GLU A 458 -23.71 -8.91 -38.92
C GLU A 458 -24.83 -7.93 -38.62
N GLU A 459 -25.55 -7.52 -39.66
CA GLU A 459 -26.76 -6.72 -39.49
C GLU A 459 -27.96 -7.64 -39.52
N ILE A 460 -28.58 -7.87 -38.36
CA ILE A 460 -29.70 -8.79 -38.23
C ILE A 460 -30.99 -8.00 -38.18
N GLY A 461 -31.92 -8.33 -39.07
CA GLY A 461 -33.20 -7.66 -39.13
C GLY A 461 -34.36 -8.53 -38.67
N GLU A 469 -32.09 -13.01 -39.51
CA GLU A 469 -31.41 -13.08 -40.81
C GLU A 469 -30.42 -11.95 -40.96
N ILE A 470 -29.27 -12.24 -41.57
CA ILE A 470 -28.21 -11.27 -41.74
C ILE A 470 -28.55 -10.41 -42.96
N VAL A 471 -28.86 -9.14 -42.71
CA VAL A 471 -29.18 -8.23 -43.81
C VAL A 471 -27.93 -7.94 -44.64
N ALA A 472 -26.82 -7.67 -43.97
CA ALA A 472 -25.57 -7.36 -44.67
C ALA A 472 -24.39 -7.69 -43.76
N VAL A 473 -23.42 -8.42 -44.31
CA VAL A 473 -22.21 -8.76 -43.57
C VAL A 473 -21.22 -7.62 -43.74
N LEU A 474 -20.72 -7.09 -42.62
CA LEU A 474 -19.88 -5.90 -42.63
C LEU A 474 -18.41 -6.29 -42.74
N GLN A 475 -17.71 -5.66 -43.67
CA GLN A 475 -16.29 -5.82 -43.90
C GLN A 475 -15.52 -4.65 -43.31
N PRO A 476 -14.19 -4.77 -43.22
CA PRO A 476 -13.39 -3.60 -42.82
C PRO A 476 -13.58 -2.43 -43.78
N ASP A 477 -13.47 -1.23 -43.24
CA ASP A 477 -13.69 0.06 -43.92
C ASP A 477 -15.15 0.28 -44.28
N HIS A 478 -16.08 -0.55 -43.78
CA HIS A 478 -17.50 -0.36 -44.02
C HIS A 478 -18.13 0.22 -42.75
N SER A 479 -18.75 1.38 -42.88
CA SER A 479 -19.36 2.06 -41.74
C SER A 479 -20.85 1.77 -41.67
N PHE A 480 -21.39 1.83 -40.45
CA PHE A 480 -22.81 1.63 -40.21
C PHE A 480 -23.29 2.65 -39.20
N GLY A 481 -24.60 2.84 -39.15
CA GLY A 481 -25.20 3.85 -38.29
C GLY A 481 -25.34 5.22 -38.91
N GLU A 482 -24.99 5.38 -40.20
CA GLU A 482 -25.13 6.67 -40.86
C GLU A 482 -26.57 7.11 -40.94
N ILE A 483 -27.51 6.16 -40.99
CA ILE A 483 -28.93 6.50 -41.03
C ILE A 483 -29.34 7.22 -39.76
N SER A 484 -28.86 6.75 -38.61
CA SER A 484 -29.23 7.36 -37.35
C SER A 484 -28.73 8.78 -37.21
N ILE A 485 -27.67 9.13 -37.94
CA ILE A 485 -27.06 10.46 -37.82
C ILE A 485 -27.68 11.43 -38.81
N LEU A 486 -27.54 11.13 -40.10
CA LEU A 486 -27.99 12.07 -41.13
C LEU A 486 -29.50 12.14 -41.19
N CYS A 487 -30.19 11.01 -41.00
CA CYS A 487 -31.64 10.98 -41.10
C CYS A 487 -32.33 11.20 -39.77
N ASN A 488 -31.67 10.85 -38.66
CA ASN A 488 -32.26 10.90 -37.32
C ASN A 488 -33.39 9.87 -37.17
N ILE A 489 -33.23 8.72 -37.83
CA ILE A 489 -34.09 7.56 -37.65
C ILE A 489 -33.24 6.45 -37.02
N PRO A 490 -33.69 5.81 -35.95
CA PRO A 490 -32.88 4.76 -35.33
C PRO A 490 -32.61 3.61 -36.29
N GLN A 491 -31.49 2.93 -36.07
CA GLN A 491 -31.07 1.87 -36.97
C GLN A 491 -32.10 0.75 -36.99
N PRO A 492 -32.66 0.40 -38.16
CA PRO A 492 -33.66 -0.67 -38.20
C PRO A 492 -33.10 -2.05 -37.89
N TYR A 493 -31.79 -2.24 -38.05
CA TYR A 493 -31.17 -3.56 -37.94
C TYR A 493 -30.28 -3.61 -36.71
N THR A 494 -30.41 -4.68 -35.93
CA THR A 494 -29.52 -4.92 -34.80
C THR A 494 -28.14 -5.31 -35.33
N VAL A 495 -27.10 -4.90 -34.62
CA VAL A 495 -25.71 -5.16 -35.00
C VAL A 495 -25.11 -6.13 -34.00
N ARG A 496 -24.57 -7.24 -34.50
CA ARG A 496 -23.96 -8.26 -33.66
C ARG A 496 -22.56 -8.55 -34.17
N VAL A 497 -21.69 -8.98 -33.26
CA VAL A 497 -20.27 -9.16 -33.54
C VAL A 497 -20.02 -10.64 -33.78
N ALA A 498 -19.47 -10.96 -34.95
CA ALA A 498 -19.14 -12.34 -35.28
C ALA A 498 -17.70 -12.68 -34.94
N GLU A 499 -16.77 -11.80 -35.32
CA GLU A 499 -15.35 -11.97 -35.02
C GLU A 499 -14.86 -10.73 -34.28
N LEU A 500 -13.73 -10.88 -33.60
CA LEU A 500 -13.16 -9.76 -32.83
C LEU A 500 -12.92 -8.56 -33.74
N CYS A 501 -13.40 -7.40 -33.30
CA CYS A 501 -13.47 -6.22 -34.16
C CYS A 501 -12.75 -5.04 -33.52
N ARG A 502 -12.02 -4.29 -34.34
CA ARG A 502 -11.46 -3.00 -33.97
C ARG A 502 -12.36 -1.92 -34.58
N ILE A 503 -13.21 -1.33 -33.75
CA ILE A 503 -14.25 -0.41 -34.21
C ILE A 503 -13.88 1.00 -33.76
N LEU A 504 -13.97 1.95 -34.69
CA LEU A 504 -13.69 3.35 -34.42
C LEU A 504 -14.99 4.06 -34.06
N ARG A 505 -14.97 4.80 -32.95
CA ARG A 505 -16.16 5.44 -32.40
C ARG A 505 -16.12 6.94 -32.66
N LEU A 506 -17.22 7.48 -33.19
CA LEU A 506 -17.37 8.90 -33.42
C LEU A 506 -18.64 9.38 -32.73
N ASP A 507 -18.53 10.47 -31.99
CA ASP A 507 -19.66 10.98 -31.21
C ASP A 507 -20.60 11.79 -32.09
N LYS A 508 -21.87 11.85 -31.64
CA LYS A 508 -22.91 12.54 -32.41
C LYS A 508 -22.64 14.04 -32.54
N GLN A 509 -22.70 14.77 -31.42
CA GLN A 509 -22.65 16.23 -31.49
C GLN A 509 -21.35 16.71 -32.12
N SER A 510 -20.29 15.90 -32.03
CA SER A 510 -19.05 16.24 -32.72
C SER A 510 -19.24 16.19 -34.24
N PHE A 511 -20.02 15.24 -34.73
CA PHE A 511 -20.12 15.04 -36.18
C PHE A 511 -20.88 16.16 -36.87
N MET A 512 -22.03 16.55 -36.32
CA MET A 512 -22.78 17.67 -36.91
C MET A 512 -21.99 18.97 -36.86
N ASN A 513 -21.24 19.18 -35.78
CA ASN A 513 -20.44 20.40 -35.69
C ASN A 513 -19.53 20.56 -36.89
N ILE A 514 -18.89 19.46 -37.32
CA ILE A 514 -18.11 19.50 -38.55
C ILE A 514 -19.03 19.65 -39.76
N LEU A 515 -20.21 19.01 -39.73
CA LEU A 515 -21.13 19.07 -40.86
C LEU A 515 -21.62 20.49 -41.13
N GLU A 516 -22.00 21.22 -40.07
CA GLU A 516 -22.47 22.58 -40.28
C GLU A 516 -21.35 23.52 -40.69
N ILE A 517 -20.13 23.29 -40.20
CA ILE A 517 -19.00 24.13 -40.59
C ILE A 517 -18.70 23.95 -42.07
N PHE A 518 -18.62 22.70 -42.51
CA PHE A 518 -18.41 22.37 -43.93
C PHE A 518 -19.74 21.90 -44.48
N PHE A 519 -20.59 22.87 -44.85
CA PHE A 519 -21.90 22.53 -45.40
C PHE A 519 -21.77 21.93 -46.80
N HIS A 520 -20.78 22.40 -47.57
CA HIS A 520 -20.55 21.84 -48.90
C HIS A 520 -20.18 20.37 -48.82
N ASP A 521 -19.33 20.00 -47.85
CA ASP A 521 -18.97 18.61 -47.65
C ASP A 521 -20.16 17.77 -47.20
N GLY A 522 -21.19 18.39 -46.61
CA GLY A 522 -22.37 17.63 -46.23
C GLY A 522 -23.13 17.09 -47.41
N ARG A 523 -23.14 17.83 -48.52
CA ARG A 523 -23.91 17.41 -49.69
C ARG A 523 -23.36 16.11 -50.28
N ARG A 524 -22.04 16.02 -50.45
CA ARG A 524 -21.45 14.82 -51.04
C ARG A 524 -21.66 13.60 -50.14
N ILE A 525 -21.69 13.81 -48.83
CA ILE A 525 -22.01 12.70 -47.92
C ILE A 525 -23.41 12.19 -48.17
N LEU A 526 -24.37 13.10 -48.33
CA LEU A 526 -25.74 12.71 -48.65
C LEU A 526 -25.86 12.17 -50.07
N ASN A 527 -25.11 12.73 -51.02
CA ASN A 527 -25.15 12.22 -52.38
C ASN A 527 -24.63 10.79 -52.47
N ASN A 528 -23.55 10.49 -51.74
CA ASN A 528 -23.04 9.12 -51.69
C ASN A 528 -24.06 8.18 -51.07
N LEU A 529 -24.75 8.64 -50.02
CA LEU A 529 -25.80 7.83 -49.41
C LEU A 529 -26.94 7.58 -50.39
N LEU A 530 -27.28 8.58 -51.20
CA LEU A 530 -28.33 8.41 -52.21
C LEU A 530 -27.94 7.35 -53.24
N GLU A 531 -26.67 7.34 -53.65
CA GLU A 531 -26.22 6.36 -54.64
C GLU A 531 -26.33 4.94 -54.10
N GLY A 532 -25.94 4.74 -52.83
CA GLY A 532 -26.00 3.40 -52.26
C GLY A 532 -27.40 2.92 -51.98
N LYS A 533 -28.35 3.84 -51.80
CA LYS A 533 -29.75 3.54 -51.52
C LYS A 533 -29.80 2.71 -50.23
N GLU A 534 -30.68 1.72 -50.13
CA GLU A 534 -30.80 0.80 -49.00
C GLU A 534 -31.33 1.54 -47.76
N SER A 535 -31.53 2.84 -47.88
CA SER A 535 -32.08 3.66 -46.79
C SER A 535 -33.39 4.31 -47.16
N ASN A 536 -33.45 5.00 -48.29
CA ASN A 536 -34.64 5.69 -48.80
C ASN A 536 -35.14 6.76 -47.84
N VAL A 537 -34.28 7.25 -46.95
CA VAL A 537 -34.61 8.32 -46.02
C VAL A 537 -33.54 9.40 -46.13
N ARG A 538 -33.95 10.65 -45.90
CA ARG A 538 -33.01 11.77 -45.91
C ARG A 538 -33.17 12.63 -44.67
N HIS B 85 0.19 36.62 23.70
CA HIS B 85 -1.26 36.78 23.72
C HIS B 85 -1.92 36.54 22.35
N PRO B 86 -1.50 37.25 21.30
CA PRO B 86 -2.10 37.03 19.97
C PRO B 86 -1.40 35.99 19.11
N ASP B 87 -0.52 35.17 19.69
CA ASP B 87 0.33 34.24 18.93
C ASP B 87 1.18 34.99 17.92
N ASN B 88 1.81 36.07 18.39
CA ASN B 88 2.65 36.91 17.53
C ASN B 88 4.02 36.30 17.34
N ARG B 89 4.94 37.06 16.76
CA ARG B 89 6.31 36.60 16.52
C ARG B 89 7.10 36.38 17.80
N TRP B 90 6.91 37.20 18.83
CA TRP B 90 7.61 36.97 20.09
C TRP B 90 7.18 35.66 20.73
N TYR B 91 5.88 35.39 20.74
CA TYR B 91 5.38 34.13 21.27
C TYR B 91 5.78 32.93 20.40
N LYS B 92 5.94 33.12 19.10
CA LYS B 92 6.46 32.08 18.23
C LYS B 92 7.96 31.88 18.41
N ALA B 93 8.67 32.84 19.01
CA ALA B 93 10.05 32.65 19.41
C ALA B 93 10.18 32.15 20.84
N TRP B 94 9.22 32.51 21.70
CA TRP B 94 9.20 31.94 23.04
C TRP B 94 8.99 30.43 23.00
N THR B 95 8.03 29.97 22.19
CA THR B 95 7.76 28.54 22.07
C THR B 95 8.85 27.86 21.26
N MET B 96 9.72 28.65 20.64
CA MET B 96 10.89 28.11 19.99
C MET B 96 12.11 28.14 20.90
N PHE B 97 12.15 29.03 21.90
CA PHE B 97 13.21 29.03 22.90
C PHE B 97 12.99 28.00 23.99
N ILE B 98 11.75 27.77 24.40
CA ILE B 98 11.46 26.70 25.35
C ILE B 98 11.73 25.34 24.73
N LEU B 99 11.45 25.20 23.42
CA LEU B 99 11.76 23.95 22.74
C LEU B 99 13.25 23.63 22.82
N ILE B 100 14.10 24.66 22.72
CA ILE B 100 15.52 24.48 22.98
C ILE B 100 15.74 24.06 24.43
N TRP B 101 15.03 24.72 25.36
CA TRP B 101 15.13 24.35 26.76
C TRP B 101 14.50 22.99 27.04
N ALA B 102 13.41 22.66 26.33
CA ALA B 102 12.78 21.35 26.53
C ALA B 102 13.68 20.22 26.06
N LEU B 103 14.43 20.44 24.97
CA LEU B 103 15.36 19.42 24.50
C LEU B 103 16.45 19.16 25.52
N TYR B 104 16.94 20.22 26.17
CA TYR B 104 17.94 20.05 27.21
C TYR B 104 17.38 19.30 28.41
N SER B 105 16.23 19.74 28.92
CA SER B 105 15.65 19.14 30.11
C SER B 105 15.07 17.75 29.86
N SER B 106 14.73 17.42 28.61
CA SER B 106 14.28 16.06 28.31
C SER B 106 15.45 15.10 28.27
N PHE B 107 16.61 15.55 27.79
CA PHE B 107 17.77 14.69 27.67
C PHE B 107 18.67 14.72 28.91
N PHE B 108 18.50 15.70 29.80
CA PHE B 108 19.30 15.77 31.01
C PHE B 108 18.62 15.15 32.22
N THR B 109 17.29 15.14 32.24
CA THR B 109 16.58 14.57 33.39
C THR B 109 16.89 13.08 33.58
N PRO B 110 16.81 12.23 32.57
CA PRO B 110 17.27 10.84 32.79
C PRO B 110 18.74 10.76 33.16
N LEU B 111 19.58 11.60 32.58
CA LEU B 111 21.00 11.61 32.93
C LEU B 111 21.20 12.00 34.39
N GLU B 112 20.44 13.00 34.86
CA GLU B 112 20.51 13.38 36.27
C GLU B 112 19.89 12.31 37.16
N PHE B 113 18.80 11.69 36.71
CA PHE B 113 18.13 10.68 37.51
C PHE B 113 18.98 9.42 37.67
N GLY B 114 19.62 8.98 36.60
CA GLY B 114 20.35 7.73 36.63
C GLY B 114 21.74 7.81 37.22
N PHE B 115 22.58 8.67 36.65
CA PHE B 115 24.00 8.72 37.00
C PHE B 115 24.33 9.66 38.15
N PHE B 116 23.33 10.39 38.67
CA PHE B 116 23.58 11.39 39.71
C PHE B 116 22.65 11.14 40.88
N ARG B 117 23.22 10.83 42.04
CA ARG B 117 22.45 10.89 43.29
C ARG B 117 22.13 12.33 43.65
N GLY B 118 23.14 13.20 43.59
CA GLY B 118 22.95 14.62 43.81
C GLY B 118 23.77 15.44 42.85
N LEU B 119 23.18 16.48 42.26
CA LEU B 119 23.89 17.26 41.27
C LEU B 119 25.04 18.02 41.92
N PRO B 120 26.19 18.13 41.24
CA PRO B 120 27.28 18.94 41.76
C PRO B 120 26.92 20.42 41.77
N GLU B 121 27.69 21.20 42.52
CA GLU B 121 27.44 22.62 42.64
C GLU B 121 27.55 23.33 41.29
N ASN B 122 28.41 22.84 40.40
CA ASN B 122 28.59 23.47 39.10
C ASN B 122 27.33 23.38 38.24
N LEU B 123 26.66 22.22 38.23
CA LEU B 123 25.43 22.07 37.45
C LEU B 123 24.21 22.65 38.14
N PHE B 124 24.32 23.11 39.38
CA PHE B 124 23.18 23.71 40.07
C PHE B 124 22.69 24.94 39.33
N ILE B 125 23.61 25.81 38.90
CA ILE B 125 23.22 27.04 38.23
C ILE B 125 22.58 26.74 36.88
N LEU B 126 22.99 25.66 36.21
CA LEU B 126 22.44 25.33 34.90
C LEU B 126 20.99 24.87 35.02
N ASP B 127 20.71 23.96 35.95
CA ASP B 127 19.35 23.43 36.08
C ASP B 127 18.41 24.49 36.65
N ILE B 128 18.88 25.32 37.58
CA ILE B 128 18.02 26.35 38.16
C ILE B 128 17.60 27.36 37.10
N ALA B 129 18.39 27.50 36.03
CA ALA B 129 17.99 28.35 34.92
C ALA B 129 16.86 27.71 34.11
N GLY B 130 16.97 26.41 33.84
CA GLY B 130 15.93 25.73 33.08
C GLY B 130 14.61 25.67 33.82
N GLN B 131 14.67 25.38 35.13
CA GLN B 131 13.44 25.33 35.91
C GLN B 131 12.78 26.70 35.99
N ILE B 132 13.58 27.76 36.12
CA ILE B 132 13.04 29.12 36.10
C ILE B 132 12.45 29.45 34.74
N ALA B 133 13.13 29.03 33.66
CA ALA B 133 12.65 29.30 32.32
C ALA B 133 11.29 28.66 32.08
N PHE B 134 11.11 27.41 32.52
CA PHE B 134 9.81 26.76 32.39
C PHE B 134 8.77 27.35 33.33
N LEU B 135 9.18 28.04 34.39
CA LEU B 135 8.22 28.73 35.24
C LEU B 135 7.63 29.94 34.53
N VAL B 136 8.47 30.66 33.76
CA VAL B 136 7.98 31.80 33.00
C VAL B 136 7.00 31.34 31.93
N ASP B 137 7.28 30.18 31.32
CA ASP B 137 6.36 29.63 30.32
C ASP B 137 4.99 29.35 30.92
N ILE B 138 4.95 28.89 32.17
CA ILE B 138 3.68 28.65 32.85
C ILE B 138 2.90 29.94 32.96
N VAL B 139 3.57 31.03 33.36
CA VAL B 139 2.92 32.33 33.46
C VAL B 139 2.47 32.81 32.08
N LEU B 140 3.33 32.65 31.07
CA LEU B 140 3.00 33.13 29.74
C LEU B 140 1.82 32.37 29.14
N THR B 141 1.65 31.10 29.48
CA THR B 141 0.52 30.33 28.97
C THR B 141 -0.81 30.90 29.46
N PHE B 142 -0.83 31.46 30.66
CA PHE B 142 -2.05 32.10 31.16
C PHE B 142 -2.40 33.33 30.32
N PHE B 143 -1.40 34.03 29.83
CA PHE B 143 -1.61 35.22 29.00
C PHE B 143 -1.66 34.91 27.52
N VAL B 144 -1.46 33.67 27.09
CA VAL B 144 -1.48 33.55 25.60
C VAL B 144 -2.88 33.50 25.02
N ALA B 145 -2.94 32.84 23.88
CA ALA B 145 -4.22 32.72 23.21
C ALA B 145 -4.92 31.43 23.60
N TYR B 146 -6.21 31.36 23.27
CA TYR B 146 -7.03 30.18 23.50
C TYR B 146 -7.65 29.77 22.18
N ARG B 147 -7.28 28.59 21.68
CA ARG B 147 -7.79 28.06 20.43
C ARG B 147 -8.84 26.99 20.73
N ASP B 148 -10.03 27.16 20.16
CA ASP B 148 -11.12 26.22 20.33
C ASP B 148 -11.41 25.54 19.00
N SER B 149 -11.45 24.20 19.02
CA SER B 149 -11.63 23.44 17.79
C SER B 149 -12.99 23.69 17.17
N ARG B 150 -14.04 23.77 17.99
CA ARG B 150 -15.40 23.89 17.46
C ARG B 150 -15.61 25.22 16.74
N THR B 151 -15.25 26.32 17.39
CA THR B 151 -15.45 27.64 16.79
C THR B 151 -14.33 28.04 15.83
N TYR B 152 -13.18 27.38 15.90
CA TYR B 152 -12.02 27.69 15.06
C TYR B 152 -11.61 29.16 15.19
N ARG B 153 -11.79 29.74 16.38
CA ARG B 153 -11.48 31.14 16.62
C ARG B 153 -10.70 31.28 17.92
N MET B 154 -9.90 32.33 17.98
CA MET B 154 -9.09 32.62 19.17
C MET B 154 -9.87 33.54 20.10
N ILE B 155 -10.21 33.03 21.28
CA ILE B 155 -10.93 33.79 22.30
C ILE B 155 -9.89 34.46 23.19
N TYR B 156 -9.82 35.79 23.13
CA TYR B 156 -8.81 36.54 23.85
C TYR B 156 -9.19 36.84 25.30
N LYS B 157 -10.39 36.46 25.73
CA LYS B 157 -10.81 36.73 27.10
C LYS B 157 -9.89 36.03 28.09
N ARG B 158 -9.42 36.79 29.08
CA ARG B 158 -8.43 36.26 30.03
C ARG B 158 -8.99 35.10 30.83
N SER B 159 -10.23 35.23 31.30
CA SER B 159 -10.83 34.17 32.10
C SER B 159 -10.99 32.88 31.30
N SER B 160 -11.31 33.01 30.01
CA SER B 160 -11.41 31.82 29.17
C SER B 160 -10.07 31.12 29.01
N ILE B 161 -8.99 31.88 28.88
CA ILE B 161 -7.67 31.29 28.73
C ILE B 161 -7.24 30.61 30.03
N ALA B 162 -7.53 31.23 31.16
CA ALA B 162 -7.05 30.67 32.43
C ALA B 162 -7.70 29.30 32.70
N LEU B 163 -9.03 29.25 32.74
CA LEU B 163 -9.74 27.99 33.09
C LEU B 163 -9.19 26.81 32.26
N ARG B 164 -8.85 27.04 31.00
CA ARG B 164 -8.45 25.92 30.14
C ARG B 164 -7.19 25.26 30.66
N TYR B 165 -6.18 26.05 31.03
CA TYR B 165 -4.87 25.48 31.34
C TYR B 165 -4.90 24.67 32.62
N LEU B 166 -5.46 25.23 33.70
CA LEU B 166 -5.43 24.54 34.99
C LEU B 166 -6.14 23.19 34.92
N LYS B 167 -7.16 23.06 34.08
CA LYS B 167 -7.80 21.77 33.89
C LYS B 167 -6.97 20.86 32.99
N SER B 168 -6.25 21.44 32.03
CA SER B 168 -5.55 20.67 31.00
C SER B 168 -4.05 20.73 31.23
N THR B 169 -3.53 19.72 31.95
CA THR B 169 -2.09 19.47 32.07
C THR B 169 -1.32 20.67 32.60
N PHE B 170 -1.86 21.35 33.62
CA PHE B 170 -1.11 22.42 34.27
C PHE B 170 -0.40 21.93 35.54
N ILE B 171 -1.02 20.98 36.25
CA ILE B 171 -0.41 20.47 37.47
C ILE B 171 0.89 19.74 37.16
N ILE B 172 0.94 19.05 36.03
CA ILE B 172 2.15 18.33 35.64
C ILE B 172 3.29 19.31 35.40
N ASP B 173 3.01 20.39 34.67
CA ASP B 173 4.04 21.39 34.40
C ASP B 173 4.50 22.07 35.68
N LEU B 174 3.57 22.40 36.57
CA LEU B 174 3.94 22.98 37.85
C LEU B 174 4.75 22.01 38.69
N LEU B 175 4.35 20.73 38.68
CA LEU B 175 5.09 19.71 39.44
C LEU B 175 6.50 19.54 38.88
N ALA B 176 6.64 19.56 37.56
CA ALA B 176 7.96 19.42 36.95
C ALA B 176 8.87 20.58 37.29
N CYS B 177 8.31 21.78 37.47
CA CYS B 177 9.11 22.96 37.78
C CYS B 177 9.63 22.98 39.22
N MET B 178 9.14 22.08 40.07
CA MET B 178 9.58 22.08 41.46
C MET B 178 11.05 21.73 41.55
N PRO B 179 11.81 22.34 42.47
CA PRO B 179 13.24 22.00 42.60
C PRO B 179 13.43 20.63 43.22
N TRP B 180 13.18 19.58 42.42
CA TRP B 180 13.20 18.23 42.96
C TRP B 180 14.59 17.77 43.36
N ASP B 181 15.63 18.39 42.80
CA ASP B 181 16.98 18.10 43.27
C ASP B 181 17.25 18.75 44.61
N ILE B 182 16.78 19.98 44.81
CA ILE B 182 16.96 20.65 46.10
C ILE B 182 16.14 19.96 47.18
N ILE B 183 14.90 19.56 46.84
CA ILE B 183 14.06 18.87 47.81
C ILE B 183 14.64 17.51 48.17
N TYR B 184 15.29 16.85 47.21
CA TYR B 184 15.94 15.57 47.49
C TYR B 184 16.98 15.71 48.59
N LYS B 185 17.89 16.68 48.45
CA LYS B 185 18.93 16.85 49.45
C LYS B 185 18.37 17.36 50.78
N ALA B 186 17.33 18.19 50.73
CA ALA B 186 16.76 18.73 51.96
C ALA B 186 15.95 17.69 52.72
N ALA B 187 15.30 16.75 52.01
CA ALA B 187 14.48 15.75 52.67
C ALA B 187 15.30 14.71 53.40
N GLY B 188 16.58 14.58 53.09
CA GLY B 188 17.42 13.59 53.74
C GLY B 188 17.97 12.55 52.79
N GLU B 189 18.11 12.93 51.52
CA GLU B 189 18.64 12.06 50.48
C GLU B 189 17.83 10.76 50.36
N LYS B 190 16.53 10.92 50.17
CA LYS B 190 15.62 9.79 49.98
C LYS B 190 15.44 9.53 48.49
N GLU B 191 15.77 8.31 48.06
CA GLU B 191 15.66 7.96 46.66
C GLU B 191 14.22 7.93 46.17
N GLU B 192 13.25 7.77 47.08
CA GLU B 192 11.85 7.80 46.68
C GLU B 192 11.46 9.18 46.17
N VAL B 193 11.96 10.24 46.81
CA VAL B 193 11.72 11.59 46.33
C VAL B 193 12.34 11.79 44.95
N ARG B 194 13.57 11.29 44.78
CA ARG B 194 14.26 11.41 43.50
C ARG B 194 13.58 10.62 42.39
N TYR B 195 12.79 9.60 42.73
CA TYR B 195 12.05 8.84 41.73
C TYR B 195 11.06 9.68 40.97
N LEU B 196 10.60 10.79 41.55
CA LEU B 196 9.57 11.63 40.96
C LEU B 196 10.16 12.71 40.06
N LEU B 197 11.49 12.77 39.93
CA LEU B 197 12.12 13.62 38.93
C LEU B 197 11.75 13.21 37.51
N LEU B 198 11.25 11.98 37.32
CA LEU B 198 10.93 11.47 36.00
C LEU B 198 9.71 12.12 35.37
N ILE B 199 8.95 12.93 36.13
CA ILE B 199 7.84 13.67 35.54
C ILE B 199 8.30 14.77 34.60
N ARG B 200 9.59 15.13 34.63
CA ARG B 200 10.16 16.06 33.67
C ARG B 200 10.27 15.45 32.28
N LEU B 201 10.06 14.14 32.15
CA LEU B 201 10.01 13.48 30.85
C LEU B 201 8.81 13.92 30.02
N TYR B 202 7.81 14.56 30.63
CA TYR B 202 6.69 15.11 29.88
C TYR B 202 7.14 16.22 28.94
N ARG B 203 8.30 16.82 29.18
CA ARG B 203 8.76 17.92 28.34
C ARG B 203 9.15 17.46 26.93
N VAL B 204 9.29 16.15 26.71
CA VAL B 204 9.50 15.67 25.35
C VAL B 204 8.23 15.83 24.53
N HIS B 205 7.08 15.83 25.19
CA HIS B 205 5.82 16.09 24.49
C HIS B 205 5.79 17.48 23.87
N ARG B 206 6.43 18.44 24.53
CA ARG B 206 6.58 19.76 23.92
C ARG B 206 7.42 19.68 22.65
N VAL B 207 8.48 18.88 22.67
CA VAL B 207 9.25 18.61 21.45
C VAL B 207 8.39 17.86 20.44
N ILE B 208 7.56 16.94 20.92
CA ILE B 208 6.68 16.19 20.02
C ILE B 208 5.66 17.12 19.39
N LEU B 209 5.12 18.06 20.16
CA LEU B 209 4.17 19.02 19.59
C LEU B 209 4.79 19.83 18.46
N PHE B 210 6.07 20.18 18.59
CA PHE B 210 6.75 20.88 17.50
C PHE B 210 6.83 20.00 16.26
N PHE B 211 7.10 18.71 16.44
CA PHE B 211 7.12 17.79 15.30
C PHE B 211 5.74 17.66 14.67
N HIS B 212 4.68 17.62 15.49
CA HIS B 212 3.33 17.60 14.95
C HIS B 212 3.01 18.89 14.20
N LYS B 213 3.47 20.03 14.74
CA LYS B 213 3.29 21.30 14.04
C LYS B 213 4.06 21.32 12.73
N MET B 214 5.28 20.79 12.72
CA MET B 214 6.09 20.74 11.51
C MET B 214 5.45 19.86 10.44
N GLU B 215 4.59 18.92 10.85
CA GLU B 215 3.85 18.12 9.87
C GLU B 215 2.94 18.99 9.01
N LYS B 216 2.46 20.12 9.55
CA LYS B 216 1.52 20.96 8.83
C LYS B 216 2.20 21.74 7.71
N ASP B 217 3.52 21.86 7.75
CA ASP B 217 4.24 22.62 6.72
C ASP B 217 4.07 21.96 5.36
N ILE B 218 3.72 22.77 4.36
CA ILE B 218 3.53 22.24 3.01
C ILE B 218 4.87 21.89 2.37
N ARG B 219 5.92 22.66 2.65
CA ARG B 219 7.21 22.44 2.02
C ARG B 219 7.80 21.08 2.39
N ILE B 220 7.70 20.68 3.65
CA ILE B 220 8.24 19.42 4.13
C ILE B 220 7.12 18.39 4.16
N ASN B 221 7.36 17.23 3.54
CA ASN B 221 6.35 16.18 3.49
C ASN B 221 5.94 15.77 4.90
N TYR B 222 4.64 15.62 5.11
CA TYR B 222 4.13 15.24 6.43
C TYR B 222 4.51 13.81 6.80
N LEU B 223 4.90 12.98 5.83
CA LEU B 223 5.36 11.63 6.11
C LEU B 223 6.86 11.55 6.36
N PHE B 224 7.63 12.50 5.81
CA PHE B 224 9.03 12.59 6.18
C PHE B 224 9.21 13.16 7.58
N THR B 225 8.28 14.03 8.01
CA THR B 225 8.30 14.52 9.37
C THR B 225 8.00 13.44 10.38
N ARG B 226 7.07 12.53 10.07
CA ARG B 226 6.79 11.40 10.95
C ARG B 226 7.99 10.49 11.06
N ILE B 227 8.79 10.39 9.98
CA ILE B 227 10.01 9.60 10.03
C ILE B 227 10.98 10.18 11.06
N VAL B 228 11.14 11.52 11.04
CA VAL B 228 12.03 12.16 12.00
C VAL B 228 11.47 12.06 13.41
N LYS B 229 10.14 12.15 13.56
CA LYS B 229 9.55 12.06 14.90
C LYS B 229 9.80 10.70 15.53
N LEU B 230 9.63 9.62 14.78
CA LEU B 230 9.90 8.29 15.31
C LEU B 230 11.39 8.04 15.52
N ILE B 231 12.24 8.59 14.66
CA ILE B 231 13.68 8.50 14.86
C ILE B 231 14.07 9.21 16.15
N PHE B 232 13.52 10.41 16.37
CA PHE B 232 13.79 11.13 17.61
C PHE B 232 13.23 10.39 18.82
N VAL B 233 12.02 9.84 18.69
CA VAL B 233 11.42 9.12 19.80
C VAL B 233 12.24 7.88 20.14
N GLU B 234 12.67 7.13 19.13
CA GLU B 234 13.56 5.99 19.38
C GLU B 234 14.89 6.44 19.97
N LEU B 235 15.42 7.56 19.47
CA LEU B 235 16.63 8.11 20.05
C LEU B 235 16.41 8.53 21.50
N TYR B 236 15.26 9.16 21.78
CA TYR B 236 14.95 9.59 23.13
C TYR B 236 14.69 8.40 24.05
N CYS B 237 13.90 7.43 23.58
CA CYS B 237 13.59 6.27 24.40
C CYS B 237 14.85 5.45 24.69
N THR B 238 15.74 5.34 23.71
CA THR B 238 17.02 4.68 23.93
C THR B 238 17.85 5.43 24.98
N HIS B 239 17.87 6.76 24.89
CA HIS B 239 18.58 7.56 25.89
C HIS B 239 17.95 7.40 27.27
N THR B 240 16.62 7.40 27.34
CA THR B 240 15.95 7.18 28.62
C THR B 240 16.20 5.77 29.13
N ALA B 241 16.18 4.78 28.23
CA ALA B 241 16.45 3.40 28.65
C ALA B 241 17.87 3.24 29.16
N ALA B 242 18.83 3.93 28.52
CA ALA B 242 20.22 3.84 28.95
C ALA B 242 20.40 4.35 30.38
N CYS B 243 19.72 5.45 30.72
CA CYS B 243 19.81 6.00 32.06
C CYS B 243 19.07 5.15 33.08
N ILE B 244 18.00 4.47 32.67
CA ILE B 244 17.33 3.55 33.58
C ILE B 244 18.08 2.22 33.64
N PHE B 245 18.76 1.85 32.55
CA PHE B 245 19.63 0.67 32.60
C PHE B 245 20.70 0.83 33.66
N TYR B 246 21.32 2.01 33.72
CA TYR B 246 22.35 2.24 34.73
C TYR B 246 21.77 2.38 36.13
N TYR B 247 20.57 2.96 36.25
CA TYR B 247 19.98 3.17 37.57
C TYR B 247 19.68 1.84 38.26
N LEU B 248 19.20 0.84 37.51
CA LEU B 248 18.92 -0.45 38.10
C LEU B 248 20.18 -1.11 38.64
N ALA B 249 21.34 -0.80 38.06
CA ALA B 249 22.60 -1.28 38.59
C ALA B 249 23.01 -0.55 39.87
N THR B 250 22.53 0.69 40.05
CA THR B 250 22.82 1.43 41.27
C THR B 250 21.85 1.13 42.41
N THR B 251 20.75 0.44 42.12
CA THR B 251 19.80 0.07 43.17
C THR B 251 20.35 -1.02 44.07
N LEU B 252 21.38 -1.75 43.65
CA LEU B 252 22.02 -2.73 44.51
C LEU B 252 23.17 -2.09 45.27
N PRO B 253 23.51 -2.57 46.47
CA PRO B 253 24.68 -2.04 47.17
C PRO B 253 25.96 -2.35 46.42
N ALA B 254 26.99 -1.54 46.71
CA ALA B 254 28.28 -1.72 46.04
C ALA B 254 28.88 -3.09 46.33
N SER B 255 28.50 -3.72 47.45
CA SER B 255 28.97 -5.06 47.73
C SER B 255 28.41 -6.08 46.75
N GLN B 256 27.25 -5.81 46.17
CA GLN B 256 26.61 -6.68 45.18
C GLN B 256 26.85 -6.19 43.77
N GLU B 257 28.04 -5.62 43.50
CA GLU B 257 28.34 -5.10 42.18
C GLU B 257 28.36 -6.20 41.13
N GLY B 258 28.87 -7.38 41.49
CA GLY B 258 28.97 -8.48 40.55
C GLY B 258 27.63 -8.98 40.05
N TYR B 259 26.55 -8.66 40.75
CA TYR B 259 25.21 -9.06 40.34
C TYR B 259 24.52 -8.02 39.46
N THR B 260 25.20 -6.93 39.14
CA THR B 260 24.66 -5.91 38.25
C THR B 260 25.06 -6.20 36.80
N TRP B 261 24.52 -5.39 35.88
CA TRP B 261 24.89 -5.51 34.48
C TRP B 261 26.21 -4.83 34.17
N ILE B 262 26.62 -3.86 34.99
CA ILE B 262 27.83 -3.09 34.73
C ILE B 262 28.94 -3.53 35.68
N GLY B 263 28.58 -3.92 36.91
CA GLY B 263 29.59 -4.35 37.85
C GLY B 263 30.30 -5.62 37.43
N SER B 264 29.56 -6.54 36.81
CA SER B 264 30.15 -7.76 36.28
C SER B 264 30.71 -7.58 34.87
N LEU B 265 30.56 -6.40 34.28
CA LEU B 265 31.03 -6.17 32.93
C LEU B 265 32.55 -6.16 32.87
N LYS B 266 33.08 -6.78 31.82
CA LYS B 266 34.51 -6.74 31.52
C LYS B 266 34.65 -6.70 30.00
N LEU B 267 34.96 -5.54 29.45
CA LEU B 267 35.12 -5.36 28.01
C LEU B 267 36.61 -5.34 27.70
N GLY B 268 37.09 -6.38 27.02
CA GLY B 268 38.51 -6.48 26.74
C GLY B 268 39.31 -6.53 28.03
N ASP B 269 40.35 -5.69 28.10
CA ASP B 269 41.15 -5.60 29.31
C ASP B 269 40.45 -4.82 30.42
N TYR B 270 39.64 -3.83 30.06
CA TYR B 270 39.00 -2.98 31.06
C TYR B 270 37.96 -3.76 31.84
N SER B 271 38.01 -3.66 33.16
CA SER B 271 37.04 -4.29 34.05
C SER B 271 36.28 -3.20 34.80
N TYR B 272 34.95 -3.22 34.69
CA TYR B 272 34.10 -2.25 35.40
C TYR B 272 33.88 -2.72 36.83
N SER B 273 34.99 -2.92 37.54
CA SER B 273 34.93 -3.46 38.89
C SER B 273 34.18 -2.54 39.84
N LYS B 274 34.57 -1.27 39.88
CA LYS B 274 33.91 -0.24 40.69
C LYS B 274 33.41 0.83 39.74
N PHE B 275 32.20 0.62 39.20
CA PHE B 275 31.69 1.51 38.16
C PHE B 275 31.33 2.88 38.71
N ARG B 276 30.96 2.96 39.99
CA ARG B 276 30.59 4.25 40.57
C ARG B 276 31.78 5.21 40.59
N GLU B 277 33.00 4.68 40.63
CA GLU B 277 34.20 5.53 40.59
C GLU B 277 34.62 5.88 39.16
N ILE B 278 34.03 5.23 38.16
CA ILE B 278 34.37 5.52 36.77
C ILE B 278 33.79 6.87 36.37
N ASP B 279 34.46 7.54 35.43
CA ASP B 279 34.03 8.86 34.99
C ASP B 279 32.65 8.78 34.35
N LEU B 280 31.96 9.94 34.33
CA LEU B 280 30.56 9.97 33.90
C LEU B 280 30.41 9.54 32.45
N TRP B 281 31.29 10.01 31.56
CA TRP B 281 31.12 9.77 30.14
C TRP B 281 31.57 8.39 29.70
N THR B 282 32.14 7.59 30.60
CA THR B 282 32.37 6.19 30.31
C THR B 282 31.19 5.34 30.76
N ARG B 283 30.53 5.71 31.86
CA ARG B 283 29.33 4.99 32.30
C ARG B 283 28.16 5.25 31.35
N TYR B 284 27.98 6.49 30.91
CA TYR B 284 26.89 6.79 29.99
C TYR B 284 27.12 6.13 28.63
N THR B 285 28.35 6.17 28.12
CA THR B 285 28.64 5.53 26.84
C THR B 285 28.42 4.03 26.91
N THR B 286 28.84 3.40 28.02
CA THR B 286 28.58 1.98 28.20
C THR B 286 27.09 1.71 28.30
N SER B 287 26.36 2.54 29.04
CA SER B 287 24.91 2.35 29.17
C SER B 287 24.21 2.63 27.85
N MET B 288 24.61 3.68 27.14
CA MET B 288 23.99 3.99 25.86
C MET B 288 24.37 2.96 24.80
N TYR B 289 25.58 2.41 24.87
CA TYR B 289 25.95 1.33 23.97
C TYR B 289 25.04 0.13 24.16
N PHE B 290 24.74 -0.23 25.41
CA PHE B 290 23.81 -1.32 25.67
C PHE B 290 22.42 -0.96 25.16
N ALA B 291 21.96 0.27 25.42
CA ALA B 291 20.62 0.66 25.01
C ALA B 291 20.50 0.76 23.49
N VAL B 292 21.51 1.33 22.83
CA VAL B 292 21.46 1.48 21.38
C VAL B 292 21.47 0.11 20.70
N VAL B 293 22.29 -0.82 21.21
CA VAL B 293 22.46 -2.11 20.55
C VAL B 293 21.15 -2.88 20.53
N THR B 294 20.42 -2.90 21.65
CA THR B 294 19.14 -3.60 21.69
C THR B 294 18.02 -2.80 21.06
N MET B 295 18.18 -1.50 20.87
CA MET B 295 17.17 -0.70 20.18
C MET B 295 17.05 -1.15 18.73
N ALA B 296 18.18 -1.45 18.08
CA ALA B 296 18.17 -1.99 16.72
C ALA B 296 18.09 -3.51 16.71
N THR B 297 17.90 -4.14 17.88
CA THR B 297 17.84 -5.60 18.01
C THR B 297 19.11 -6.28 17.52
N VAL B 298 20.25 -5.61 17.69
CA VAL B 298 21.53 -6.24 17.36
C VAL B 298 21.89 -7.29 18.41
N GLY B 299 21.85 -6.89 19.68
CA GLY B 299 22.06 -7.81 20.78
C GLY B 299 23.39 -8.54 20.75
N TYR B 300 24.50 -7.80 20.95
CA TYR B 300 25.81 -8.44 20.97
C TYR B 300 25.91 -9.44 22.13
N GLY B 301 25.44 -9.06 23.31
CA GLY B 301 25.55 -9.89 24.48
C GLY B 301 26.77 -9.63 25.33
N ASP B 302 27.68 -8.75 24.89
CA ASP B 302 28.77 -8.32 25.75
C ASP B 302 28.23 -7.59 26.97
N ILE B 303 27.19 -6.80 26.78
CA ILE B 303 26.45 -6.14 27.85
C ILE B 303 25.03 -6.71 27.84
N HIS B 304 24.62 -7.27 28.97
CA HIS B 304 23.31 -7.91 29.06
C HIS B 304 22.76 -7.75 30.47
N ALA B 305 21.51 -8.16 30.64
CA ALA B 305 20.78 -7.98 31.90
C ALA B 305 21.11 -9.14 32.82
N VAL B 306 22.06 -8.92 33.74
CA VAL B 306 22.45 -9.95 34.69
C VAL B 306 21.39 -10.15 35.76
N ASN B 307 20.91 -9.06 36.35
CA ASN B 307 20.01 -9.14 37.49
C ASN B 307 18.57 -9.38 37.06
N MET B 308 17.75 -9.77 38.03
CA MET B 308 16.32 -9.96 37.80
C MET B 308 15.62 -8.63 37.56
N ARG B 309 16.07 -7.56 38.24
CA ARG B 309 15.52 -6.24 37.95
C ARG B 309 15.78 -5.83 36.52
N GLU B 310 17.01 -6.05 36.03
CA GLU B 310 17.36 -5.66 34.68
C GLU B 310 16.69 -6.57 33.64
N MET B 311 16.46 -7.84 33.98
CA MET B 311 15.77 -8.74 33.06
C MET B 311 14.36 -8.26 32.78
N ILE B 312 13.65 -7.81 33.82
CA ILE B 312 12.27 -7.36 33.63
C ILE B 312 12.23 -6.10 32.78
N PHE B 313 13.10 -5.12 33.10
CA PHE B 313 13.07 -3.87 32.35
C PHE B 313 13.60 -4.05 30.94
N ALA B 314 14.56 -4.98 30.75
CA ALA B 314 14.99 -5.31 29.40
C ALA B 314 13.85 -5.91 28.59
N MET B 315 13.05 -6.78 29.21
CA MET B 315 11.89 -7.33 28.52
C MET B 315 10.87 -6.23 28.21
N VAL B 316 10.64 -5.33 29.15
CA VAL B 316 9.68 -4.25 28.93
C VAL B 316 10.18 -3.31 27.85
N TYR B 317 11.45 -2.92 27.93
CA TYR B 317 12.01 -2.01 26.93
C TYR B 317 12.09 -2.66 25.56
N ILE B 318 12.46 -3.94 25.50
CA ILE B 318 12.52 -4.64 24.23
C ILE B 318 11.13 -4.77 23.61
N SER B 319 10.13 -5.13 24.43
CA SER B 319 8.78 -5.29 23.92
C SER B 319 8.23 -3.96 23.39
N PHE B 320 8.46 -2.87 24.12
CA PHE B 320 8.04 -1.56 23.64
C PHE B 320 8.82 -1.16 22.38
N ASP B 321 10.11 -1.49 22.34
CA ASP B 321 10.92 -1.17 21.17
C ASP B 321 10.44 -1.92 19.94
N MET B 322 10.01 -3.18 20.12
CA MET B 322 9.57 -3.97 18.98
C MET B 322 8.35 -3.36 18.31
N ILE B 323 7.41 -2.84 19.10
CA ILE B 323 6.27 -2.12 18.52
C ILE B 323 6.74 -0.85 17.83
N LEU B 324 7.62 -0.10 18.49
CA LEU B 324 8.11 1.16 17.94
C LEU B 324 9.01 0.92 16.73
N GLY B 325 9.74 -0.20 16.70
CA GLY B 325 10.56 -0.51 15.55
C GLY B 325 9.74 -0.79 14.31
N ALA B 326 8.62 -1.49 14.47
CA ALA B 326 7.75 -1.76 13.33
C ALA B 326 7.00 -0.51 12.88
N TYR B 327 6.80 0.44 13.79
CA TYR B 327 6.19 1.71 13.41
C TYR B 327 7.06 2.46 12.40
N LEU B 328 8.38 2.47 12.61
CA LEU B 328 9.27 3.14 11.68
C LEU B 328 9.23 2.47 10.30
N ILE B 329 9.22 1.14 10.28
CA ILE B 329 9.14 0.41 9.01
C ILE B 329 7.83 0.73 8.30
N GLY B 330 6.73 0.75 9.05
CA GLY B 330 5.44 1.07 8.44
C GLY B 330 5.40 2.47 7.86
N ASN B 331 5.99 3.44 8.57
CA ASN B 331 6.03 4.80 8.06
C ASN B 331 7.04 4.96 6.93
N MET B 332 8.10 4.16 6.93
CA MET B 332 9.02 4.17 5.79
C MET B 332 8.33 3.68 4.52
N THR B 333 7.56 2.59 4.62
CA THR B 333 6.86 2.08 3.45
C THR B 333 5.81 3.05 2.97
N ALA B 334 5.06 3.67 3.89
CA ALA B 334 4.04 4.63 3.51
C ALA B 334 4.64 5.82 2.77
N LEU B 335 5.86 6.22 3.15
CA LEU B 335 6.53 7.29 2.43
C LEU B 335 6.85 6.88 1.00
N ILE B 336 7.39 5.67 0.82
CA ILE B 336 7.72 5.21 -0.52
C ILE B 336 6.46 4.91 -1.33
N VAL B 337 5.45 4.33 -0.67
CA VAL B 337 4.20 4.04 -1.36
C VAL B 337 3.55 5.31 -1.88
N LYS B 338 3.52 6.35 -1.04
CA LYS B 338 2.89 7.61 -1.42
C LYS B 338 3.76 8.38 -2.40
N GLY B 339 5.01 8.66 -2.02
CA GLY B 339 5.95 9.37 -2.88
C GLY B 339 6.52 8.38 -3.91
N SER B 340 5.72 8.12 -4.95
CA SER B 340 6.12 7.18 -5.98
C SER B 340 7.33 7.69 -6.77
N LYS B 341 7.53 9.01 -6.80
CA LYS B 341 8.63 9.68 -7.51
C LYS B 341 8.68 9.16 -8.94
N THR B 342 9.77 8.56 -9.41
CA THR B 342 9.88 8.11 -10.79
C THR B 342 8.91 6.99 -11.15
N GLU B 343 8.29 6.35 -10.17
CA GLU B 343 7.30 5.31 -10.48
C GLU B 343 6.14 5.90 -11.28
N ARG B 344 5.76 7.16 -10.98
CA ARG B 344 4.76 7.84 -11.79
C ARG B 344 5.22 8.03 -13.22
N PHE B 345 6.53 8.09 -13.45
CA PHE B 345 7.08 8.18 -14.80
C PHE B 345 7.27 6.79 -15.43
N ARG B 346 7.68 5.81 -14.63
CA ARG B 346 7.86 4.46 -15.14
C ARG B 346 6.52 3.86 -15.58
N ASP B 347 5.47 4.07 -14.79
CA ASP B 347 4.15 3.54 -15.14
C ASP B 347 3.59 4.20 -16.39
N LYS B 348 3.79 5.52 -16.52
CA LYS B 348 3.31 6.21 -17.72
C LYS B 348 4.04 5.73 -18.97
N MET B 349 5.36 5.52 -18.86
CA MET B 349 6.11 5.03 -20.01
C MET B 349 5.71 3.61 -20.37
N ALA B 350 5.20 2.85 -19.40
CA ALA B 350 4.74 1.49 -19.70
C ALA B 350 3.44 1.51 -20.48
N ASP B 351 2.48 2.35 -20.07
CA ASP B 351 1.23 2.46 -20.80
C ASP B 351 1.45 3.08 -22.17
N ILE B 352 2.31 4.09 -22.26
CA ILE B 352 2.61 4.72 -23.55
C ILE B 352 3.29 3.73 -24.48
N MET B 353 4.14 2.85 -23.94
CA MET B 353 4.78 1.83 -24.77
C MET B 353 3.74 0.88 -25.37
N ARG B 354 2.76 0.46 -24.56
CA ARG B 354 1.72 -0.45 -25.06
C ARG B 354 0.92 0.21 -26.17
N TYR B 355 0.55 1.48 -25.98
CA TYR B 355 -0.19 2.23 -26.98
C TYR B 355 0.62 2.39 -28.27
N MET B 356 1.92 2.18 -28.18
CA MET B 356 2.80 2.52 -29.29
C MET B 356 3.62 1.36 -29.82
N ASN B 357 3.50 0.16 -29.27
CA ASN B 357 3.98 -1.04 -29.95
C ASN B 357 2.88 -1.76 -30.72
N ARG B 358 1.61 -1.49 -30.41
CA ARG B 358 0.47 -2.04 -31.12
C ARG B 358 0.10 -1.22 -32.35
N ASN B 359 0.83 -0.13 -32.62
CA ASN B 359 0.47 0.76 -33.72
C ASN B 359 1.56 0.92 -34.75
N LYS B 360 2.74 0.32 -34.56
CA LYS B 360 3.85 0.39 -35.51
C LYS B 360 4.20 1.83 -35.86
N LEU B 361 4.17 2.72 -34.88
CA LEU B 361 4.50 4.11 -35.12
C LEU B 361 5.99 4.26 -35.41
N GLY B 362 6.32 5.20 -36.29
CA GLY B 362 7.69 5.42 -36.71
C GLY B 362 8.59 5.96 -35.62
N ARG B 363 9.91 5.89 -35.83
CA ARG B 363 10.85 6.31 -34.80
C ARG B 363 10.81 7.82 -34.57
N ASN B 364 10.53 8.59 -35.61
CA ASN B 364 10.51 10.04 -35.46
C ASN B 364 9.41 10.49 -34.49
N ILE B 365 8.22 9.92 -34.62
CA ILE B 365 7.15 10.23 -33.66
C ILE B 365 7.40 9.51 -32.34
N ARG B 366 8.13 8.39 -32.37
CA ARG B 366 8.49 7.69 -31.15
C ARG B 366 9.26 8.59 -30.19
N GLY B 367 10.25 9.34 -30.71
CA GLY B 367 11.06 10.18 -29.85
C GLY B 367 10.32 11.39 -29.33
N GLN B 368 9.41 11.94 -30.15
CA GLN B 368 8.74 13.19 -29.77
C GLN B 368 7.89 13.02 -28.52
N ILE B 369 7.09 11.96 -28.46
CA ILE B 369 6.21 11.75 -27.31
C ILE B 369 7.00 11.36 -26.07
N THR B 370 8.03 10.52 -26.24
CA THR B 370 8.84 10.07 -25.12
C THR B 370 9.56 11.24 -24.46
N GLY B 371 10.07 12.17 -25.26
CA GLY B 371 10.71 13.35 -24.70
C GLY B 371 9.75 14.20 -23.89
N HIS B 372 8.48 14.25 -24.33
CA HIS B 372 7.47 15.01 -23.59
C HIS B 372 7.23 14.41 -22.21
N LEU B 373 7.17 13.07 -22.13
CA LEU B 373 7.06 12.43 -20.84
C LEU B 373 8.30 12.67 -19.98
N ARG B 374 9.47 12.76 -20.61
CA ARG B 374 10.69 13.09 -19.87
C ARG B 374 10.61 14.50 -19.30
N LEU B 375 10.03 15.43 -20.06
CA LEU B 375 9.85 16.78 -19.53
C LEU B 375 8.79 16.82 -18.43
N GLN B 376 7.75 15.97 -18.54
CA GLN B 376 6.64 16.03 -17.61
C GLN B 376 7.01 15.61 -16.19
N TYR B 377 8.12 14.89 -16.02
CA TYR B 377 8.55 14.44 -14.71
C TYR B 377 9.77 15.20 -14.19
N GLU B 378 10.42 16.03 -15.02
CA GLU B 378 11.55 16.83 -14.56
C GLU B 378 11.10 18.09 -13.83
N SER B 379 10.17 18.84 -14.41
CA SER B 379 9.68 20.07 -13.81
C SER B 379 8.37 19.88 -13.06
N SER B 380 7.88 18.65 -12.94
CA SER B 380 6.57 18.36 -12.35
C SER B 380 5.49 19.13 -13.08
N TYR B 381 4.59 18.47 -13.87
CA TYR B 381 3.37 19.01 -14.65
C TYR B 381 2.06 19.73 -14.11
N THR B 382 1.95 21.01 -14.52
CA THR B 382 0.80 21.89 -14.09
C THR B 382 -0.62 21.61 -14.63
N GLU B 383 -0.76 21.19 -15.89
CA GLU B 383 -2.12 20.84 -16.41
C GLU B 383 -2.70 19.75 -15.51
N ALA B 384 -1.86 18.74 -15.24
CA ALA B 384 -2.29 17.65 -14.35
C ALA B 384 -2.81 18.33 -13.09
N ALA B 385 -1.97 19.13 -12.41
CA ALA B 385 -2.56 19.80 -11.21
C ALA B 385 -3.95 20.47 -11.37
N VAL B 386 -4.08 21.41 -12.30
CA VAL B 386 -5.37 22.17 -12.41
C VAL B 386 -6.57 21.22 -12.53
N LEU B 387 -6.41 20.23 -13.43
CA LEU B 387 -7.51 19.23 -13.58
C LEU B 387 -7.74 18.73 -12.18
N GLN B 388 -6.71 18.02 -11.69
CA GLN B 388 -6.75 17.42 -10.34
C GLN B 388 -7.80 18.15 -9.51
N ASP B 389 -7.68 19.48 -9.40
CA ASP B 389 -8.84 19.99 -8.59
C ASP B 389 -9.69 21.28 -8.77
N ILE B 390 -10.22 21.66 -9.97
CA ILE B 390 -11.21 22.86 -9.82
C ILE B 390 -12.67 22.99 -10.43
N PRO B 391 -13.80 23.59 -9.82
CA PRO B 391 -14.92 23.97 -10.70
C PRO B 391 -14.54 25.07 -11.69
N VAL B 392 -15.48 25.42 -12.58
CA VAL B 392 -15.22 26.32 -13.69
C VAL B 392 -15.19 27.78 -13.25
N SER B 393 -15.95 28.12 -12.20
CA SER B 393 -16.12 29.53 -11.83
C SER B 393 -14.79 30.15 -11.39
N ILE B 394 -13.97 29.42 -10.66
CA ILE B 394 -12.74 29.97 -10.10
C ILE B 394 -11.54 29.49 -10.90
N ARG B 395 -11.73 28.41 -11.68
CA ARG B 395 -10.73 28.05 -12.68
C ARG B 395 -10.52 29.20 -13.65
N ALA B 396 -11.56 29.97 -13.92
CA ALA B 396 -11.41 31.20 -14.68
C ALA B 396 -10.57 32.21 -13.92
N LYS B 397 -10.79 32.34 -12.61
CA LYS B 397 -9.99 33.26 -11.80
C LYS B 397 -8.53 32.83 -11.78
N ILE B 398 -8.27 31.52 -11.71
CA ILE B 398 -6.91 31.02 -11.83
C ILE B 398 -6.32 31.41 -13.18
N ALA B 399 -7.12 31.22 -14.25
CA ALA B 399 -6.68 31.65 -15.58
C ALA B 399 -6.53 33.16 -15.65
N GLN B 400 -7.45 33.90 -15.04
CA GLN B 400 -7.38 35.36 -15.05
C GLN B 400 -6.13 35.85 -14.32
N THR B 401 -5.79 35.24 -13.20
CA THR B 401 -4.61 35.66 -12.46
C THR B 401 -3.33 35.33 -13.23
N LEU B 402 -3.34 34.24 -13.99
CA LEU B 402 -2.12 33.76 -14.62
C LEU B 402 -1.96 34.22 -16.06
N TYR B 403 -3.05 34.31 -16.83
CA TYR B 403 -2.95 34.52 -18.27
C TYR B 403 -3.35 35.92 -18.73
N LEU B 404 -4.08 36.67 -17.92
CA LEU B 404 -4.57 37.98 -18.37
C LEU B 404 -3.45 38.95 -18.76
N PRO B 405 -2.38 39.14 -17.97
CA PRO B 405 -1.34 40.09 -18.39
C PRO B 405 -0.69 39.75 -19.73
N TYR B 406 -0.52 38.46 -20.03
CA TYR B 406 0.07 38.08 -21.30
C TYR B 406 -0.90 38.26 -22.46
N ILE B 407 -2.18 37.95 -22.23
CA ILE B 407 -3.18 38.12 -23.28
C ILE B 407 -3.41 39.61 -23.58
N GLU B 408 -3.40 40.44 -22.54
CA GLU B 408 -3.64 41.87 -22.74
C GLU B 408 -2.55 42.52 -23.58
N LYS B 409 -1.33 41.97 -23.54
CA LYS B 409 -0.22 42.53 -24.30
C LYS B 409 -0.17 42.04 -25.74
N VAL B 410 -1.08 41.15 -26.13
CA VAL B 410 -1.09 40.65 -27.51
C VAL B 410 -1.53 41.77 -28.45
N PRO B 411 -0.78 42.03 -29.53
CA PRO B 411 -1.21 43.09 -30.47
C PRO B 411 -2.55 42.84 -31.12
N LEU B 412 -2.99 41.58 -31.21
CA LEU B 412 -4.27 41.28 -31.84
C LEU B 412 -5.42 41.89 -31.06
N PHE B 413 -5.37 41.81 -29.73
CA PHE B 413 -6.43 42.31 -28.86
C PHE B 413 -6.26 43.79 -28.51
N ARG B 414 -5.53 44.54 -29.33
CA ARG B 414 -5.36 45.97 -29.09
C ARG B 414 -6.69 46.69 -29.28
N GLY B 415 -7.12 47.41 -28.25
CA GLY B 415 -8.39 48.13 -28.29
C GLY B 415 -9.61 47.29 -28.02
N CYS B 416 -9.45 46.01 -27.67
CA CYS B 416 -10.59 45.15 -27.40
C CYS B 416 -11.11 45.39 -25.98
N SER B 417 -12.40 45.10 -25.80
CA SER B 417 -13.03 45.29 -24.51
C SER B 417 -12.51 44.28 -23.48
N SER B 418 -12.59 44.67 -22.21
CA SER B 418 -12.11 43.79 -21.14
C SER B 418 -12.94 42.51 -21.04
N GLU B 419 -14.26 42.62 -21.20
CA GLU B 419 -15.12 41.44 -21.13
C GLU B 419 -14.79 40.45 -22.23
N PHE B 420 -14.51 40.94 -23.43
CA PHE B 420 -14.11 40.05 -24.53
C PHE B 420 -12.82 39.32 -24.19
N ILE B 421 -11.85 40.03 -23.60
CA ILE B 421 -10.61 39.39 -23.19
C ILE B 421 -10.87 38.46 -22.00
N ASN B 422 -11.73 38.89 -21.07
CA ASN B 422 -11.98 38.09 -19.87
C ASN B 422 -12.57 36.73 -20.22
N GLN B 423 -13.54 36.71 -21.14
CA GLN B 423 -14.14 35.44 -21.52
C GLN B 423 -13.17 34.56 -22.32
N ILE B 424 -12.27 35.18 -23.07
CA ILE B 424 -11.24 34.42 -23.78
C ILE B 424 -10.31 33.73 -22.80
N VAL B 425 -9.91 34.45 -21.73
CA VAL B 425 -8.89 33.96 -20.81
C VAL B 425 -9.32 32.66 -20.17
N ILE B 426 -10.63 32.47 -20.00
CA ILE B 426 -11.14 31.27 -19.33
C ILE B 426 -10.78 30.00 -20.08
N ARG B 427 -10.74 30.06 -21.42
CA ARG B 427 -10.68 28.87 -22.25
C ARG B 427 -9.28 28.52 -22.74
N LEU B 428 -8.24 29.19 -22.23
CA LEU B 428 -6.88 28.81 -22.61
C LEU B 428 -6.44 27.54 -21.90
N HIS B 429 -5.60 26.77 -22.59
CA HIS B 429 -4.95 25.59 -22.05
C HIS B 429 -3.47 25.66 -22.36
N GLU B 430 -2.66 25.12 -21.44
CA GLU B 430 -1.21 25.28 -21.51
C GLU B 430 -0.56 24.04 -22.09
N GLU B 431 0.37 24.25 -23.03
CA GLU B 431 1.15 23.18 -23.64
C GLU B 431 2.62 23.58 -23.63
N PHE B 432 3.48 22.64 -23.24
CA PHE B 432 4.92 22.84 -23.25
C PHE B 432 5.52 22.11 -24.45
N PHE B 433 6.44 22.77 -25.15
CA PHE B 433 7.04 22.23 -26.37
C PHE B 433 8.54 22.08 -26.16
N LEU B 434 9.04 20.85 -26.37
CA LEU B 434 10.47 20.63 -26.31
C LEU B 434 11.15 21.26 -27.52
N PRO B 435 12.38 21.75 -27.35
CA PRO B 435 13.10 22.35 -28.48
C PRO B 435 13.32 21.34 -29.61
N GLY B 436 13.24 21.83 -30.84
CA GLY B 436 13.41 21.01 -32.03
C GLY B 436 12.12 20.50 -32.64
N GLU B 437 11.00 20.66 -31.94
CA GLU B 437 9.73 20.19 -32.44
C GLU B 437 9.19 21.12 -33.53
N VAL B 438 8.23 20.60 -34.30
CA VAL B 438 7.58 21.34 -35.38
C VAL B 438 6.10 21.44 -35.05
N ILE B 439 5.55 22.65 -35.09
CA ILE B 439 4.18 22.87 -34.64
C ILE B 439 3.23 22.81 -35.83
N MET B 440 3.41 23.72 -36.81
CA MET B 440 2.75 23.60 -38.10
C MET B 440 3.78 23.43 -39.20
N GLU B 441 3.30 23.17 -40.41
CA GLU B 441 4.13 22.96 -41.58
C GLU B 441 3.59 23.81 -42.74
N GLN B 442 4.16 23.59 -43.93
CA GLN B 442 3.69 24.28 -45.12
C GLN B 442 2.28 23.81 -45.49
N GLY B 443 1.39 24.77 -45.69
CA GLY B 443 0.05 24.46 -46.17
C GLY B 443 -0.73 23.49 -45.32
N SER B 444 -0.65 23.65 -44.00
CA SER B 444 -1.35 22.76 -43.06
C SER B 444 -2.37 23.58 -42.28
N VAL B 445 -3.63 23.15 -42.33
CA VAL B 445 -4.67 23.84 -41.60
C VAL B 445 -4.68 23.38 -40.14
N VAL B 446 -4.59 24.34 -39.22
CA VAL B 446 -4.58 24.05 -37.79
C VAL B 446 -5.84 24.63 -37.17
N ASP B 447 -6.29 23.99 -36.09
CA ASP B 447 -7.53 24.37 -35.43
C ASP B 447 -7.30 24.89 -34.01
N GLN B 448 -6.10 25.41 -33.73
CA GLN B 448 -5.78 25.93 -32.41
C GLN B 448 -5.08 27.28 -32.54
N LEU B 449 -5.37 28.18 -31.59
CA LEU B 449 -4.73 29.48 -31.53
C LEU B 449 -3.71 29.48 -30.39
N TYR B 450 -2.51 29.98 -30.68
CA TYR B 450 -1.37 29.85 -29.79
C TYR B 450 -0.89 31.23 -29.34
N PHE B 451 -0.74 31.40 -28.03
CA PHE B 451 -0.06 32.54 -27.44
C PHE B 451 1.13 32.05 -26.65
N VAL B 452 2.28 32.69 -26.84
CA VAL B 452 3.53 32.26 -26.22
C VAL B 452 3.74 33.03 -24.93
N CYS B 453 3.92 32.32 -23.82
CA CYS B 453 4.25 32.95 -22.55
C CYS B 453 5.75 33.13 -22.40
N HIS B 454 6.51 32.06 -22.59
CA HIS B 454 7.96 32.08 -22.51
C HIS B 454 8.55 31.54 -23.81
N GLY B 455 9.87 31.57 -23.89
CA GLY B 455 10.58 30.98 -25.02
C GLY B 455 10.65 31.88 -26.23
N VAL B 456 11.36 31.38 -27.23
CA VAL B 456 11.59 32.09 -28.49
C VAL B 456 11.33 31.11 -29.63
N LEU B 457 10.52 31.53 -30.60
CA LEU B 457 10.16 30.71 -31.74
C LEU B 457 10.65 31.38 -33.02
N GLU B 458 10.54 30.66 -34.13
CA GLU B 458 10.98 31.16 -35.43
C GLU B 458 10.03 30.66 -36.52
N GLU B 459 9.56 31.58 -37.34
CA GLU B 459 8.74 31.22 -38.49
C GLU B 459 9.65 30.85 -39.67
N ILE B 460 9.53 29.62 -40.15
CA ILE B 460 10.36 29.13 -41.25
C ILE B 460 9.51 29.07 -42.51
N GLY B 461 9.96 29.74 -43.57
CA GLY B 461 9.25 29.74 -44.83
C GLY B 461 9.96 28.98 -45.93
N GLU B 469 14.93 29.47 -44.11
CA GLU B 469 15.07 30.84 -43.64
C GLU B 469 14.04 31.15 -42.56
N ILE B 470 14.41 32.01 -41.62
CA ILE B 470 13.52 32.42 -40.53
C ILE B 470 12.77 33.67 -40.98
N VAL B 471 11.45 33.55 -41.11
CA VAL B 471 10.64 34.69 -41.52
C VAL B 471 10.58 35.73 -40.41
N ALA B 472 10.35 35.29 -39.18
CA ALA B 472 10.23 36.21 -38.05
C ALA B 472 10.46 35.45 -36.76
N VAL B 473 11.37 35.93 -35.92
CA VAL B 473 11.60 35.33 -34.61
C VAL B 473 10.51 35.80 -33.66
N LEU B 474 9.85 34.84 -33.00
CA LEU B 474 8.71 35.14 -32.16
C LEU B 474 9.16 35.45 -30.73
N GLN B 475 8.76 36.62 -30.25
CA GLN B 475 8.97 37.11 -28.90
C GLN B 475 7.82 36.68 -28.01
N PRO B 476 8.03 36.56 -26.70
CA PRO B 476 6.91 36.35 -25.79
C PRO B 476 5.87 37.46 -25.92
N ASP B 477 4.60 37.09 -25.77
CA ASP B 477 3.42 37.93 -25.97
C ASP B 477 3.18 38.26 -27.43
N HIS B 478 3.77 37.51 -28.37
CA HIS B 478 3.52 37.67 -29.80
C HIS B 478 2.76 36.43 -30.28
N SER B 479 1.46 36.59 -30.50
CA SER B 479 0.61 35.47 -30.89
C SER B 479 0.85 35.09 -32.35
N PHE B 480 0.54 33.83 -32.65
CA PHE B 480 0.63 33.32 -34.01
C PHE B 480 -0.49 32.30 -34.23
N GLY B 481 -0.83 32.09 -35.49
CA GLY B 481 -1.93 31.23 -35.86
C GLY B 481 -3.23 31.96 -36.16
N GLU B 482 -3.25 33.28 -36.03
CA GLU B 482 -4.46 34.05 -36.32
C GLU B 482 -4.82 33.98 -37.81
N ILE B 483 -3.82 33.77 -38.67
CA ILE B 483 -4.08 33.71 -40.11
C ILE B 483 -4.99 32.55 -40.45
N SER B 484 -4.71 31.37 -39.90
CA SER B 484 -5.51 30.19 -40.20
C SER B 484 -6.88 30.26 -39.52
N ILE B 485 -6.93 30.79 -38.29
CA ILE B 485 -8.18 30.80 -37.55
C ILE B 485 -9.17 31.78 -38.18
N LEU B 486 -8.69 32.97 -38.54
CA LEU B 486 -9.58 34.00 -39.05
C LEU B 486 -9.77 33.90 -40.55
N CYS B 487 -8.69 33.97 -41.32
CA CYS B 487 -8.77 33.98 -42.78
C CYS B 487 -9.01 32.60 -43.38
N ASN B 488 -8.96 31.54 -42.57
CA ASN B 488 -9.20 30.17 -43.03
C ASN B 488 -8.23 29.75 -44.14
N ILE B 489 -6.98 30.18 -44.02
CA ILE B 489 -5.92 29.82 -44.97
C ILE B 489 -4.78 29.21 -44.16
N PRO B 490 -4.25 28.05 -44.55
CA PRO B 490 -3.17 27.43 -43.77
C PRO B 490 -1.94 28.32 -43.69
N GLN B 491 -1.20 28.18 -42.59
CA GLN B 491 -0.05 29.02 -42.33
C GLN B 491 1.01 28.82 -43.43
N PRO B 492 1.47 29.90 -44.07
CA PRO B 492 2.55 29.73 -45.06
C PRO B 492 3.87 29.29 -44.45
N TYR B 493 4.08 29.53 -43.16
CA TYR B 493 5.37 29.28 -42.52
C TYR B 493 5.22 28.29 -41.39
N THR B 494 6.32 27.60 -41.08
CA THR B 494 6.38 26.70 -39.93
C THR B 494 6.98 27.44 -38.75
N VAL B 495 6.30 27.38 -37.61
CA VAL B 495 6.78 27.97 -36.38
C VAL B 495 7.52 26.88 -35.60
N ARG B 496 8.84 26.85 -35.75
CA ARG B 496 9.67 25.88 -35.06
C ARG B 496 10.12 26.44 -33.72
N VAL B 497 10.55 25.54 -32.83
CA VAL B 497 10.93 25.90 -31.48
C VAL B 497 12.45 25.75 -31.34
N ALA B 498 13.10 26.83 -30.93
CA ALA B 498 14.51 26.82 -30.56
C ALA B 498 14.73 27.04 -29.08
N GLU B 499 13.78 27.69 -28.41
CA GLU B 499 13.79 27.91 -26.98
C GLU B 499 12.55 27.27 -26.37
N LEU B 500 12.71 26.64 -25.21
CA LEU B 500 11.57 26.03 -24.55
C LEU B 500 10.52 27.07 -24.22
N CYS B 501 9.28 26.80 -24.60
CA CYS B 501 8.21 27.80 -24.57
C CYS B 501 7.01 27.27 -23.80
N ARG B 502 6.36 28.18 -23.07
CA ARG B 502 5.06 27.91 -22.47
C ARG B 502 4.00 28.51 -23.38
N ILE B 503 3.12 27.67 -23.92
CA ILE B 503 2.19 28.07 -24.97
C ILE B 503 0.76 27.89 -24.46
N LEU B 504 -0.05 28.93 -24.63
CA LEU B 504 -1.47 28.89 -24.27
C LEU B 504 -2.28 28.58 -25.52
N ARG B 505 -3.17 27.60 -25.41
CA ARG B 505 -3.94 27.12 -26.55
C ARG B 505 -5.39 27.56 -26.46
N LEU B 506 -5.92 28.07 -27.58
CA LEU B 506 -7.32 28.40 -27.71
C LEU B 506 -7.86 27.69 -28.94
N ASP B 507 -8.95 26.95 -28.78
CA ASP B 507 -9.46 26.11 -29.86
C ASP B 507 -10.08 26.95 -30.97
N LYS B 508 -10.12 26.38 -32.17
CA LYS B 508 -10.74 27.04 -33.31
C LYS B 508 -12.24 27.27 -33.06
N GLN B 509 -12.95 26.20 -32.70
CA GLN B 509 -14.40 26.28 -32.58
C GLN B 509 -14.80 27.22 -31.46
N SER B 510 -14.02 27.27 -30.37
CA SER B 510 -14.32 28.17 -29.27
C SER B 510 -14.17 29.63 -29.70
N PHE B 511 -13.20 29.92 -30.57
CA PHE B 511 -12.88 31.31 -30.88
C PHE B 511 -13.99 31.97 -31.70
N MET B 512 -14.56 31.25 -32.67
CA MET B 512 -15.63 31.85 -33.47
C MET B 512 -16.85 32.17 -32.62
N ASN B 513 -17.17 31.30 -31.65
CA ASN B 513 -18.29 31.59 -30.76
C ASN B 513 -18.06 32.89 -29.99
N ILE B 514 -16.82 33.16 -29.61
CA ILE B 514 -16.51 34.42 -28.95
C ILE B 514 -16.60 35.57 -29.95
N LEU B 515 -16.10 35.37 -31.18
CA LEU B 515 -16.19 36.41 -32.19
C LEU B 515 -17.64 36.67 -32.60
N GLU B 516 -18.45 35.61 -32.72
CA GLU B 516 -19.84 35.79 -33.12
C GLU B 516 -20.62 36.60 -32.09
N ILE B 517 -20.40 36.33 -30.80
CA ILE B 517 -21.09 37.08 -29.76
C ILE B 517 -20.57 38.51 -29.70
N PHE B 518 -19.26 38.67 -29.53
CA PHE B 518 -18.63 39.99 -29.49
C PHE B 518 -18.16 40.36 -30.90
N PHE B 519 -19.14 40.62 -31.77
CA PHE B 519 -18.84 40.92 -33.17
C PHE B 519 -18.08 42.24 -33.30
N HIS B 520 -18.44 43.24 -32.49
CA HIS B 520 -17.72 44.51 -32.52
C HIS B 520 -16.28 44.33 -32.09
N ASP B 521 -16.04 43.48 -31.08
CA ASP B 521 -14.67 43.17 -30.68
C ASP B 521 -13.92 42.45 -31.80
N GLY B 522 -14.61 41.60 -32.55
CA GLY B 522 -13.98 40.94 -33.68
C GLY B 522 -13.56 41.93 -34.76
N ARG B 523 -14.37 42.98 -34.98
CA ARG B 523 -14.00 43.99 -35.96
C ARG B 523 -12.72 44.72 -35.57
N ARG B 524 -12.56 45.01 -34.27
CA ARG B 524 -11.31 45.60 -33.81
C ARG B 524 -10.14 44.67 -34.04
N ILE B 525 -10.36 43.36 -33.89
CA ILE B 525 -9.32 42.38 -34.17
C ILE B 525 -8.92 42.45 -35.64
N LEU B 526 -9.90 42.55 -36.54
CA LEU B 526 -9.60 42.68 -37.96
C LEU B 526 -8.85 43.98 -38.25
N ASN B 527 -9.26 45.07 -37.60
CA ASN B 527 -8.56 46.34 -37.78
C ASN B 527 -7.12 46.25 -37.30
N ASN B 528 -6.89 45.61 -36.15
CA ASN B 528 -5.53 45.45 -35.65
C ASN B 528 -4.70 44.59 -36.60
N LEU B 529 -5.31 43.54 -37.15
CA LEU B 529 -4.61 42.70 -38.13
C LEU B 529 -4.26 43.49 -39.38
N LEU B 530 -5.18 44.33 -39.85
CA LEU B 530 -4.92 45.15 -41.03
C LEU B 530 -3.81 46.17 -40.76
N GLU B 531 -3.79 46.76 -39.58
CA GLU B 531 -2.76 47.74 -39.25
C GLU B 531 -1.37 47.11 -39.25
N GLY B 532 -1.26 45.90 -38.69
CA GLY B 532 0.03 45.22 -38.66
C GLY B 532 0.43 44.62 -39.98
N LYS B 533 -0.51 44.44 -40.90
CA LYS B 533 -0.21 43.85 -42.20
C LYS B 533 -0.56 44.81 -43.33
N HIS C 85 -29.98 -16.67 27.94
CA HIS C 85 -30.53 -17.57 26.94
C HIS C 85 -30.72 -16.86 25.58
N PRO C 86 -31.28 -15.62 25.58
CA PRO C 86 -31.32 -14.86 24.32
C PRO C 86 -30.05 -14.07 24.06
N ASP C 87 -28.97 -14.41 24.77
CA ASP C 87 -27.73 -13.64 24.76
C ASP C 87 -27.98 -12.21 25.26
N ASN C 88 -28.63 -12.12 26.41
CA ASN C 88 -28.97 -10.84 27.02
C ASN C 88 -27.76 -10.29 27.77
N ARG C 89 -28.00 -9.28 28.63
CA ARG C 89 -26.91 -8.66 29.36
C ARG C 89 -26.24 -9.63 30.33
N TRP C 90 -27.01 -10.57 30.89
CA TRP C 90 -26.45 -11.50 31.88
C TRP C 90 -25.42 -12.42 31.23
N TYR C 91 -25.72 -12.94 30.04
CA TYR C 91 -24.77 -13.80 29.35
C TYR C 91 -23.51 -13.04 28.97
N LYS C 92 -23.65 -11.78 28.55
CA LYS C 92 -22.49 -10.99 28.17
C LYS C 92 -21.56 -10.76 29.36
N ALA C 93 -22.11 -10.62 30.56
CA ALA C 93 -21.27 -10.52 31.75
C ALA C 93 -20.48 -11.79 31.99
N TRP C 94 -21.12 -12.95 31.79
CA TRP C 94 -20.42 -14.23 31.96
C TRP C 94 -19.29 -14.37 30.95
N THR C 95 -19.53 -13.99 29.69
CA THR C 95 -18.47 -14.07 28.69
C THR C 95 -17.29 -13.19 29.06
N MET C 96 -17.54 -12.08 29.77
CA MET C 96 -16.45 -11.27 30.30
C MET C 96 -15.83 -11.93 31.53
N PHE C 97 -16.63 -12.64 32.33
CA PHE C 97 -16.10 -13.34 33.50
C PHE C 97 -15.21 -14.49 33.09
N ILE C 98 -15.66 -15.33 32.15
CA ILE C 98 -14.86 -16.44 31.69
C ILE C 98 -13.63 -15.95 30.92
N LEU C 99 -13.75 -14.78 30.27
CA LEU C 99 -12.60 -14.21 29.59
C LEU C 99 -11.48 -13.91 30.56
N ILE C 100 -11.80 -13.41 31.77
CA ILE C 100 -10.79 -13.25 32.79
C ILE C 100 -10.20 -14.60 33.19
N TRP C 101 -11.06 -15.61 33.35
CA TRP C 101 -10.57 -16.96 33.64
C TRP C 101 -9.78 -17.53 32.47
N ALA C 102 -10.19 -17.21 31.23
CA ALA C 102 -9.44 -17.68 30.06
C ALA C 102 -8.05 -17.07 30.03
N LEU C 103 -7.92 -15.80 30.40
CA LEU C 103 -6.60 -15.18 30.48
C LEU C 103 -5.75 -15.85 31.55
N TYR C 104 -6.34 -16.15 32.71
CA TYR C 104 -5.61 -16.84 33.76
C TYR C 104 -5.25 -18.26 33.34
N SER C 105 -6.24 -19.03 32.86
CA SER C 105 -6.01 -20.44 32.56
C SER C 105 -5.05 -20.62 31.39
N SER C 106 -5.06 -19.71 30.42
CA SER C 106 -4.12 -19.81 29.31
C SER C 106 -2.71 -19.43 29.73
N PHE C 107 -2.58 -18.45 30.63
CA PHE C 107 -1.26 -18.04 31.10
C PHE C 107 -0.70 -19.01 32.13
N PHE C 108 -1.56 -19.50 33.03
CA PHE C 108 -1.09 -20.32 34.15
C PHE C 108 -0.75 -21.74 33.74
N THR C 109 -1.42 -22.27 32.72
CA THR C 109 -1.20 -23.67 32.33
C THR C 109 0.24 -23.95 31.90
N PRO C 110 0.86 -23.18 30.98
CA PRO C 110 2.28 -23.45 30.69
C PRO C 110 3.18 -23.29 31.89
N LEU C 111 2.89 -22.31 32.75
CA LEU C 111 3.65 -22.19 34.00
C LEU C 111 3.45 -23.40 34.89
N GLU C 112 2.21 -23.90 34.96
CA GLU C 112 1.95 -25.14 35.69
C GLU C 112 2.62 -26.33 35.02
N PHE C 113 2.59 -26.37 33.69
CA PHE C 113 3.15 -27.52 32.97
C PHE C 113 4.66 -27.60 33.12
N GLY C 114 5.36 -26.48 32.88
CA GLY C 114 6.80 -26.49 32.84
C GLY C 114 7.48 -26.38 34.20
N PHE C 115 7.04 -25.41 35.00
CA PHE C 115 7.71 -25.09 36.25
C PHE C 115 7.18 -25.86 37.45
N PHE C 116 6.21 -26.76 37.25
CA PHE C 116 5.60 -27.48 38.36
C PHE C 116 5.34 -28.93 37.95
N ARG C 117 5.94 -29.86 38.69
CA ARG C 117 5.54 -31.26 38.54
C ARG C 117 4.14 -31.47 39.09
N GLY C 118 3.89 -30.97 40.30
CA GLY C 118 2.56 -30.99 40.87
C GLY C 118 2.34 -29.74 41.69
N LEU C 119 1.14 -29.17 41.57
CA LEU C 119 0.85 -27.91 42.22
C LEU C 119 0.87 -28.08 43.74
N PRO C 120 1.46 -27.15 44.49
CA PRO C 120 1.40 -27.23 45.95
C PRO C 120 -0.02 -27.06 46.45
N GLU C 121 -0.21 -27.35 47.74
CA GLU C 121 -1.53 -27.26 48.35
C GLU C 121 -2.07 -25.85 48.33
N ASN C 122 -1.21 -24.82 48.24
CA ASN C 122 -1.69 -23.45 48.15
C ASN C 122 -2.46 -23.23 46.85
N LEU C 123 -1.98 -23.79 45.75
CA LEU C 123 -2.61 -23.61 44.45
C LEU C 123 -3.65 -24.68 44.13
N PHE C 124 -3.91 -25.60 45.06
CA PHE C 124 -4.95 -26.61 44.84
C PHE C 124 -6.32 -25.94 44.73
N ILE C 125 -6.62 -24.99 45.62
CA ILE C 125 -7.91 -24.33 45.60
C ILE C 125 -8.07 -23.47 44.35
N LEU C 126 -6.99 -22.82 43.92
CA LEU C 126 -7.07 -21.88 42.81
C LEU C 126 -7.47 -22.59 41.51
N ASP C 127 -6.92 -23.77 41.26
CA ASP C 127 -7.30 -24.51 40.05
C ASP C 127 -8.70 -25.10 40.15
N ILE C 128 -9.15 -25.46 41.35
CA ILE C 128 -10.50 -25.98 41.51
C ILE C 128 -11.53 -24.93 41.10
N ALA C 129 -11.32 -23.68 41.52
CA ALA C 129 -12.21 -22.61 41.11
C ALA C 129 -12.15 -22.39 39.60
N GLY C 130 -10.95 -22.50 39.01
CA GLY C 130 -10.82 -22.29 37.58
C GLY C 130 -11.58 -23.32 36.76
N GLN C 131 -11.45 -24.59 37.12
CA GLN C 131 -12.15 -25.64 36.39
C GLN C 131 -13.66 -25.56 36.62
N ILE C 132 -14.07 -25.23 37.84
CA ILE C 132 -15.50 -25.08 38.13
C ILE C 132 -16.10 -23.94 37.32
N ALA C 133 -15.37 -22.83 37.21
CA ALA C 133 -15.86 -21.69 36.43
C ALA C 133 -16.04 -22.08 34.96
N PHE C 134 -15.10 -22.85 34.40
CA PHE C 134 -15.26 -23.33 33.04
C PHE C 134 -16.28 -24.46 32.96
N LEU C 135 -16.44 -25.24 34.02
CA LEU C 135 -17.46 -26.29 34.04
C LEU C 135 -18.86 -25.68 33.96
N VAL C 136 -19.09 -24.57 34.67
CA VAL C 136 -20.37 -23.87 34.59
C VAL C 136 -20.58 -23.34 33.19
N ASP C 137 -19.50 -22.89 32.53
CA ASP C 137 -19.61 -22.41 31.15
C ASP C 137 -20.08 -23.52 30.21
N ILE C 138 -19.73 -24.77 30.50
CA ILE C 138 -20.20 -25.88 29.67
C ILE C 138 -21.71 -26.01 29.76
N VAL C 139 -22.26 -25.91 30.98
CA VAL C 139 -23.70 -25.99 31.16
C VAL C 139 -24.38 -24.77 30.56
N LEU C 140 -23.81 -23.59 30.76
CA LEU C 140 -24.41 -22.36 30.23
C LEU C 140 -24.46 -22.36 28.72
N THR C 141 -23.42 -22.89 28.07
CA THR C 141 -23.40 -22.96 26.62
C THR C 141 -24.53 -23.86 26.09
N PHE C 142 -24.88 -24.92 26.84
CA PHE C 142 -26.04 -25.73 26.49
C PHE C 142 -27.34 -24.92 26.54
N PHE C 143 -27.34 -23.77 27.23
CA PHE C 143 -28.51 -22.92 27.32
C PHE C 143 -28.41 -21.65 26.49
N VAL C 144 -27.20 -21.37 25.98
CA VAL C 144 -26.94 -20.20 25.09
C VAL C 144 -27.76 -20.35 23.81
N ALA C 145 -27.94 -19.24 23.10
CA ALA C 145 -28.63 -19.29 21.82
C ALA C 145 -27.75 -19.93 20.74
N TYR C 146 -28.31 -20.05 19.54
CA TYR C 146 -27.66 -20.72 18.42
C TYR C 146 -27.63 -19.76 17.24
N ARG C 147 -26.43 -19.40 16.80
CA ARG C 147 -26.22 -18.49 15.68
C ARG C 147 -25.73 -19.31 14.49
N ASP C 148 -26.57 -19.44 13.47
CA ASP C 148 -26.23 -20.16 12.25
C ASP C 148 -26.03 -19.18 11.11
N SER C 149 -24.91 -19.35 10.39
CA SER C 149 -24.50 -18.34 9.40
C SER C 149 -25.48 -18.24 8.24
N ARG C 150 -25.95 -19.38 7.72
CA ARG C 150 -26.74 -19.36 6.49
C ARG C 150 -28.08 -18.65 6.69
N THR C 151 -28.74 -18.88 7.83
CA THR C 151 -30.08 -18.38 8.02
C THR C 151 -30.16 -17.09 8.82
N TYR C 152 -29.09 -16.75 9.56
CA TYR C 152 -29.02 -15.48 10.31
C TYR C 152 -30.20 -15.30 11.26
N ARG C 153 -30.41 -16.29 12.12
CA ARG C 153 -31.49 -16.22 13.10
C ARG C 153 -31.04 -16.79 14.43
N MET C 154 -31.75 -16.37 15.48
CA MET C 154 -31.55 -16.90 16.83
C MET C 154 -32.60 -17.96 17.07
N ILE C 155 -32.22 -19.24 16.97
CA ILE C 155 -33.14 -20.35 17.14
C ILE C 155 -33.03 -20.84 18.57
N TYR C 156 -34.18 -20.94 19.24
CA TYR C 156 -34.23 -21.21 20.67
C TYR C 156 -34.54 -22.67 21.00
N LYS C 157 -34.67 -23.54 20.00
CA LYS C 157 -34.98 -24.94 20.27
C LYS C 157 -33.79 -25.62 20.92
N ARG C 158 -34.06 -26.29 22.04
CA ARG C 158 -32.97 -26.88 22.84
C ARG C 158 -32.26 -27.99 22.07
N SER C 159 -33.02 -28.83 21.37
CA SER C 159 -32.43 -29.98 20.69
C SER C 159 -31.39 -29.56 19.66
N SER C 160 -31.69 -28.53 18.88
CA SER C 160 -30.70 -28.02 17.93
C SER C 160 -29.55 -27.32 18.63
N ILE C 161 -29.82 -26.73 19.79
CA ILE C 161 -28.79 -25.97 20.50
C ILE C 161 -27.69 -26.90 21.03
N ALA C 162 -28.10 -27.99 21.66
CA ALA C 162 -27.12 -28.96 22.20
C ALA C 162 -26.32 -29.54 21.04
N LEU C 163 -27.02 -30.02 20.00
CA LEU C 163 -26.35 -30.70 18.87
C LEU C 163 -25.15 -29.90 18.39
N ARG C 164 -25.32 -28.60 18.11
CA ARG C 164 -24.23 -27.84 17.53
C ARG C 164 -22.98 -27.92 18.39
N TYR C 165 -23.13 -27.74 19.71
CA TYR C 165 -21.96 -27.68 20.59
C TYR C 165 -21.22 -29.01 20.62
N LEU C 166 -21.96 -30.13 20.64
CA LEU C 166 -21.34 -31.44 20.80
C LEU C 166 -20.36 -31.72 19.66
N LYS C 167 -20.74 -31.39 18.43
CA LYS C 167 -19.82 -31.58 17.30
C LYS C 167 -18.76 -30.49 17.28
N SER C 168 -19.09 -29.29 17.77
CA SER C 168 -18.19 -28.14 17.66
C SER C 168 -17.46 -27.94 18.99
N THR C 169 -16.32 -28.63 19.13
CA THR C 169 -15.37 -28.41 20.22
C THR C 169 -16.02 -28.52 21.60
N PHE C 170 -16.79 -29.58 21.80
CA PHE C 170 -17.29 -29.86 23.14
C PHE C 170 -16.39 -30.85 23.89
N ILE C 171 -15.78 -31.79 23.15
CA ILE C 171 -14.86 -32.74 23.78
C ILE C 171 -13.64 -32.00 24.32
N ILE C 172 -13.12 -31.04 23.56
CA ILE C 172 -11.95 -30.27 24.01
C ILE C 172 -12.27 -29.50 25.28
N ASP C 173 -13.46 -28.90 25.34
CA ASP C 173 -13.87 -28.17 26.54
C ASP C 173 -13.98 -29.10 27.74
N LEU C 174 -14.57 -30.27 27.55
CA LEU C 174 -14.60 -31.27 28.63
C LEU C 174 -13.21 -31.76 28.97
N LEU C 175 -12.38 -32.00 27.95
CA LEU C 175 -11.03 -32.49 28.20
C LEU C 175 -10.20 -31.47 28.96
N ALA C 176 -10.33 -30.19 28.61
CA ALA C 176 -9.60 -29.16 29.33
C ALA C 176 -10.15 -28.96 30.74
N CYS C 177 -11.42 -29.30 30.97
CA CYS C 177 -12.03 -29.15 32.28
C CYS C 177 -11.70 -30.30 33.23
N MET C 178 -11.16 -31.40 32.72
CA MET C 178 -10.87 -32.55 33.58
C MET C 178 -9.71 -32.21 34.51
N PRO C 179 -9.72 -32.74 35.74
CA PRO C 179 -8.63 -32.43 36.67
C PRO C 179 -7.36 -33.19 36.36
N TRP C 180 -6.57 -32.68 35.40
CA TRP C 180 -5.35 -33.37 35.01
C TRP C 180 -4.29 -33.31 36.10
N ASP C 181 -4.38 -32.36 37.04
CA ASP C 181 -3.47 -32.35 38.18
C ASP C 181 -3.77 -33.53 39.09
N ILE C 182 -5.05 -33.73 39.45
CA ILE C 182 -5.41 -34.78 40.38
C ILE C 182 -5.16 -36.16 39.76
N ILE C 183 -5.44 -36.30 38.47
CA ILE C 183 -5.16 -37.55 37.78
C ILE C 183 -3.66 -37.83 37.76
N TYR C 184 -2.85 -36.78 37.60
CA TYR C 184 -1.41 -36.95 37.54
C TYR C 184 -0.87 -37.55 38.84
N LYS C 185 -1.28 -36.99 39.98
CA LYS C 185 -0.87 -37.56 41.27
C LYS C 185 -1.50 -38.92 41.50
N ALA C 186 -2.77 -39.08 41.14
CA ALA C 186 -3.46 -40.35 41.37
C ALA C 186 -2.85 -41.47 40.55
N ALA C 187 -2.49 -41.20 39.30
CA ALA C 187 -1.95 -42.23 38.43
C ALA C 187 -0.56 -42.71 38.87
N GLY C 188 0.12 -41.95 39.72
CA GLY C 188 1.44 -42.35 40.17
C GLY C 188 2.54 -41.42 39.71
N GLU C 189 2.21 -40.13 39.57
CA GLU C 189 3.17 -39.11 39.13
C GLU C 189 3.79 -39.46 37.78
N LYS C 190 2.94 -39.87 36.84
CA LYS C 190 3.37 -40.24 35.50
C LYS C 190 3.34 -39.01 34.60
N GLU C 191 4.49 -38.67 34.02
CA GLU C 191 4.64 -37.42 33.30
C GLU C 191 3.92 -37.42 31.94
N GLU C 192 3.64 -38.59 31.37
CA GLU C 192 2.91 -38.61 30.10
C GLU C 192 1.47 -38.14 30.28
N VAL C 193 0.89 -38.35 31.46
CA VAL C 193 -0.43 -37.81 31.74
C VAL C 193 -0.38 -36.29 31.82
N ARG C 194 0.71 -35.73 32.36
CA ARG C 194 0.84 -34.29 32.50
C ARG C 194 1.02 -33.57 31.18
N TYR C 195 1.37 -34.29 30.10
CA TYR C 195 1.38 -33.68 28.78
C TYR C 195 -0.01 -33.27 28.33
N LEU C 196 -1.05 -33.81 28.95
CA LEU C 196 -2.42 -33.50 28.57
C LEU C 196 -2.94 -32.24 29.23
N LEU C 197 -2.12 -31.54 30.03
CA LEU C 197 -2.49 -30.23 30.52
C LEU C 197 -2.45 -29.18 29.42
N LEU C 198 -1.73 -29.44 28.33
CA LEU C 198 -1.55 -28.46 27.27
C LEU C 198 -2.79 -28.27 26.41
N ILE C 199 -3.82 -29.11 26.56
CA ILE C 199 -5.08 -28.88 25.86
C ILE C 199 -5.84 -27.70 26.45
N ARG C 200 -5.45 -27.22 27.62
CA ARG C 200 -5.99 -25.99 28.18
C ARG C 200 -5.46 -24.75 27.48
N LEU C 201 -4.47 -24.90 26.60
CA LEU C 201 -4.01 -23.81 25.74
C LEU C 201 -5.05 -23.41 24.72
N TYR C 202 -6.06 -24.25 24.48
CA TYR C 202 -7.17 -23.85 23.63
C TYR C 202 -7.95 -22.69 24.22
N ARG C 203 -7.88 -22.50 25.54
CA ARG C 203 -8.60 -21.42 26.19
C ARG C 203 -8.08 -20.03 25.82
N VAL C 204 -6.90 -19.94 25.20
CA VAL C 204 -6.43 -18.64 24.74
C VAL C 204 -7.18 -18.20 23.48
N HIS C 205 -7.77 -19.16 22.74
CA HIS C 205 -8.61 -18.80 21.60
C HIS C 205 -9.86 -18.07 22.04
N ARG C 206 -10.32 -18.29 23.28
CA ARG C 206 -11.44 -17.52 23.81
C ARG C 206 -11.09 -16.04 23.91
N VAL C 207 -9.85 -15.75 24.34
CA VAL C 207 -9.38 -14.36 24.35
C VAL C 207 -9.24 -13.82 22.93
N ILE C 208 -8.82 -14.68 21.99
CA ILE C 208 -8.69 -14.27 20.61
C ILE C 208 -10.04 -13.88 20.03
N LEU C 209 -11.09 -14.61 20.41
CA LEU C 209 -12.44 -14.25 19.97
C LEU C 209 -12.83 -12.86 20.47
N PHE C 210 -12.47 -12.54 21.72
CA PHE C 210 -12.78 -11.22 22.25
C PHE C 210 -12.01 -10.14 21.49
N PHE C 211 -10.80 -10.43 21.03
CA PHE C 211 -10.07 -9.47 20.21
C PHE C 211 -10.73 -9.31 18.84
N HIS C 212 -11.20 -10.41 18.25
CA HIS C 212 -11.91 -10.33 16.99
C HIS C 212 -13.21 -9.54 17.13
N LYS C 213 -13.93 -9.76 18.24
CA LYS C 213 -15.14 -9.01 18.49
C LYS C 213 -14.84 -7.53 18.73
N MET C 214 -13.71 -7.22 19.34
CA MET C 214 -13.31 -5.82 19.52
C MET C 214 -13.05 -5.15 18.18
N GLU C 215 -12.51 -5.88 17.21
CA GLU C 215 -12.30 -5.31 15.88
C GLU C 215 -13.60 -4.89 15.24
N LYS C 216 -14.69 -5.61 15.53
CA LYS C 216 -15.97 -5.32 14.92
C LYS C 216 -16.54 -3.98 15.43
N ASP C 217 -16.06 -3.53 16.59
CA ASP C 217 -16.54 -2.27 17.14
C ASP C 217 -16.02 -1.10 16.31
N ILE C 218 -16.92 -0.17 15.98
CA ILE C 218 -16.55 0.96 15.14
C ILE C 218 -15.69 1.94 15.92
N ARG C 219 -16.00 2.16 17.20
CA ARG C 219 -15.35 3.19 18.00
C ARG C 219 -13.85 2.94 18.18
N ILE C 220 -13.48 1.71 18.51
CA ILE C 220 -12.09 1.38 18.79
C ILE C 220 -11.27 1.48 17.51
N ASN C 221 -10.13 2.17 17.59
CA ASN C 221 -9.25 2.30 16.44
C ASN C 221 -8.76 0.94 15.97
N TYR C 222 -8.87 0.71 14.66
CA TYR C 222 -8.51 -0.60 14.11
C TYR C 222 -7.02 -0.89 14.27
N LEU C 223 -6.18 0.12 14.09
CA LEU C 223 -4.74 -0.07 14.26
C LEU C 223 -4.42 -0.46 15.70
N PHE C 224 -5.14 0.13 16.67
CA PHE C 224 -4.89 -0.18 18.07
C PHE C 224 -5.24 -1.63 18.39
N THR C 225 -6.44 -2.07 17.98
CA THR C 225 -6.87 -3.42 18.33
C THR C 225 -6.17 -4.50 17.51
N ARG C 226 -5.57 -4.15 16.37
CA ARG C 226 -4.77 -5.11 15.62
C ARG C 226 -3.31 -5.10 16.05
N ILE C 227 -2.93 -4.16 16.91
CA ILE C 227 -1.61 -4.17 17.53
C ILE C 227 -1.63 -4.91 18.86
N VAL C 228 -2.65 -4.65 19.69
CA VAL C 228 -2.78 -5.37 20.95
C VAL C 228 -3.04 -6.85 20.71
N LYS C 229 -3.82 -7.19 19.68
CA LYS C 229 -4.08 -8.58 19.37
C LYS C 229 -2.82 -9.32 18.96
N LEU C 230 -1.95 -8.69 18.18
CA LEU C 230 -0.70 -9.30 17.76
C LEU C 230 0.44 -9.07 18.73
N ILE C 231 0.24 -8.23 19.75
CA ILE C 231 1.18 -8.11 20.85
C ILE C 231 0.79 -9.01 22.01
N PHE C 232 -0.44 -9.53 22.01
CA PHE C 232 -0.85 -10.57 22.94
C PHE C 232 -0.55 -11.96 22.41
N VAL C 233 -0.70 -12.18 21.10
CA VAL C 233 -0.29 -13.46 20.51
C VAL C 233 1.22 -13.63 20.62
N GLU C 234 1.99 -12.57 20.35
CA GLU C 234 3.43 -12.63 20.55
C GLU C 234 3.77 -12.84 22.02
N LEU C 235 3.08 -12.13 22.92
CA LEU C 235 3.32 -12.31 24.34
C LEU C 235 2.94 -13.71 24.81
N TYR C 236 1.81 -14.23 24.33
CA TYR C 236 1.40 -15.57 24.74
C TYR C 236 2.33 -16.64 24.18
N CYS C 237 2.68 -16.54 22.90
CA CYS C 237 3.62 -17.50 22.33
C CYS C 237 4.99 -17.40 22.95
N THR C 238 5.37 -16.22 23.46
CA THR C 238 6.60 -16.05 24.21
C THR C 238 6.49 -16.64 25.61
N HIS C 239 5.35 -16.43 26.27
CA HIS C 239 5.13 -17.02 27.58
C HIS C 239 5.11 -18.54 27.50
N THR C 240 4.46 -19.09 26.48
CA THR C 240 4.44 -20.55 26.31
C THR C 240 5.84 -21.08 26.02
N ALA C 241 6.57 -20.42 25.11
CA ALA C 241 7.92 -20.87 24.78
C ALA C 241 8.84 -20.77 25.99
N ALA C 242 8.65 -19.76 26.84
CA ALA C 242 9.45 -19.64 28.05
C ALA C 242 9.18 -20.79 29.00
N CYS C 243 7.95 -21.30 29.04
CA CYS C 243 7.59 -22.37 29.96
C CYS C 243 7.93 -23.75 29.41
N ILE C 244 7.97 -23.92 28.08
CA ILE C 244 8.40 -25.19 27.50
C ILE C 244 9.92 -25.31 27.44
N PHE C 245 10.63 -24.20 27.27
CA PHE C 245 12.09 -24.25 27.30
C PHE C 245 12.60 -24.66 28.67
N TYR C 246 11.97 -24.17 29.74
CA TYR C 246 12.32 -24.62 31.08
C TYR C 246 11.98 -26.10 31.28
N TYR C 247 10.86 -26.56 30.71
CA TYR C 247 10.49 -27.96 30.85
C TYR C 247 11.54 -28.87 30.21
N LEU C 248 12.05 -28.48 29.04
CA LEU C 248 13.09 -29.25 28.37
C LEU C 248 14.36 -29.33 29.19
N ALA C 249 14.62 -28.37 30.07
CA ALA C 249 15.73 -28.46 31.01
C ALA C 249 15.46 -29.42 32.15
N THR C 250 14.19 -29.59 32.54
CA THR C 250 13.82 -30.53 33.59
C THR C 250 13.62 -31.94 33.07
N THR C 251 13.62 -32.15 31.75
CA THR C 251 13.49 -33.49 31.21
C THR C 251 14.71 -34.36 31.50
N LEU C 252 15.84 -33.75 31.84
CA LEU C 252 17.04 -34.47 32.23
C LEU C 252 17.08 -34.64 33.75
N PRO C 253 17.76 -35.66 34.25
CA PRO C 253 17.96 -35.78 35.70
C PRO C 253 18.83 -34.63 36.21
N ALA C 254 18.70 -34.36 37.51
CA ALA C 254 19.46 -33.28 38.13
C ALA C 254 20.97 -33.50 38.07
N SER C 255 21.43 -34.72 37.82
CA SER C 255 22.86 -34.98 37.70
C SER C 255 23.43 -34.40 36.42
N GLN C 256 22.59 -34.22 35.40
CA GLN C 256 23.00 -33.68 34.11
C GLN C 256 22.55 -32.23 33.95
N GLU C 257 22.59 -31.47 35.05
CA GLU C 257 22.21 -30.06 34.99
C GLU C 257 23.14 -29.26 34.11
N GLY C 258 24.41 -29.66 33.99
CA GLY C 258 25.36 -28.91 33.20
C GLY C 258 25.11 -28.95 31.70
N TYR C 259 24.25 -29.87 31.24
CA TYR C 259 23.92 -29.98 29.83
C TYR C 259 22.55 -29.37 29.51
N THR C 260 22.09 -28.44 30.32
CA THR C 260 20.83 -27.74 30.09
C THR C 260 21.09 -26.28 29.77
N TRP C 261 20.03 -25.57 29.37
CA TRP C 261 20.15 -24.15 29.09
C TRP C 261 20.18 -23.31 30.35
N ILE C 262 19.75 -23.86 31.50
CA ILE C 262 19.71 -23.12 32.74
C ILE C 262 20.71 -23.63 33.77
N GLY C 263 20.94 -24.95 33.85
CA GLY C 263 21.89 -25.47 34.81
C GLY C 263 23.32 -25.08 34.50
N SER C 264 23.62 -24.78 33.24
CA SER C 264 24.92 -24.31 32.82
C SER C 264 24.96 -22.79 32.64
N LEU C 265 24.00 -22.08 33.22
CA LEU C 265 23.86 -20.64 33.05
C LEU C 265 24.46 -19.93 34.26
N LYS C 266 25.46 -19.09 34.02
CA LYS C 266 26.02 -18.21 35.03
C LYS C 266 25.90 -16.78 34.52
N LEU C 267 25.25 -15.92 35.30
CA LEU C 267 25.04 -14.53 34.94
C LEU C 267 25.64 -13.66 36.05
N GLY C 268 26.68 -12.91 35.70
CA GLY C 268 27.40 -12.16 36.72
C GLY C 268 28.01 -13.10 37.73
N ASP C 269 27.83 -12.78 39.01
CA ASP C 269 28.29 -13.65 40.08
C ASP C 269 27.28 -14.75 40.41
N TYR C 270 26.05 -14.64 39.91
CA TYR C 270 25.04 -15.66 40.19
C TYR C 270 25.21 -16.85 39.27
N SER C 271 25.20 -18.05 39.85
CA SER C 271 25.32 -19.29 39.10
C SER C 271 24.06 -20.13 39.35
N TYR C 272 23.41 -20.55 38.26
CA TYR C 272 22.23 -21.41 38.34
C TYR C 272 22.66 -22.88 38.47
N SER C 273 23.46 -23.14 39.51
CA SER C 273 24.05 -24.47 39.68
C SER C 273 22.97 -25.53 39.89
N LYS C 274 22.07 -25.31 40.84
CA LYS C 274 20.93 -26.19 41.10
C LYS C 274 19.68 -25.38 40.84
N PHE C 275 19.23 -25.37 39.59
CA PHE C 275 18.14 -24.49 39.19
C PHE C 275 16.79 -24.92 39.74
N ARG C 276 16.64 -26.19 40.13
CA ARG C 276 15.36 -26.65 40.64
C ARG C 276 15.10 -26.15 42.06
N GLU C 277 16.16 -25.77 42.79
CA GLU C 277 15.99 -25.25 44.14
C GLU C 277 15.82 -23.73 44.18
N ILE C 278 15.99 -23.04 43.06
CA ILE C 278 15.77 -21.60 43.04
C ILE C 278 14.28 -21.32 43.10
N ASP C 279 13.92 -20.14 43.62
CA ASP C 279 12.53 -19.75 43.72
C ASP C 279 11.92 -19.62 42.32
N LEU C 280 10.59 -19.75 42.27
CA LEU C 280 9.89 -19.87 40.99
C LEU C 280 10.08 -18.64 40.12
N TRP C 281 10.00 -17.44 40.72
CA TRP C 281 9.97 -16.23 39.89
C TRP C 281 11.34 -15.89 39.34
N THR C 282 12.42 -16.43 39.91
CA THR C 282 13.73 -16.29 39.28
C THR C 282 13.83 -17.20 38.06
N ARG C 283 13.31 -18.43 38.17
CA ARG C 283 13.33 -19.35 37.04
C ARG C 283 12.45 -18.83 35.90
N TYR C 284 11.26 -18.32 36.22
CA TYR C 284 10.36 -17.84 35.19
C TYR C 284 10.91 -16.59 34.51
N THR C 285 11.41 -15.64 35.32
CA THR C 285 11.97 -14.42 34.73
C THR C 285 13.16 -14.74 33.84
N THR C 286 14.04 -15.64 34.28
CA THR C 286 15.16 -16.06 33.45
C THR C 286 14.67 -16.72 32.16
N SER C 287 13.67 -17.59 32.27
CA SER C 287 13.12 -18.23 31.08
C SER C 287 12.38 -17.23 30.20
N MET C 288 11.58 -16.35 30.82
CA MET C 288 10.81 -15.39 30.05
C MET C 288 11.73 -14.34 29.41
N TYR C 289 12.83 -14.01 30.09
CA TYR C 289 13.83 -13.10 29.53
C TYR C 289 14.45 -13.69 28.27
N PHE C 290 14.77 -14.99 28.30
CA PHE C 290 15.31 -15.66 27.12
C PHE C 290 14.31 -15.66 25.98
N ALA C 291 13.04 -15.94 26.29
CA ALA C 291 12.04 -16.04 25.24
C ALA C 291 11.72 -14.67 24.64
N VAL C 292 11.64 -13.63 25.48
CA VAL C 292 11.41 -12.28 24.97
C VAL C 292 12.57 -11.82 24.10
N VAL C 293 13.80 -12.07 24.55
CA VAL C 293 14.97 -11.68 23.79
C VAL C 293 15.01 -12.41 22.46
N THR C 294 14.65 -13.70 22.47
CA THR C 294 14.52 -14.45 21.22
C THR C 294 13.34 -13.93 20.39
N MET C 295 12.25 -13.52 21.06
CA MET C 295 11.06 -13.10 20.34
C MET C 295 11.33 -11.87 19.49
N ALA C 296 12.06 -10.90 20.01
CA ALA C 296 12.41 -9.70 19.26
C ALA C 296 13.67 -9.85 18.44
N THR C 297 14.26 -11.06 18.42
CA THR C 297 15.48 -11.35 17.68
C THR C 297 16.65 -10.49 18.14
N VAL C 298 16.61 -10.05 19.40
CA VAL C 298 17.78 -9.36 19.97
C VAL C 298 18.94 -10.33 20.13
N GLY C 299 18.68 -11.49 20.72
CA GLY C 299 19.66 -12.55 20.84
C GLY C 299 20.97 -12.17 21.51
N TYR C 300 20.91 -11.87 22.81
CA TYR C 300 22.14 -11.55 23.54
C TYR C 300 23.11 -12.73 23.51
N GLY C 301 22.61 -13.94 23.74
CA GLY C 301 23.45 -15.12 23.80
C GLY C 301 23.94 -15.48 25.17
N ASP C 302 23.65 -14.67 26.19
CA ASP C 302 23.95 -15.08 27.56
C ASP C 302 23.16 -16.32 27.94
N ILE C 303 21.89 -16.37 27.53
CA ILE C 303 21.04 -17.55 27.69
C ILE C 303 20.79 -18.10 26.30
N HIS C 304 21.14 -19.37 26.09
CA HIS C 304 20.98 -20.00 24.79
C HIS C 304 20.74 -21.49 25.00
N ALA C 305 20.37 -22.16 23.89
CA ALA C 305 20.05 -23.58 23.93
C ALA C 305 21.35 -24.38 23.99
N VAL C 306 21.43 -25.30 24.95
CA VAL C 306 22.60 -26.15 25.11
C VAL C 306 22.32 -27.58 24.68
N ASN C 307 21.20 -28.13 25.14
CA ASN C 307 20.85 -29.50 24.81
C ASN C 307 20.42 -29.64 23.35
N MET C 308 20.30 -30.90 22.92
CA MET C 308 19.71 -31.18 21.62
C MET C 308 18.20 -30.98 21.65
N ARG C 309 17.56 -31.26 22.78
CA ARG C 309 16.14 -30.97 22.93
C ARG C 309 15.88 -29.48 22.84
N GLU C 310 16.70 -28.68 23.54
CA GLU C 310 16.50 -27.23 23.54
C GLU C 310 16.82 -26.61 22.19
N MET C 311 17.82 -27.14 21.48
CA MET C 311 18.13 -26.64 20.16
C MET C 311 16.98 -26.86 19.19
N ILE C 312 16.39 -28.06 19.21
CA ILE C 312 15.31 -28.39 18.29
C ILE C 312 14.11 -27.47 18.53
N PHE C 313 13.75 -27.27 19.80
CA PHE C 313 12.64 -26.36 20.09
C PHE C 313 12.99 -24.92 19.75
N ALA C 314 14.26 -24.53 19.96
CA ALA C 314 14.66 -23.18 19.60
C ALA C 314 14.54 -22.94 18.10
N MET C 315 14.95 -23.92 17.29
CA MET C 315 14.73 -23.82 15.84
C MET C 315 13.24 -23.75 15.52
N VAL C 316 12.43 -24.58 16.19
CA VAL C 316 10.99 -24.57 15.95
C VAL C 316 10.40 -23.24 16.41
N TYR C 317 10.79 -22.77 17.59
CA TYR C 317 10.24 -21.52 18.11
C TYR C 317 10.71 -20.32 17.30
N ILE C 318 11.99 -20.29 16.93
CA ILE C 318 12.52 -19.17 16.15
C ILE C 318 11.86 -19.12 14.77
N SER C 319 11.74 -20.28 14.12
CA SER C 319 11.10 -20.32 12.80
C SER C 319 9.65 -19.86 12.86
N PHE C 320 8.92 -20.34 13.87
CA PHE C 320 7.53 -19.90 14.04
C PHE C 320 7.46 -18.41 14.36
N ASP C 321 8.34 -17.94 15.25
CA ASP C 321 8.30 -16.54 15.65
C ASP C 321 8.72 -15.62 14.50
N MET C 322 9.64 -16.10 13.64
CA MET C 322 10.03 -15.31 12.48
C MET C 322 8.85 -15.05 11.57
N ILE C 323 8.03 -16.08 11.31
CA ILE C 323 6.80 -15.88 10.55
C ILE C 323 5.84 -14.99 11.32
N LEU C 324 5.70 -15.22 12.63
CA LEU C 324 4.84 -14.37 13.45
C LEU C 324 5.39 -12.95 13.55
N GLY C 325 6.71 -12.80 13.62
CA GLY C 325 7.28 -11.47 13.68
C GLY C 325 7.06 -10.67 12.41
N ALA C 326 7.17 -11.32 11.26
CA ALA C 326 6.88 -10.66 10.00
C ALA C 326 5.40 -10.34 9.85
N TYR C 327 4.52 -11.08 10.52
CA TYR C 327 3.10 -10.75 10.49
C TYR C 327 2.81 -9.46 11.26
N LEU C 328 3.48 -9.27 12.39
CA LEU C 328 3.29 -8.03 13.16
C LEU C 328 3.79 -6.82 12.36
N ILE C 329 4.96 -6.95 11.73
CA ILE C 329 5.46 -5.85 10.89
C ILE C 329 4.55 -5.62 9.70
N GLY C 330 4.08 -6.71 9.09
CA GLY C 330 3.19 -6.58 7.94
C GLY C 330 1.86 -5.94 8.28
N ASN C 331 1.26 -6.36 9.40
CA ASN C 331 -0.01 -5.77 9.82
C ASN C 331 0.11 -4.30 10.18
N MET C 332 1.15 -3.91 10.92
CA MET C 332 1.37 -2.52 11.28
C MET C 332 1.69 -1.67 10.06
N THR C 333 2.48 -2.21 9.13
CA THR C 333 2.77 -1.51 7.89
C THR C 333 1.51 -1.33 7.05
N ALA C 334 0.67 -2.35 6.98
CA ALA C 334 -0.55 -2.27 6.16
C ALA C 334 -1.56 -1.27 6.73
N LEU C 335 -1.60 -1.11 8.05
CA LEU C 335 -2.52 -0.18 8.68
C LEU C 335 -2.01 1.25 8.67
N ILE C 336 -0.75 1.46 8.31
CA ILE C 336 -0.22 2.80 8.11
C ILE C 336 -0.30 3.25 6.65
N VAL C 337 -0.06 2.35 5.69
CA VAL C 337 -0.28 2.67 4.30
C VAL C 337 -1.75 2.98 4.03
N LYS C 338 -2.65 2.19 4.61
CA LYS C 338 -4.08 2.48 4.56
C LYS C 338 -4.43 3.56 5.58
N GLY C 339 -3.94 4.76 5.31
CA GLY C 339 -4.10 5.87 6.23
C GLY C 339 -5.52 6.38 6.27
N SER C 340 -5.77 7.28 7.23
CA SER C 340 -7.09 7.87 7.40
C SER C 340 -7.43 8.76 6.21
N LYS C 341 -8.74 8.96 6.01
CA LYS C 341 -9.20 9.80 4.91
C LYS C 341 -8.75 11.25 5.07
N THR C 342 -8.51 11.68 6.31
CA THR C 342 -8.01 13.03 6.53
C THR C 342 -6.62 13.22 5.93
N GLU C 343 -5.75 12.22 6.08
CA GLU C 343 -4.41 12.30 5.50
C GLU C 343 -4.46 12.22 3.98
N ARG C 344 -5.37 11.42 3.42
CA ARG C 344 -5.55 11.40 1.98
C ARG C 344 -6.04 12.77 1.48
N PHE C 345 -6.91 13.41 2.25
CA PHE C 345 -7.32 14.77 1.93
C PHE C 345 -6.12 15.73 1.98
N ARG C 346 -5.27 15.58 2.99
CA ARG C 346 -4.11 16.45 3.12
C ARG C 346 -3.15 16.29 1.94
N ASP C 347 -2.99 15.05 1.43
CA ASP C 347 -2.11 14.83 0.30
C ASP C 347 -2.57 15.64 -0.91
N LYS C 348 -3.86 15.57 -1.24
CA LYS C 348 -4.40 16.40 -2.31
C LYS C 348 -4.37 17.87 -1.93
N MET C 349 -4.65 18.18 -0.67
CA MET C 349 -4.74 19.57 -0.23
C MET C 349 -3.39 20.26 -0.31
N ALA C 350 -2.34 19.61 0.20
CA ALA C 350 -1.02 20.22 0.20
C ALA C 350 -0.47 20.36 -1.22
N ASP C 351 -0.81 19.41 -2.09
CA ASP C 351 -0.34 19.46 -3.47
C ASP C 351 -0.88 20.68 -4.20
N ILE C 352 -2.11 21.09 -3.89
CA ILE C 352 -2.70 22.22 -4.59
C ILE C 352 -2.02 23.53 -4.19
N MET C 353 -1.68 23.69 -2.91
CA MET C 353 -0.82 24.81 -2.52
C MET C 353 0.50 24.79 -3.28
N ARG C 354 1.04 23.60 -3.55
CA ARG C 354 2.24 23.52 -4.37
C ARG C 354 1.97 24.00 -5.80
N TYR C 355 0.71 23.93 -6.23
CA TYR C 355 0.38 24.30 -7.60
C TYR C 355 0.09 25.79 -7.78
N MET C 356 -0.26 26.50 -6.70
CA MET C 356 -0.49 27.94 -6.79
C MET C 356 0.72 28.75 -6.33
N ASN C 357 1.36 28.33 -5.23
CA ASN C 357 2.49 29.08 -4.70
C ASN C 357 3.64 29.20 -5.70
N ARG C 358 3.79 28.22 -6.59
CA ARG C 358 4.79 28.30 -7.65
C ARG C 358 4.29 29.10 -8.85
N ASN C 359 3.00 29.42 -8.91
CA ASN C 359 2.41 30.13 -10.03
C ASN C 359 1.91 31.53 -9.66
N LYS C 360 1.21 31.66 -8.53
CA LYS C 360 0.63 32.95 -8.15
C LYS C 360 0.44 33.07 -6.64
N LEU C 361 -0.29 34.09 -6.22
CA LEU C 361 -0.60 34.29 -4.80
C LEU C 361 -2.01 34.84 -4.67
N GLY C 362 -2.37 35.31 -3.48
CA GLY C 362 -3.67 35.90 -3.26
C GLY C 362 -4.33 35.49 -1.96
N ARG C 363 -4.82 36.48 -1.20
CA ARG C 363 -5.48 36.19 0.09
C ARG C 363 -6.82 35.50 -0.20
N ASN C 364 -7.39 35.76 -1.37
CA ASN C 364 -8.73 35.20 -1.67
C ASN C 364 -8.62 33.90 -2.48
N ILE C 365 -7.73 33.86 -3.47
CA ILE C 365 -7.60 32.66 -4.35
C ILE C 365 -7.21 31.47 -3.48
N ARG C 366 -6.16 31.60 -2.69
CA ARG C 366 -5.71 30.50 -1.80
C ARG C 366 -6.83 30.14 -0.83
N GLY C 367 -7.60 31.13 -0.37
CA GLY C 367 -8.66 30.87 0.62
C GLY C 367 -9.93 30.37 -0.02
N GLN C 368 -9.96 30.28 -1.36
CA GLN C 368 -11.19 29.83 -2.07
C GLN C 368 -11.00 28.41 -2.60
N ILE C 369 -9.78 28.05 -3.00
CA ILE C 369 -9.51 26.65 -3.41
C ILE C 369 -9.57 25.75 -2.17
N THR C 370 -9.27 26.30 -1.00
CA THR C 370 -9.40 25.53 0.26
C THR C 370 -10.88 25.23 0.45
N GLY C 371 -11.71 26.25 0.26
CA GLY C 371 -13.16 26.02 0.32
C GLY C 371 -13.55 24.92 -0.65
N HIS C 372 -12.98 24.96 -1.87
CA HIS C 372 -13.36 23.96 -2.91
C HIS C 372 -12.95 22.54 -2.49
N LEU C 373 -11.79 22.38 -1.86
CA LEU C 373 -11.35 21.05 -1.40
C LEU C 373 -12.19 20.60 -0.19
N ARG C 374 -12.64 21.54 0.65
CA ARG C 374 -13.53 21.13 1.77
C ARG C 374 -14.90 20.79 1.20
N LEU C 375 -15.23 21.29 0.00
CA LEU C 375 -16.50 20.95 -0.68
C LEU C 375 -16.33 19.55 -1.29
N GLN C 376 -15.11 19.22 -1.70
CA GLN C 376 -14.86 17.83 -2.17
C GLN C 376 -14.98 16.90 -0.96
N TYR C 377 -14.57 17.38 0.22
CA TYR C 377 -14.78 16.52 1.42
C TYR C 377 -16.28 16.39 1.73
N GLU C 378 -17.07 17.43 1.46
CA GLU C 378 -18.54 17.38 1.65
C GLU C 378 -19.15 16.42 0.63
N SER C 379 -18.54 16.28 -0.55
CA SER C 379 -19.01 15.30 -1.56
C SER C 379 -18.63 13.88 -1.15
N SER C 380 -17.52 13.73 -0.42
CA SER C 380 -17.18 12.38 0.12
C SER C 380 -18.42 11.83 0.83
N TYR C 381 -19.37 12.69 1.17
CA TYR C 381 -20.68 12.34 1.82
C TYR C 381 -21.64 11.79 0.73
N THR C 382 -21.75 12.50 -0.40
CA THR C 382 -22.72 12.04 -1.43
C THR C 382 -22.29 10.68 -1.98
N GLU C 383 -20.99 10.35 -1.94
CA GLU C 383 -20.44 9.07 -2.46
C GLU C 383 -20.92 7.96 -1.53
N ALA C 384 -20.79 8.16 -0.21
CA ALA C 384 -21.40 7.16 0.70
C ALA C 384 -22.84 6.99 0.24
N ALA C 385 -23.54 8.12 0.03
CA ALA C 385 -24.95 8.03 -0.40
C ALA C 385 -25.07 7.07 -1.58
N VAL C 386 -24.41 7.39 -2.70
CA VAL C 386 -24.48 6.58 -3.95
C VAL C 386 -24.22 5.10 -3.65
N LEU C 387 -23.14 4.79 -2.93
CA LEU C 387 -22.88 3.37 -2.53
C LEU C 387 -24.17 2.79 -1.96
N GLN C 388 -24.57 3.22 -0.74
CA GLN C 388 -25.87 2.76 -0.16
C GLN C 388 -26.13 1.25 -0.24
N ASP C 389 -26.44 0.60 -1.39
CA ASP C 389 -26.61 -0.83 -1.62
C ASP C 389 -27.59 -1.44 -0.62
N ILE C 390 -28.18 -0.61 0.23
CA ILE C 390 -29.27 -1.01 1.12
C ILE C 390 -30.50 -1.23 0.24
N PRO C 391 -31.36 -2.20 0.55
CA PRO C 391 -32.60 -2.37 -0.21
C PRO C 391 -33.37 -1.06 -0.39
N VAL C 392 -33.96 -0.88 -1.56
CA VAL C 392 -34.62 0.35 -1.95
C VAL C 392 -35.76 0.67 -1.00
N SER C 393 -36.38 -0.36 -0.42
CA SER C 393 -37.46 -0.14 0.52
C SER C 393 -37.00 0.68 1.72
N ILE C 394 -35.84 0.35 2.27
CA ILE C 394 -35.27 1.15 3.35
C ILE C 394 -34.79 2.50 2.83
N ARG C 395 -34.16 2.51 1.65
CA ARG C 395 -33.70 3.76 1.06
C ARG C 395 -34.86 4.69 0.75
N ALA C 396 -36.01 4.14 0.37
CA ALA C 396 -37.21 4.97 0.20
C ALA C 396 -37.62 5.58 1.52
N LYS C 397 -37.54 4.82 2.62
CA LYS C 397 -37.86 5.37 3.93
C LYS C 397 -36.89 6.48 4.32
N ILE C 398 -35.62 6.35 3.94
CA ILE C 398 -34.65 7.43 4.17
C ILE C 398 -35.07 8.67 3.39
N ALA C 399 -35.46 8.48 2.13
CA ALA C 399 -35.92 9.61 1.32
C ALA C 399 -37.18 10.23 1.92
N GLN C 400 -38.10 9.41 2.40
CA GLN C 400 -39.35 9.93 2.96
C GLN C 400 -39.12 10.65 4.29
N THR C 401 -38.17 10.16 5.09
CA THR C 401 -37.96 10.76 6.40
C THR C 401 -37.33 12.15 6.30
N LEU C 402 -36.41 12.36 5.36
CA LEU C 402 -35.66 13.60 5.28
C LEU C 402 -36.33 14.64 4.36
N TYR C 403 -36.53 14.31 3.09
CA TYR C 403 -36.90 15.29 2.09
C TYR C 403 -38.40 15.56 1.99
N LEU C 404 -39.24 14.73 2.62
CA LEU C 404 -40.68 14.96 2.54
C LEU C 404 -41.10 16.29 3.16
N PRO C 405 -40.64 16.69 4.36
CA PRO C 405 -41.05 18.01 4.87
C PRO C 405 -40.66 19.16 3.96
N TYR C 406 -39.51 19.10 3.31
CA TYR C 406 -39.08 20.20 2.46
C TYR C 406 -39.89 20.27 1.16
N ILE C 407 -40.20 19.11 0.57
CA ILE C 407 -40.93 19.09 -0.69
C ILE C 407 -42.36 19.57 -0.51
N GLU C 408 -43.00 19.21 0.60
CA GLU C 408 -44.39 19.57 0.82
C GLU C 408 -44.59 21.08 0.95
N LYS C 409 -43.55 21.82 1.33
CA LYS C 409 -43.69 23.25 1.55
C LYS C 409 -43.44 24.09 0.31
N VAL C 410 -43.03 23.48 -0.81
CA VAL C 410 -42.77 24.26 -2.01
C VAL C 410 -44.09 24.72 -2.61
N PRO C 411 -44.18 25.95 -3.14
CA PRO C 411 -45.41 26.36 -3.84
C PRO C 411 -45.67 25.58 -5.11
N LEU C 412 -44.65 24.92 -5.67
CA LEU C 412 -44.82 24.20 -6.93
C LEU C 412 -45.84 23.08 -6.81
N PHE C 413 -45.77 22.32 -5.71
CA PHE C 413 -46.64 21.16 -5.51
C PHE C 413 -47.84 21.49 -4.62
N ARG C 414 -48.33 22.73 -4.66
CA ARG C 414 -49.51 23.10 -3.88
C ARG C 414 -50.73 22.39 -4.43
N GLY C 415 -51.42 21.64 -3.57
CA GLY C 415 -52.58 20.89 -3.97
C GLY C 415 -52.30 19.55 -4.61
N CYS C 416 -51.03 19.18 -4.78
CA CYS C 416 -50.70 17.90 -5.38
C CYS C 416 -50.98 16.77 -4.40
N SER C 417 -51.24 15.58 -4.95
CA SER C 417 -51.51 14.42 -4.13
C SER C 417 -50.26 13.98 -3.39
N SER C 418 -50.45 13.47 -2.17
CA SER C 418 -49.32 13.00 -1.37
C SER C 418 -48.61 11.83 -2.03
N GLU C 419 -49.34 11.00 -2.77
CA GLU C 419 -48.73 9.89 -3.49
C GLU C 419 -47.75 10.40 -4.54
N PHE C 420 -48.13 11.47 -5.26
CA PHE C 420 -47.23 12.05 -6.25
C PHE C 420 -45.96 12.57 -5.60
N ILE C 421 -46.08 13.21 -4.43
CA ILE C 421 -44.90 13.65 -3.70
C ILE C 421 -44.07 12.45 -3.25
N ASN C 422 -44.74 11.35 -2.89
CA ASN C 422 -44.03 10.17 -2.43
C ASN C 422 -43.14 9.60 -3.54
N GLN C 423 -43.63 9.58 -4.77
CA GLN C 423 -42.79 9.18 -5.89
C GLN C 423 -41.75 10.24 -6.24
N ILE C 424 -41.92 11.46 -5.74
CA ILE C 424 -40.94 12.52 -6.01
C ILE C 424 -39.77 12.42 -5.03
N VAL C 425 -40.07 12.24 -3.74
CA VAL C 425 -39.04 12.34 -2.70
C VAL C 425 -37.96 11.28 -2.88
N ILE C 426 -38.27 10.20 -3.59
CA ILE C 426 -37.30 9.11 -3.76
C ILE C 426 -36.13 9.53 -4.64
N ARG C 427 -36.38 10.33 -5.67
CA ARG C 427 -35.45 10.48 -6.78
C ARG C 427 -34.54 11.71 -6.68
N LEU C 428 -34.57 12.46 -5.59
CA LEU C 428 -33.65 13.58 -5.45
C LEU C 428 -32.32 13.12 -4.85
N HIS C 429 -31.25 13.78 -5.30
CA HIS C 429 -29.91 13.58 -4.76
C HIS C 429 -29.41 14.89 -4.19
N GLU C 430 -28.70 14.81 -3.06
CA GLU C 430 -28.27 15.99 -2.33
C GLU C 430 -26.94 16.50 -2.88
N GLU C 431 -26.91 17.79 -3.24
CA GLU C 431 -25.71 18.44 -3.75
C GLU C 431 -25.51 19.75 -3.00
N PHE C 432 -24.27 20.03 -2.62
CA PHE C 432 -23.93 21.21 -1.85
C PHE C 432 -23.18 22.21 -2.70
N PHE C 433 -23.54 23.49 -2.56
CA PHE C 433 -22.93 24.57 -3.32
C PHE C 433 -22.32 25.58 -2.35
N LEU C 434 -21.08 25.97 -2.61
CA LEU C 434 -20.40 26.95 -1.79
C LEU C 434 -20.85 28.36 -2.14
N PRO C 435 -20.75 29.30 -1.20
CA PRO C 435 -21.06 30.70 -1.53
C PRO C 435 -20.14 31.22 -2.62
N GLY C 436 -20.70 32.04 -3.50
CA GLY C 436 -19.96 32.61 -4.61
C GLY C 436 -19.93 31.77 -5.86
N GLU C 437 -20.36 30.51 -5.79
CA GLU C 437 -20.40 29.66 -6.97
C GLU C 437 -21.55 30.07 -7.89
N VAL C 438 -21.42 29.71 -9.16
CA VAL C 438 -22.40 30.04 -10.18
C VAL C 438 -23.18 28.77 -10.51
N ILE C 439 -24.48 28.78 -10.23
CA ILE C 439 -25.31 27.62 -10.50
C ILE C 439 -25.80 27.64 -11.95
N MET C 440 -26.27 28.79 -12.42
CA MET C 440 -26.87 28.90 -13.74
C MET C 440 -26.35 30.15 -14.44
N GLU C 441 -26.59 30.21 -15.75
CA GLU C 441 -26.20 31.34 -16.58
C GLU C 441 -27.40 31.76 -17.43
N GLN C 442 -27.22 32.84 -18.21
CA GLN C 442 -28.28 33.35 -19.04
C GLN C 442 -28.50 32.47 -20.26
N GLY C 443 -29.73 32.02 -20.46
CA GLY C 443 -30.12 31.30 -21.66
C GLY C 443 -29.36 30.03 -21.93
N SER C 444 -29.20 29.18 -20.92
CA SER C 444 -28.48 27.92 -21.05
C SER C 444 -29.43 26.77 -20.73
N VAL C 445 -29.36 25.72 -21.56
CA VAL C 445 -30.25 24.58 -21.39
C VAL C 445 -29.98 23.91 -20.05
N VAL C 446 -31.04 23.43 -19.41
CA VAL C 446 -30.99 22.91 -18.05
C VAL C 446 -31.18 21.40 -18.09
N ASP C 447 -30.36 20.70 -17.32
CA ASP C 447 -30.43 19.25 -17.21
C ASP C 447 -30.80 18.75 -15.81
N GLN C 448 -31.11 19.66 -14.88
CA GLN C 448 -31.38 19.25 -13.51
C GLN C 448 -32.32 20.26 -12.84
N LEU C 449 -33.20 19.74 -11.99
CA LEU C 449 -34.09 20.56 -11.18
C LEU C 449 -33.51 20.71 -9.78
N TYR C 450 -33.65 21.91 -9.22
CA TYR C 450 -33.01 22.25 -7.95
C TYR C 450 -34.05 22.76 -6.96
N PHE C 451 -33.98 22.27 -5.73
CA PHE C 451 -34.78 22.75 -4.62
C PHE C 451 -33.86 23.24 -3.52
N VAL C 452 -34.25 24.33 -2.86
CA VAL C 452 -33.43 24.99 -1.85
C VAL C 452 -33.97 24.64 -0.47
N CYS C 453 -33.11 24.09 0.38
CA CYS C 453 -33.46 23.75 1.75
C CYS C 453 -32.71 24.56 2.79
N HIS C 454 -31.49 24.99 2.46
CA HIS C 454 -30.63 25.73 3.37
C HIS C 454 -29.95 26.84 2.58
N GLY C 455 -29.87 28.02 3.16
CA GLY C 455 -29.11 29.12 2.58
C GLY C 455 -29.96 30.03 1.72
N VAL C 456 -29.29 31.00 1.11
CA VAL C 456 -29.92 32.04 0.32
C VAL C 456 -29.22 32.12 -1.03
N LEU C 457 -30.01 32.11 -2.10
CA LEU C 457 -29.51 32.25 -3.46
C LEU C 457 -29.97 33.58 -4.05
N GLU C 458 -29.34 33.98 -5.15
CA GLU C 458 -29.67 35.22 -5.84
C GLU C 458 -29.93 34.92 -7.31
N GLU C 459 -31.06 35.42 -7.82
CA GLU C 459 -31.34 35.37 -9.24
C GLU C 459 -30.94 36.69 -9.88
N ILE C 460 -29.84 36.67 -10.63
CA ILE C 460 -29.29 37.88 -11.24
C ILE C 460 -29.68 37.92 -12.70
N GLY C 461 -30.31 39.02 -13.12
CA GLY C 461 -30.74 39.19 -14.50
C GLY C 461 -29.93 40.22 -15.25
N GLU C 469 -28.32 42.80 -11.15
CA GLU C 469 -29.39 43.06 -10.18
C GLU C 469 -30.07 41.77 -9.77
N ILE C 470 -30.41 41.67 -8.49
CA ILE C 470 -31.03 40.47 -7.93
C ILE C 470 -32.52 40.52 -8.26
N VAL C 471 -32.96 39.62 -9.13
CA VAL C 471 -34.37 39.55 -9.49
C VAL C 471 -35.19 39.06 -8.31
N ALA C 472 -34.73 38.01 -7.65
CA ALA C 472 -35.46 37.44 -6.52
C ALA C 472 -34.48 36.71 -5.61
N VAL C 473 -34.54 37.00 -4.31
CA VAL C 473 -33.71 36.33 -3.32
C VAL C 473 -34.41 35.04 -2.91
N LEU C 474 -33.70 33.92 -3.02
CA LEU C 474 -34.28 32.60 -2.80
C LEU C 474 -34.14 32.19 -1.33
N GLN C 475 -35.25 31.76 -0.75
CA GLN C 475 -35.32 31.26 0.62
C GLN C 475 -35.38 29.74 0.62
N PRO C 476 -35.22 29.11 1.79
CA PRO C 476 -35.44 27.66 1.87
C PRO C 476 -36.86 27.29 1.47
N ASP C 477 -37.00 26.10 0.90
CA ASP C 477 -38.24 25.54 0.36
C ASP C 477 -38.71 26.27 -0.90
N HIS C 478 -37.89 27.15 -1.47
CA HIS C 478 -38.23 27.82 -2.72
C HIS C 478 -37.43 27.17 -3.86
N SER C 479 -38.15 26.67 -4.86
CA SER C 479 -37.53 25.99 -5.98
C SER C 479 -37.35 26.94 -7.17
N PHE C 480 -36.36 26.65 -7.99
CA PHE C 480 -36.09 27.41 -9.20
C PHE C 480 -35.74 26.45 -10.32
N GLY C 481 -35.84 26.95 -11.55
CA GLY C 481 -35.63 26.15 -12.74
C GLY C 481 -36.85 25.45 -13.26
N GLU C 482 -38.04 25.70 -12.67
CA GLU C 482 -39.26 25.07 -13.16
C GLU C 482 -39.60 25.51 -14.57
N ILE C 483 -39.18 26.73 -14.96
CA ILE C 483 -39.43 27.21 -16.31
C ILE C 483 -38.71 26.33 -17.33
N SER C 484 -37.47 25.95 -17.02
CA SER C 484 -36.69 25.15 -17.96
C SER C 484 -37.28 23.76 -18.16
N ILE C 485 -38.06 23.28 -17.20
CA ILE C 485 -38.61 21.92 -17.27
C ILE C 485 -39.97 21.93 -17.94
N LEU C 486 -40.93 22.64 -17.35
CA LEU C 486 -42.30 22.59 -17.84
C LEU C 486 -42.44 23.33 -19.17
N CYS C 487 -41.72 24.44 -19.33
CA CYS C 487 -41.84 25.24 -20.53
C CYS C 487 -40.81 24.87 -21.60
N ASN C 488 -39.66 24.32 -21.18
CA ASN C 488 -38.53 24.03 -22.07
C ASN C 488 -37.92 25.31 -22.65
N ILE C 489 -37.91 26.36 -21.84
CA ILE C 489 -37.19 27.60 -22.14
C ILE C 489 -36.07 27.73 -21.12
N PRO C 490 -34.83 27.98 -21.52
CA PRO C 490 -33.74 28.09 -20.55
C PRO C 490 -33.97 29.23 -19.57
N GLN C 491 -33.41 29.07 -18.37
CA GLN C 491 -33.64 30.04 -17.31
C GLN C 491 -33.11 31.41 -17.72
N PRO C 492 -33.96 32.45 -17.72
CA PRO C 492 -33.48 33.78 -18.12
C PRO C 492 -32.51 34.39 -17.13
N TYR C 493 -32.51 33.95 -15.88
CA TYR C 493 -31.72 34.57 -14.82
C TYR C 493 -30.61 33.64 -14.37
N THR C 494 -29.41 34.18 -14.25
CA THR C 494 -28.30 33.42 -13.68
C THR C 494 -28.51 33.24 -12.19
N VAL C 495 -28.07 32.10 -11.66
CA VAL C 495 -28.24 31.77 -10.25
C VAL C 495 -26.86 31.76 -9.60
N ARG C 496 -26.72 32.53 -8.52
CA ARG C 496 -25.46 32.62 -7.79
C ARG C 496 -25.72 32.36 -6.32
N VAL C 497 -24.70 31.85 -5.64
CA VAL C 497 -24.80 31.38 -4.26
C VAL C 497 -24.26 32.47 -3.35
N ALA C 498 -25.09 32.93 -2.41
CA ALA C 498 -24.66 33.94 -1.46
C ALA C 498 -24.16 33.31 -0.16
N GLU C 499 -24.91 32.34 0.37
CA GLU C 499 -24.53 31.62 1.58
C GLU C 499 -24.50 30.13 1.27
N LEU C 500 -23.81 29.38 2.13
CA LEU C 500 -23.70 27.93 1.92
C LEU C 500 -25.08 27.31 1.87
N CYS C 501 -25.31 26.48 0.84
CA CYS C 501 -26.64 25.99 0.53
C CYS C 501 -26.66 24.47 0.45
N ARG C 502 -27.74 23.90 0.99
CA ARG C 502 -28.06 22.48 0.82
C ARG C 502 -29.15 22.39 -0.24
N ILE C 503 -28.76 22.02 -1.46
CA ILE C 503 -29.65 22.05 -2.61
C ILE C 503 -29.98 20.62 -3.01
N LEU C 504 -31.26 20.35 -3.25
CA LEU C 504 -31.72 19.04 -3.67
C LEU C 504 -31.80 19.01 -5.19
N ARG C 505 -31.23 17.97 -5.79
CA ARG C 505 -31.11 17.86 -7.24
C ARG C 505 -32.09 16.83 -7.78
N LEU C 506 -32.84 17.21 -8.81
CA LEU C 506 -33.77 16.31 -9.48
C LEU C 506 -33.45 16.30 -10.97
N ASP C 507 -33.36 15.11 -11.55
CA ASP C 507 -32.97 14.97 -12.94
C ASP C 507 -34.16 15.22 -13.87
N LYS C 508 -33.85 15.63 -15.09
CA LYS C 508 -34.88 15.97 -16.08
C LYS C 508 -35.75 14.76 -16.45
N GLN C 509 -35.15 13.77 -17.11
CA GLN C 509 -35.95 12.68 -17.68
C GLN C 509 -36.71 11.93 -16.59
N SER C 510 -36.20 11.96 -15.35
CA SER C 510 -36.93 11.36 -14.25
C SER C 510 -38.22 12.13 -13.96
N PHE C 511 -38.18 13.46 -14.10
CA PHE C 511 -39.31 14.28 -13.69
C PHE C 511 -40.51 14.11 -14.63
N MET C 512 -40.27 14.17 -15.95
CA MET C 512 -41.36 13.97 -16.91
C MET C 512 -41.96 12.57 -16.79
N ASN C 513 -41.12 11.56 -16.54
CA ASN C 513 -41.62 10.20 -16.39
C ASN C 513 -42.72 10.13 -15.33
N ILE C 514 -42.52 10.82 -14.21
CA ILE C 514 -43.58 10.92 -13.21
C ILE C 514 -44.73 11.79 -13.73
N LEU C 515 -44.40 12.84 -14.48
CA LEU C 515 -45.42 13.75 -14.98
C LEU C 515 -46.38 13.05 -15.94
N GLU C 516 -45.86 12.24 -16.87
CA GLU C 516 -46.74 11.55 -17.80
C GLU C 516 -47.54 10.45 -17.11
N ILE C 517 -46.97 9.79 -16.10
CA ILE C 517 -47.70 8.76 -15.38
C ILE C 517 -48.88 9.37 -14.64
N PHE C 518 -48.63 10.45 -13.90
CA PHE C 518 -49.67 11.19 -13.20
C PHE C 518 -49.95 12.46 -14.00
N PHE C 519 -50.78 12.32 -15.04
CA PHE C 519 -51.12 13.47 -15.87
C PHE C 519 -52.02 14.45 -15.11
N HIS C 520 -52.90 13.92 -14.25
CA HIS C 520 -53.75 14.79 -13.44
C HIS C 520 -52.92 15.67 -12.51
N ASP C 521 -51.89 15.10 -11.90
CA ASP C 521 -50.99 15.89 -11.06
C ASP C 521 -50.21 16.92 -11.84
N GLY C 522 -50.05 16.73 -13.15
CA GLY C 522 -49.36 17.72 -13.95
C GLY C 522 -50.13 19.03 -14.06
N ARG C 523 -51.46 18.95 -14.07
CA ARG C 523 -52.27 20.16 -14.23
C ARG C 523 -52.11 21.10 -13.04
N ARG C 524 -52.18 20.57 -11.82
CA ARG C 524 -52.06 21.43 -10.64
C ARG C 524 -50.68 22.06 -10.54
N ILE C 525 -49.65 21.37 -11.02
CA ILE C 525 -48.31 21.97 -11.07
C ILE C 525 -48.32 23.18 -12.00
N LEU C 526 -48.93 23.04 -13.17
CA LEU C 526 -49.04 24.17 -14.10
C LEU C 526 -50.00 25.24 -13.58
N ASN C 527 -51.08 24.84 -12.90
CA ASN C 527 -52.01 25.82 -12.34
C ASN C 527 -51.33 26.66 -11.27
N ASN C 528 -50.53 26.03 -10.41
CA ASN C 528 -49.79 26.78 -9.40
C ASN C 528 -48.79 27.74 -10.06
N LEU C 529 -48.15 27.29 -11.13
CA LEU C 529 -47.24 28.18 -11.87
C LEU C 529 -47.99 29.36 -12.47
N LEU C 530 -49.21 29.13 -12.97
CA LEU C 530 -50.01 30.22 -13.51
C LEU C 530 -50.36 31.25 -12.45
N GLU C 531 -50.68 30.79 -11.23
CA GLU C 531 -51.00 31.72 -10.15
C GLU C 531 -49.82 32.61 -9.79
N GLY C 532 -48.63 32.02 -9.71
CA GLY C 532 -47.46 32.81 -9.36
C GLY C 532 -47.01 33.77 -10.44
N LYS C 533 -47.35 33.48 -11.69
CA LYS C 533 -46.98 34.29 -12.86
C LYS C 533 -45.45 34.39 -12.90
N GLU C 534 -44.90 35.55 -13.27
CA GLU C 534 -43.46 35.81 -13.29
C GLU C 534 -42.78 35.01 -14.40
N SER C 535 -43.55 34.17 -15.10
CA SER C 535 -43.04 33.38 -16.22
C SER C 535 -43.72 33.72 -17.53
N ASN C 536 -45.06 33.70 -17.56
CA ASN C 536 -45.86 34.01 -18.73
C ASN C 536 -45.59 33.04 -19.89
N VAL C 537 -45.06 31.86 -19.60
CA VAL C 537 -44.80 30.84 -20.60
C VAL C 537 -45.41 29.53 -20.11
N ARG C 538 -45.86 28.70 -21.05
CA ARG C 538 -46.41 27.40 -20.72
C ARG C 538 -45.78 26.30 -21.57
N HIS D 85 1.90 -37.64 -21.95
CA HIS D 85 1.81 -37.03 -23.28
C HIS D 85 0.73 -35.93 -23.36
N PRO D 86 -0.52 -36.23 -23.02
CA PRO D 86 -1.57 -35.20 -23.07
C PRO D 86 -1.77 -34.41 -21.78
N ASP D 87 -0.83 -34.49 -20.84
CA ASP D 87 -0.98 -33.90 -19.51
C ASP D 87 -2.22 -34.47 -18.81
N ASN D 88 -2.35 -35.79 -18.86
CA ASN D 88 -3.49 -36.48 -18.26
C ASN D 88 -3.31 -36.64 -16.76
N ARG D 89 -4.17 -37.43 -16.13
CA ARG D 89 -4.10 -37.67 -14.69
C ARG D 89 -2.87 -38.45 -14.26
N TRP D 90 -2.40 -39.42 -15.06
CA TRP D 90 -1.17 -40.13 -14.71
C TRP D 90 0.03 -39.20 -14.70
N TYR D 91 0.14 -38.33 -15.70
CA TYR D 91 1.22 -37.36 -15.75
C TYR D 91 1.09 -36.30 -14.66
N LYS D 92 -0.13 -35.96 -14.25
CA LYS D 92 -0.34 -35.09 -13.10
C LYS D 92 -0.04 -35.77 -11.77
N ALA D 93 0.02 -37.10 -11.75
CA ALA D 93 0.49 -37.83 -10.58
C ALA D 93 1.98 -38.13 -10.65
N TRP D 94 2.52 -38.28 -11.87
CA TRP D 94 3.96 -38.40 -12.03
C TRP D 94 4.68 -37.15 -11.55
N THR D 95 4.19 -35.98 -11.96
CA THR D 95 4.80 -34.72 -11.55
C THR D 95 4.48 -34.41 -10.10
N MET D 96 3.56 -35.19 -9.52
CA MET D 96 3.31 -35.10 -8.09
C MET D 96 4.11 -36.12 -7.30
N PHE D 97 4.53 -37.23 -7.92
CA PHE D 97 5.41 -38.20 -7.29
C PHE D 97 6.87 -37.78 -7.33
N ILE D 98 7.30 -37.15 -8.43
CA ILE D 98 8.67 -36.61 -8.48
C ILE D 98 8.82 -35.46 -7.50
N LEU D 99 7.76 -34.66 -7.31
CA LEU D 99 7.80 -33.59 -6.33
C LEU D 99 8.07 -34.14 -4.93
N ILE D 100 7.50 -35.30 -4.61
CA ILE D 100 7.85 -35.99 -3.38
C ILE D 100 9.32 -36.41 -3.42
N TRP D 101 9.77 -36.93 -4.55
CA TRP D 101 11.17 -37.30 -4.71
C TRP D 101 12.07 -36.08 -4.74
N ALA D 102 11.61 -34.98 -5.34
CA ALA D 102 12.42 -33.77 -5.40
C ALA D 102 12.62 -33.18 -4.01
N LEU D 103 11.58 -33.24 -3.16
CA LEU D 103 11.72 -32.75 -1.79
C LEU D 103 12.77 -33.55 -1.02
N TYR D 104 12.80 -34.87 -1.23
CA TYR D 104 13.81 -35.70 -0.58
C TYR D 104 15.21 -35.36 -1.08
N SER D 105 15.39 -35.32 -2.40
CA SER D 105 16.70 -35.08 -2.98
C SER D 105 17.17 -33.64 -2.82
N SER D 106 16.25 -32.69 -2.62
CA SER D 106 16.67 -31.31 -2.35
C SER D 106 17.16 -31.16 -0.92
N PHE D 107 16.55 -31.89 0.02
CA PHE D 107 16.91 -31.79 1.43
C PHE D 107 17.99 -32.78 1.84
N PHE D 108 18.26 -33.81 1.03
CA PHE D 108 19.29 -34.79 1.36
C PHE D 108 20.62 -34.49 0.70
N THR D 109 20.61 -33.82 -0.45
CA THR D 109 21.87 -33.52 -1.14
C THR D 109 22.80 -32.65 -0.29
N PRO D 110 22.36 -31.53 0.30
CA PRO D 110 23.26 -30.81 1.22
C PRO D 110 23.67 -31.65 2.42
N LEU D 111 22.75 -32.47 2.93
CA LEU D 111 23.09 -33.34 4.06
C LEU D 111 24.15 -34.35 3.65
N GLU D 112 24.03 -34.92 2.45
CA GLU D 112 25.07 -35.83 1.96
C GLU D 112 26.36 -35.09 1.64
N PHE D 113 26.24 -33.88 1.08
CA PHE D 113 27.44 -33.13 0.71
C PHE D 113 28.23 -32.69 1.93
N GLY D 114 27.55 -32.22 2.98
CA GLY D 114 28.23 -31.67 4.13
C GLY D 114 28.73 -32.69 5.13
N PHE D 115 27.84 -33.52 5.65
CA PHE D 115 28.14 -34.42 6.75
C PHE D 115 28.66 -35.78 6.31
N PHE D 116 28.73 -36.04 5.00
CA PHE D 116 29.11 -37.35 4.50
C PHE D 116 30.23 -37.21 3.47
N ARG D 117 31.40 -37.76 3.79
CA ARG D 117 32.42 -37.93 2.75
C ARG D 117 32.00 -39.01 1.77
N GLY D 118 31.54 -40.15 2.28
CA GLY D 118 31.00 -41.20 1.44
C GLY D 118 29.78 -41.83 2.08
N LEU D 119 28.73 -42.06 1.29
CA LEU D 119 27.50 -42.58 1.83
C LEU D 119 27.70 -44.02 2.33
N PRO D 120 27.09 -44.39 3.45
CA PRO D 120 27.16 -45.78 3.90
C PRO D 120 26.41 -46.70 2.96
N GLU D 121 26.69 -48.00 3.10
CA GLU D 121 26.06 -48.99 2.23
C GLU D 121 24.54 -49.01 2.40
N ASN D 122 24.05 -48.68 3.59
CA ASN D 122 22.61 -48.70 3.84
C ASN D 122 21.88 -47.63 3.03
N LEU D 123 22.44 -46.42 2.96
CA LEU D 123 21.82 -45.36 2.17
C LEU D 123 22.08 -45.46 0.68
N PHE D 124 22.92 -46.39 0.25
CA PHE D 124 23.19 -46.55 -1.18
C PHE D 124 21.91 -46.92 -1.93
N ILE D 125 21.12 -47.86 -1.38
CA ILE D 125 19.91 -48.29 -2.06
C ILE D 125 18.88 -47.17 -2.11
N LEU D 126 18.86 -46.28 -1.11
CA LEU D 126 17.89 -45.21 -1.09
C LEU D 126 18.18 -44.16 -2.17
N ASP D 127 19.43 -43.73 -2.29
CA ASP D 127 19.78 -42.71 -3.26
C ASP D 127 19.71 -43.26 -4.68
N ILE D 128 20.10 -44.52 -4.88
CA ILE D 128 20.05 -45.10 -6.23
C ILE D 128 18.61 -45.19 -6.72
N ALA D 129 17.64 -45.25 -5.80
CA ALA D 129 16.24 -45.22 -6.22
C ALA D 129 15.84 -43.82 -6.69
N GLY D 130 16.27 -42.79 -5.96
CA GLY D 130 15.93 -41.43 -6.35
C GLY D 130 16.57 -41.03 -7.67
N GLN D 131 17.84 -41.39 -7.86
CA GLN D 131 18.51 -41.07 -9.13
C GLN D 131 17.87 -41.79 -10.30
N ILE D 132 17.46 -43.05 -10.08
CA ILE D 132 16.76 -43.79 -11.13
C ILE D 132 15.39 -43.15 -11.39
N ALA D 133 14.70 -42.73 -10.33
CA ALA D 133 13.38 -42.12 -10.50
C ALA D 133 13.46 -40.84 -11.33
N PHE D 134 14.46 -40.01 -11.08
CA PHE D 134 14.66 -38.81 -11.88
C PHE D 134 15.14 -39.11 -13.29
N LEU D 135 15.71 -40.30 -13.52
CA LEU D 135 16.07 -40.68 -14.88
C LEU D 135 14.83 -41.01 -15.70
N VAL D 136 13.83 -41.63 -15.07
CA VAL D 136 12.58 -41.91 -15.77
C VAL D 136 11.86 -40.61 -16.12
N ASP D 137 11.93 -39.63 -15.22
CA ASP D 137 11.32 -38.33 -15.50
C ASP D 137 11.95 -37.68 -16.73
N ILE D 138 13.26 -37.85 -16.90
CA ILE D 138 13.93 -37.31 -18.08
C ILE D 138 13.35 -37.94 -19.34
N VAL D 139 13.16 -39.26 -19.34
CA VAL D 139 12.58 -39.94 -20.48
C VAL D 139 11.13 -39.49 -20.69
N LEU D 140 10.36 -39.38 -19.61
CA LEU D 140 8.96 -39.00 -19.72
C LEU D 140 8.79 -37.58 -20.24
N THR D 141 9.74 -36.69 -19.95
CA THR D 141 9.65 -35.32 -20.45
C THR D 141 9.74 -35.28 -21.97
N PHE D 142 10.50 -36.20 -22.57
CA PHE D 142 10.57 -36.27 -24.03
C PHE D 142 9.22 -36.66 -24.62
N PHE D 143 8.46 -37.50 -23.92
CA PHE D 143 7.14 -37.93 -24.38
C PHE D 143 6.02 -37.03 -23.87
N VAL D 144 6.29 -36.03 -23.06
CA VAL D 144 5.06 -35.29 -22.61
C VAL D 144 4.55 -34.30 -23.63
N ALA D 145 3.90 -33.29 -23.09
CA ALA D 145 3.35 -32.27 -23.96
C ALA D 145 4.32 -31.10 -24.12
N TYR D 146 4.03 -30.26 -25.12
CA TYR D 146 4.81 -29.06 -25.38
C TYR D 146 3.85 -27.87 -25.37
N ARG D 147 4.04 -26.97 -24.42
CA ARG D 147 3.21 -25.79 -24.28
C ARG D 147 3.97 -24.58 -24.82
N ASP D 148 3.37 -23.86 -25.76
CA ASP D 148 3.97 -22.67 -26.34
C ASP D 148 3.16 -21.44 -25.93
N SER D 149 3.86 -20.43 -25.41
CA SER D 149 3.17 -19.25 -24.89
C SER D 149 2.47 -18.47 -26.01
N ARG D 150 3.12 -18.36 -27.17
CA ARG D 150 2.56 -17.53 -28.24
C ARG D 150 1.26 -18.12 -28.79
N THR D 151 1.26 -19.41 -29.13
CA THR D 151 0.07 -20.03 -29.70
C THR D 151 -0.92 -20.49 -28.64
N TYR D 152 -0.49 -20.62 -27.38
CA TYR D 152 -1.33 -21.08 -26.29
C TYR D 152 -1.96 -22.44 -26.59
N ARG D 153 -1.24 -23.29 -27.32
CA ARG D 153 -1.73 -24.60 -27.72
C ARG D 153 -0.66 -25.66 -27.46
N MET D 154 -1.12 -26.88 -27.23
CA MET D 154 -0.22 -28.00 -26.99
C MET D 154 0.11 -28.69 -28.31
N ILE D 155 1.37 -28.64 -28.72
CA ILE D 155 1.83 -29.28 -29.94
C ILE D 155 2.30 -30.68 -29.58
N TYR D 156 1.57 -31.69 -30.08
CA TYR D 156 1.83 -33.08 -29.72
C TYR D 156 2.92 -33.72 -30.57
N LYS D 157 3.46 -33.01 -31.56
CA LYS D 157 4.49 -33.59 -32.42
C LYS D 157 5.72 -33.95 -31.60
N ARG D 158 6.20 -35.18 -31.79
CA ARG D 158 7.31 -35.69 -30.98
C ARG D 158 8.58 -34.87 -31.19
N SER D 159 8.89 -34.53 -32.45
CA SER D 159 10.10 -33.78 -32.74
C SER D 159 10.06 -32.40 -32.10
N SER D 160 8.87 -31.78 -32.07
CA SER D 160 8.74 -30.47 -31.43
C SER D 160 9.01 -30.56 -29.93
N ILE D 161 8.53 -31.63 -29.29
CA ILE D 161 8.74 -31.79 -27.85
C ILE D 161 10.21 -32.05 -27.55
N ALA D 162 10.86 -32.85 -28.39
CA ALA D 162 12.27 -33.21 -28.07
C ALA D 162 13.16 -31.97 -28.14
N LEU D 163 13.18 -31.27 -29.27
CA LEU D 163 14.10 -30.11 -29.44
C LEU D 163 14.01 -29.16 -28.24
N ARG D 164 12.81 -28.96 -27.70
CA ARG D 164 12.64 -27.97 -26.63
C ARG D 164 13.47 -28.32 -25.41
N TYR D 165 13.40 -29.59 -24.98
CA TYR D 165 13.99 -29.96 -23.69
C TYR D 165 15.52 -29.88 -23.73
N LEU D 166 16.15 -30.48 -24.74
CA LEU D 166 17.61 -30.51 -24.79
C LEU D 166 18.22 -29.12 -24.80
N LYS D 167 17.52 -28.14 -25.40
CA LYS D 167 18.00 -26.77 -25.35
C LYS D 167 17.71 -26.13 -23.99
N SER D 168 16.60 -26.52 -23.35
CA SER D 168 16.12 -25.86 -22.14
C SER D 168 16.34 -26.77 -20.93
N THR D 169 17.47 -26.57 -20.26
CA THR D 169 17.75 -27.16 -18.94
C THR D 169 17.62 -28.69 -18.94
N PHE D 170 18.13 -29.36 -19.97
CA PHE D 170 18.17 -30.81 -19.95
C PHE D 170 19.53 -31.34 -19.50
N ILE D 171 20.61 -30.62 -19.82
CA ILE D 171 21.95 -31.06 -19.42
C ILE D 171 22.09 -31.04 -17.90
N ILE D 172 21.46 -30.07 -17.24
CA ILE D 172 21.52 -29.98 -15.79
C ILE D 172 20.84 -31.19 -15.15
N ASP D 173 19.65 -31.55 -15.66
CA ASP D 173 18.94 -32.70 -15.12
C ASP D 173 19.72 -34.00 -15.36
N LEU D 174 20.30 -34.14 -16.55
CA LEU D 174 21.11 -35.32 -16.84
C LEU D 174 22.35 -35.34 -15.96
N LEU D 175 22.99 -34.19 -15.76
CA LEU D 175 24.17 -34.12 -14.90
C LEU D 175 23.82 -34.46 -13.46
N ALA D 176 22.66 -33.99 -12.98
CA ALA D 176 22.25 -34.30 -11.62
C ALA D 176 21.98 -35.78 -11.41
N CYS D 177 21.52 -36.47 -12.45
CA CYS D 177 21.21 -37.89 -12.37
C CYS D 177 22.44 -38.77 -12.32
N MET D 178 23.62 -38.22 -12.59
CA MET D 178 24.83 -39.03 -12.60
C MET D 178 25.14 -39.55 -11.20
N PRO D 179 25.64 -40.78 -11.06
CA PRO D 179 25.96 -41.30 -9.72
C PRO D 179 27.19 -40.64 -9.14
N TRP D 180 27.03 -39.39 -8.70
CA TRP D 180 28.18 -38.61 -8.27
C TRP D 180 28.79 -39.14 -6.98
N ASP D 181 28.03 -39.90 -6.18
CA ASP D 181 28.61 -40.57 -5.02
C ASP D 181 29.45 -41.76 -5.44
N ILE D 182 28.98 -42.53 -6.42
CA ILE D 182 29.75 -43.66 -6.91
C ILE D 182 31.02 -43.19 -7.62
N ILE D 183 30.90 -42.13 -8.42
CA ILE D 183 32.05 -41.58 -9.13
C ILE D 183 33.06 -41.02 -8.15
N TYR D 184 32.60 -40.43 -7.04
CA TYR D 184 33.50 -39.92 -6.01
C TYR D 184 34.41 -41.02 -5.48
N LYS D 185 33.82 -42.16 -5.08
CA LYS D 185 34.62 -43.25 -4.53
C LYS D 185 35.49 -43.90 -5.59
N ALA D 186 35.00 -43.97 -6.83
CA ALA D 186 35.77 -44.61 -7.89
C ALA D 186 36.93 -43.75 -8.35
N ALA D 187 36.78 -42.42 -8.32
CA ALA D 187 37.83 -41.53 -8.79
C ALA D 187 39.02 -41.47 -7.84
N GLY D 188 38.85 -41.89 -6.59
CA GLY D 188 39.93 -41.85 -5.64
C GLY D 188 39.65 -40.94 -4.45
N GLU D 189 38.37 -40.75 -4.14
CA GLU D 189 37.93 -39.93 -3.02
C GLU D 189 38.46 -38.50 -3.14
N LYS D 190 38.17 -37.87 -4.28
CA LYS D 190 38.57 -36.49 -4.52
C LYS D 190 37.40 -35.57 -4.15
N GLU D 191 37.67 -34.64 -3.23
CA GLU D 191 36.62 -33.72 -2.79
C GLU D 191 36.19 -32.76 -3.88
N GLU D 192 37.02 -32.54 -4.90
CA GLU D 192 36.63 -31.68 -6.01
C GLU D 192 35.48 -32.30 -6.80
N VAL D 193 35.51 -33.62 -6.99
CA VAL D 193 34.40 -34.31 -7.64
C VAL D 193 33.13 -34.19 -6.80
N ARG D 194 33.27 -34.36 -5.48
CA ARG D 194 32.12 -34.26 -4.59
C ARG D 194 31.54 -32.86 -4.52
N TYR D 195 32.34 -31.84 -4.87
CA TYR D 195 31.84 -30.46 -4.90
C TYR D 195 30.73 -30.27 -5.92
N LEU D 196 30.65 -31.11 -6.94
CA LEU D 196 29.68 -30.97 -8.01
C LEU D 196 28.38 -31.69 -7.72
N LEU D 197 28.28 -32.36 -6.56
CA LEU D 197 27.00 -32.90 -6.11
C LEU D 197 25.98 -31.80 -5.85
N LEU D 198 26.42 -30.55 -5.72
CA LEU D 198 25.53 -29.44 -5.40
C LEU D 198 24.63 -29.04 -6.57
N ILE D 199 24.85 -29.59 -7.77
CA ILE D 199 23.94 -29.32 -8.88
C ILE D 199 22.59 -29.98 -8.68
N ARG D 200 22.47 -30.92 -7.74
CA ARG D 200 21.18 -31.50 -7.38
C ARG D 200 20.29 -30.51 -6.64
N LEU D 201 20.84 -29.37 -6.22
CA LEU D 201 20.06 -28.29 -5.63
C LEU D 201 19.09 -27.67 -6.62
N TYR D 202 19.27 -27.90 -7.93
CA TYR D 202 18.31 -27.43 -8.91
C TYR D 202 16.94 -28.07 -8.74
N ARG D 203 16.88 -29.22 -8.06
CA ARG D 203 15.61 -29.92 -7.90
C ARG D 203 14.64 -29.18 -6.97
N VAL D 204 15.12 -28.17 -6.24
CA VAL D 204 14.19 -27.34 -5.48
C VAL D 204 13.37 -26.47 -6.41
N HIS D 205 13.90 -26.17 -7.60
CA HIS D 205 13.14 -25.42 -8.59
C HIS D 205 11.91 -26.18 -9.03
N ARG D 206 11.99 -27.51 -9.07
CA ARG D 206 10.81 -28.33 -9.33
C ARG D 206 9.78 -28.15 -8.23
N VAL D 207 10.23 -28.09 -6.98
CA VAL D 207 9.33 -27.77 -5.87
C VAL D 207 8.82 -26.34 -6.01
N ILE D 208 9.68 -25.42 -6.45
CA ILE D 208 9.27 -24.04 -6.65
C ILE D 208 8.21 -23.94 -7.75
N LEU D 209 8.38 -24.71 -8.83
CA LEU D 209 7.39 -24.71 -9.90
C LEU D 209 6.02 -25.14 -9.40
N PHE D 210 5.99 -26.12 -8.48
CA PHE D 210 4.72 -26.52 -7.88
C PHE D 210 4.09 -25.38 -7.11
N PHE D 211 4.90 -24.61 -6.38
CA PHE D 211 4.39 -23.45 -5.65
C PHE D 211 3.88 -22.39 -6.60
N HIS D 212 4.57 -22.17 -7.73
CA HIS D 212 4.07 -21.23 -8.74
C HIS D 212 2.77 -21.74 -9.35
N LYS D 213 2.67 -23.04 -9.60
CA LYS D 213 1.42 -23.61 -10.09
C LYS D 213 0.30 -23.46 -9.07
N MET D 214 0.60 -23.69 -7.79
CA MET D 214 -0.40 -23.54 -6.75
C MET D 214 -0.89 -22.10 -6.62
N GLU D 215 -0.09 -21.13 -7.08
CA GLU D 215 -0.55 -19.74 -7.11
C GLU D 215 -1.74 -19.57 -8.02
N LYS D 216 -1.87 -20.40 -9.06
CA LYS D 216 -2.94 -20.25 -10.03
C LYS D 216 -4.29 -20.70 -9.48
N ASP D 217 -4.28 -21.47 -8.39
CA ASP D 217 -5.52 -21.97 -7.81
C ASP D 217 -6.36 -20.81 -7.29
N ILE D 218 -7.65 -20.82 -7.66
CA ILE D 218 -8.56 -19.76 -7.23
C ILE D 218 -8.89 -19.90 -5.75
N ARG D 219 -9.01 -21.13 -5.25
CA ARG D 219 -9.41 -21.35 -3.86
C ARG D 219 -8.39 -20.78 -2.89
N ILE D 220 -7.10 -20.98 -3.15
CA ILE D 220 -6.03 -20.50 -2.28
C ILE D 220 -5.51 -19.18 -2.82
N ASN D 221 -5.46 -18.16 -1.95
CA ASN D 221 -5.00 -16.85 -2.36
C ASN D 221 -3.59 -16.93 -2.92
N TYR D 222 -3.36 -16.25 -4.05
CA TYR D 222 -2.04 -16.26 -4.68
C TYR D 222 -0.99 -15.54 -3.84
N LEU D 223 -1.41 -14.70 -2.89
CA LEU D 223 -0.46 -14.04 -2.01
C LEU D 223 -0.17 -14.84 -0.75
N PHE D 224 -1.10 -15.71 -0.34
CA PHE D 224 -0.80 -16.65 0.74
C PHE D 224 0.13 -17.76 0.25
N THR D 225 0.04 -18.12 -1.02
CA THR D 225 0.97 -19.09 -1.61
C THR D 225 2.38 -18.55 -1.68
N ARG D 226 2.53 -17.26 -2.01
CA ARG D 226 3.87 -16.65 -2.01
C ARG D 226 4.45 -16.61 -0.62
N ILE D 227 3.60 -16.49 0.40
CA ILE D 227 4.07 -16.54 1.78
C ILE D 227 4.69 -17.90 2.09
N VAL D 228 4.01 -18.98 1.67
CA VAL D 228 4.54 -20.32 1.89
C VAL D 228 5.79 -20.56 1.06
N LYS D 229 5.84 -20.01 -0.16
CA LYS D 229 7.01 -20.21 -1.01
C LYS D 229 8.25 -19.60 -0.39
N LEU D 230 8.14 -18.38 0.15
CA LEU D 230 9.29 -17.75 0.79
C LEU D 230 9.63 -18.40 2.12
N ILE D 231 8.63 -18.88 2.86
CA ILE D 231 8.90 -19.62 4.08
C ILE D 231 9.65 -20.91 3.76
N PHE D 232 9.22 -21.62 2.71
CA PHE D 232 9.93 -22.82 2.29
C PHE D 232 11.33 -22.49 1.80
N VAL D 233 11.47 -21.42 1.01
CA VAL D 233 12.79 -21.04 0.50
C VAL D 233 13.73 -20.68 1.64
N GLU D 234 13.23 -19.90 2.61
CA GLU D 234 14.06 -19.59 3.78
C GLU D 234 14.36 -20.85 4.58
N LEU D 235 13.39 -21.75 4.71
CA LEU D 235 13.65 -23.04 5.36
C LEU D 235 14.67 -23.84 4.57
N TYR D 236 14.56 -23.85 3.24
CA TYR D 236 15.51 -24.59 2.42
C TYR D 236 16.89 -23.97 2.44
N CYS D 237 16.96 -22.64 2.31
CA CYS D 237 18.25 -21.96 2.31
C CYS D 237 18.94 -22.10 3.66
N THR D 238 18.17 -22.06 4.75
CA THR D 238 18.74 -22.31 6.06
C THR D 238 19.27 -23.73 6.17
N HIS D 239 18.53 -24.70 5.64
CA HIS D 239 19.01 -26.09 5.65
C HIS D 239 20.25 -26.24 4.80
N THR D 240 20.28 -25.58 3.63
CA THR D 240 21.47 -25.63 2.80
C THR D 240 22.64 -24.91 3.46
N ALA D 241 22.37 -23.78 4.12
CA ALA D 241 23.43 -23.06 4.82
C ALA D 241 23.99 -23.88 5.97
N ALA D 242 23.12 -24.61 6.68
CA ALA D 242 23.58 -25.43 7.80
C ALA D 242 24.56 -26.50 7.34
N CYS D 243 24.27 -27.13 6.19
CA CYS D 243 25.15 -28.17 5.67
C CYS D 243 26.44 -27.59 5.10
N ILE D 244 26.40 -26.35 4.59
CA ILE D 244 27.64 -25.71 4.15
C ILE D 244 28.37 -25.12 5.33
N PHE D 245 27.65 -24.72 6.38
CA PHE D 245 28.30 -24.30 7.62
C PHE D 245 29.17 -25.41 8.19
N TYR D 246 28.65 -26.64 8.20
CA TYR D 246 29.42 -27.77 8.72
C TYR D 246 30.54 -28.17 7.76
N TYR D 247 30.31 -28.04 6.45
CA TYR D 247 31.33 -28.45 5.48
C TYR D 247 32.59 -27.61 5.61
N LEU D 248 32.44 -26.30 5.82
CA LEU D 248 33.60 -25.43 5.96
C LEU D 248 34.43 -25.81 7.18
N ALA D 249 33.80 -26.38 8.20
CA ALA D 249 34.54 -26.89 9.35
C ALA D 249 35.27 -28.19 9.04
N THR D 250 34.81 -28.95 8.06
CA THR D 250 35.48 -30.17 7.64
C THR D 250 36.58 -29.93 6.63
N THR D 251 36.65 -28.73 6.04
CA THR D 251 37.72 -28.42 5.11
C THR D 251 39.08 -28.27 5.78
N LEU D 252 39.10 -28.07 7.10
CA LEU D 252 40.36 -28.02 7.84
C LEU D 252 40.72 -29.41 8.34
N PRO D 253 42.00 -29.72 8.51
CA PRO D 253 42.37 -31.01 9.10
C PRO D 253 41.92 -31.11 10.54
N ALA D 254 41.79 -32.36 11.00
CA ALA D 254 41.34 -32.59 12.38
C ALA D 254 42.29 -31.99 13.40
N SER D 255 43.56 -31.81 13.02
CA SER D 255 44.51 -31.16 13.93
C SER D 255 44.15 -29.70 14.16
N GLN D 256 43.49 -29.07 13.19
CA GLN D 256 43.06 -27.67 13.28
C GLN D 256 41.60 -27.55 13.68
N GLU D 257 41.13 -28.47 14.53
CA GLU D 257 39.72 -28.45 14.94
C GLU D 257 39.38 -27.19 15.71
N GLY D 258 40.30 -26.73 16.55
CA GLY D 258 40.04 -25.54 17.36
C GLY D 258 39.83 -24.28 16.56
N TYR D 259 40.24 -24.26 15.30
CA TYR D 259 40.06 -23.12 14.43
C TYR D 259 38.75 -23.18 13.64
N THR D 260 37.93 -24.20 13.85
CA THR D 260 36.64 -24.32 13.20
C THR D 260 35.55 -23.68 14.06
N TRP D 261 34.34 -23.63 13.50
CA TRP D 261 33.21 -23.13 14.27
C TRP D 261 32.63 -24.19 15.20
N ILE D 262 32.85 -25.47 14.91
CA ILE D 262 32.27 -26.54 15.70
C ILE D 262 33.34 -27.18 16.58
N GLY D 263 34.58 -27.23 16.10
CA GLY D 263 35.64 -27.82 16.89
C GLY D 263 35.93 -27.04 18.16
N SER D 264 35.86 -25.71 18.08
CA SER D 264 36.03 -24.87 19.26
C SER D 264 34.75 -24.69 20.05
N LEU D 265 33.63 -25.25 19.58
CA LEU D 265 32.36 -25.09 20.26
C LEU D 265 32.35 -25.83 21.59
N LYS D 266 31.76 -25.20 22.61
CA LYS D 266 31.52 -25.83 23.90
C LYS D 266 30.21 -25.27 24.43
N LEU D 267 29.15 -26.07 24.34
CA LEU D 267 27.83 -25.68 24.81
C LEU D 267 27.59 -26.32 26.18
N GLY D 268 27.53 -25.49 27.21
CA GLY D 268 27.38 -26.01 28.56
C GLY D 268 28.54 -26.92 28.91
N ASP D 269 28.22 -28.11 29.43
CA ASP D 269 29.23 -29.10 29.75
C ASP D 269 29.78 -29.80 28.51
N TYR D 270 28.94 -29.98 27.49
CA TYR D 270 29.35 -30.72 26.29
C TYR D 270 30.39 -29.93 25.51
N SER D 271 31.48 -30.60 25.15
CA SER D 271 32.54 -30.01 24.33
C SER D 271 32.61 -30.77 23.00
N TYR D 272 32.50 -30.04 21.90
CA TYR D 272 32.59 -30.62 20.56
C TYR D 272 34.06 -30.78 20.17
N SER D 273 34.80 -31.49 21.01
CA SER D 273 36.25 -31.62 20.82
C SER D 273 36.56 -32.34 19.52
N LYS D 274 35.96 -33.51 19.31
CA LYS D 274 36.13 -34.28 18.08
C LYS D 274 34.74 -34.43 17.46
N PHE D 275 34.36 -33.44 16.65
CA PHE D 275 33.00 -33.40 16.13
C PHE D 275 32.77 -34.47 15.07
N ARG D 276 33.82 -34.90 14.36
CA ARG D 276 33.66 -35.93 13.34
C ARG D 276 33.23 -37.25 13.95
N GLU D 277 33.56 -37.50 15.22
CA GLU D 277 33.12 -38.72 15.89
C GLU D 277 31.73 -38.59 16.50
N ILE D 278 31.18 -37.38 16.55
CA ILE D 278 29.85 -37.18 17.10
C ILE D 278 28.80 -37.73 16.14
N ASP D 279 27.68 -38.17 16.70
CA ASP D 279 26.62 -38.76 15.88
C ASP D 279 26.06 -37.72 14.91
N LEU D 280 25.45 -38.23 13.83
CA LEU D 280 25.01 -37.37 12.73
C LEU D 280 23.97 -36.36 13.18
N TRP D 281 23.00 -36.77 13.98
CA TRP D 281 21.89 -35.91 14.33
C TRP D 281 22.22 -34.91 15.44
N THR D 282 23.42 -34.98 16.02
CA THR D 282 23.89 -33.92 16.89
C THR D 282 24.67 -32.87 16.10
N ARG D 283 25.41 -33.29 15.08
CA ARG D 283 26.12 -32.33 14.23
C ARG D 283 25.15 -31.53 13.38
N TYR D 284 24.13 -32.19 12.82
CA TYR D 284 23.15 -31.46 12.01
C TYR D 284 22.32 -30.51 12.85
N THR D 285 21.89 -30.94 14.04
CA THR D 285 21.12 -30.07 14.91
C THR D 285 21.95 -28.86 15.34
N THR D 286 23.22 -29.07 15.66
CA THR D 286 24.10 -27.95 16.00
C THR D 286 24.28 -27.03 14.80
N SER D 287 24.48 -27.60 13.61
CA SER D 287 24.64 -26.79 12.42
C SER D 287 23.35 -26.07 12.05
N MET D 288 22.21 -26.77 12.15
CA MET D 288 20.94 -26.13 11.83
C MET D 288 20.55 -25.11 12.90
N TYR D 289 20.92 -25.35 14.15
CA TYR D 289 20.71 -24.34 15.19
C TYR D 289 21.45 -23.05 14.85
N PHE D 290 22.71 -23.16 14.41
CA PHE D 290 23.45 -21.99 13.99
C PHE D 290 22.80 -21.33 12.78
N ALA D 291 22.39 -22.13 11.79
CA ALA D 291 21.80 -21.57 10.58
C ALA D 291 20.43 -20.94 10.86
N VAL D 292 19.61 -21.60 11.67
CA VAL D 292 18.28 -21.06 11.97
C VAL D 292 18.39 -19.76 12.74
N VAL D 293 19.31 -19.70 13.71
CA VAL D 293 19.40 -18.54 14.58
C VAL D 293 19.74 -17.28 13.79
N THR D 294 20.70 -17.38 12.86
CA THR D 294 21.06 -16.22 12.04
C THR D 294 20.07 -15.97 10.90
N MET D 295 19.26 -16.96 10.54
CA MET D 295 18.22 -16.74 9.53
C MET D 295 17.20 -15.73 10.01
N ALA D 296 16.82 -15.81 11.29
CA ALA D 296 15.93 -14.81 11.89
C ALA D 296 16.69 -13.63 12.48
N THR D 297 18.00 -13.57 12.26
CA THR D 297 18.86 -12.49 12.78
C THR D 297 18.80 -12.42 14.31
N VAL D 298 18.65 -13.57 14.96
CA VAL D 298 18.71 -13.60 16.42
C VAL D 298 20.16 -13.45 16.88
N GLY D 299 21.06 -14.26 16.33
CA GLY D 299 22.48 -14.15 16.60
C GLY D 299 22.86 -14.27 18.07
N TYR D 300 22.68 -15.46 18.65
CA TYR D 300 23.06 -15.66 20.04
C TYR D 300 24.56 -15.45 20.23
N GLY D 301 25.38 -15.99 19.34
CA GLY D 301 26.82 -15.93 19.47
C GLY D 301 27.45 -17.11 20.17
N ASP D 302 26.65 -18.04 20.70
CA ASP D 302 27.21 -19.28 21.22
C ASP D 302 27.87 -20.08 20.11
N ILE D 303 27.27 -20.06 18.93
CA ILE D 303 27.84 -20.63 17.72
C ILE D 303 28.08 -19.48 16.74
N HIS D 304 29.34 -19.32 16.30
CA HIS D 304 29.69 -18.22 15.43
C HIS D 304 30.81 -18.66 14.50
N ALA D 305 31.14 -17.80 13.54
CA ALA D 305 32.11 -18.10 12.50
C ALA D 305 33.51 -17.78 13.01
N VAL D 306 34.20 -18.83 13.47
CA VAL D 306 35.55 -18.65 14.00
C VAL D 306 36.55 -18.42 12.88
N ASN D 307 36.50 -19.24 11.83
CA ASN D 307 37.50 -19.22 10.77
C ASN D 307 37.21 -18.12 9.75
N MET D 308 38.23 -17.82 8.95
CA MET D 308 38.08 -16.86 7.86
C MET D 308 37.19 -17.39 6.75
N ARG D 309 37.23 -18.71 6.50
CA ARG D 309 36.31 -19.31 5.54
C ARG D 309 34.87 -19.14 5.99
N GLU D 310 34.61 -19.38 7.28
CA GLU D 310 33.25 -19.28 7.79
C GLU D 310 32.78 -17.83 7.88
N MET D 311 33.71 -16.89 8.13
CA MET D 311 33.36 -15.48 8.18
C MET D 311 32.83 -15.00 6.83
N ILE D 312 33.49 -15.42 5.74
CA ILE D 312 33.06 -14.99 4.41
C ILE D 312 31.69 -15.55 4.08
N PHE D 313 31.49 -16.86 4.32
CA PHE D 313 30.21 -17.46 3.97
C PHE D 313 29.10 -16.99 4.90
N ALA D 314 29.44 -16.71 6.16
CA ALA D 314 28.46 -16.10 7.06
C ALA D 314 28.03 -14.74 6.56
N MET D 315 28.98 -13.93 6.07
CA MET D 315 28.63 -12.64 5.49
C MET D 315 27.78 -12.81 4.24
N VAL D 316 28.13 -13.77 3.38
CA VAL D 316 27.37 -14.01 2.16
C VAL D 316 25.97 -14.51 2.49
N TYR D 317 25.87 -15.47 3.40
CA TYR D 317 24.57 -16.03 3.77
C TYR D 317 23.72 -14.99 4.49
N ILE D 318 24.32 -14.19 5.37
CA ILE D 318 23.58 -13.15 6.08
C ILE D 318 23.08 -12.09 5.11
N SER D 319 23.94 -11.66 4.17
CA SER D 319 23.54 -10.64 3.21
C SER D 319 22.40 -11.13 2.33
N PHE D 320 22.48 -12.38 1.86
CA PHE D 320 21.40 -12.94 1.07
C PHE D 320 20.14 -13.11 1.91
N ASP D 321 20.30 -13.49 3.18
CA ASP D 321 19.15 -13.65 4.07
C ASP D 321 18.46 -12.32 4.31
N MET D 322 19.23 -11.24 4.43
CA MET D 322 18.64 -9.93 4.70
C MET D 322 17.72 -9.49 3.57
N ILE D 323 18.12 -9.74 2.33
CA ILE D 323 17.22 -9.46 1.20
C ILE D 323 16.00 -10.36 1.25
N LEU D 324 16.21 -11.65 1.50
CA LEU D 324 15.11 -12.60 1.55
C LEU D 324 14.21 -12.36 2.77
N GLY D 325 14.78 -11.88 3.87
CA GLY D 325 13.96 -11.58 5.03
C GLY D 325 13.01 -10.42 4.79
N ALA D 326 13.47 -9.40 4.08
CA ALA D 326 12.60 -8.27 3.76
C ALA D 326 11.57 -8.62 2.71
N TYR D 327 11.86 -9.63 1.88
CA TYR D 327 10.87 -10.11 0.91
C TYR D 327 9.64 -10.69 1.62
N LEU D 328 9.86 -11.46 2.69
CA LEU D 328 8.74 -12.01 3.44
C LEU D 328 7.90 -10.91 4.07
N ILE D 329 8.55 -9.89 4.63
CA ILE D 329 7.81 -8.78 5.23
C ILE D 329 7.01 -8.04 4.16
N GLY D 330 7.61 -7.82 2.99
CA GLY D 330 6.91 -7.15 1.92
C GLY D 330 5.69 -7.93 1.45
N ASN D 331 5.82 -9.26 1.34
CA ASN D 331 4.70 -10.08 0.94
C ASN D 331 3.67 -10.23 2.05
N MET D 332 4.10 -10.17 3.31
CA MET D 332 3.14 -10.16 4.42
C MET D 332 2.28 -8.90 4.39
N THR D 333 2.89 -7.74 4.16
CA THR D 333 2.13 -6.50 4.10
C THR D 333 1.19 -6.50 2.90
N ALA D 334 1.65 -6.97 1.74
CA ALA D 334 0.80 -7.02 0.56
C ALA D 334 -0.42 -7.90 0.78
N LEU D 335 -0.27 -8.98 1.55
CA LEU D 335 -1.41 -9.82 1.87
C LEU D 335 -2.43 -9.07 2.72
N ILE D 336 -1.96 -8.35 3.75
CA ILE D 336 -2.87 -7.60 4.61
C ILE D 336 -3.44 -6.40 3.87
N VAL D 337 -2.61 -5.72 3.07
CA VAL D 337 -3.09 -4.57 2.30
C VAL D 337 -4.19 -5.00 1.34
N LYS D 338 -4.00 -6.11 0.64
CA LYS D 338 -4.99 -6.57 -0.33
C LYS D 338 -6.20 -7.17 0.36
N GLY D 339 -5.97 -8.18 1.21
CA GLY D 339 -7.06 -8.82 1.96
C GLY D 339 -7.42 -7.94 3.15
N SER D 340 -8.20 -6.89 2.86
CA SER D 340 -8.61 -5.96 3.90
C SER D 340 -9.52 -6.61 4.94
N LYS D 341 -10.22 -7.69 4.56
CA LYS D 341 -11.12 -8.45 5.42
C LYS D 341 -12.10 -7.48 6.08
N THR D 342 -12.16 -7.37 7.41
CA THR D 342 -13.13 -6.51 8.07
C THR D 342 -12.90 -5.03 7.81
N GLU D 343 -11.74 -4.65 7.28
CA GLU D 343 -11.51 -3.24 6.94
C GLU D 343 -12.53 -2.76 5.91
N ARG D 344 -12.91 -3.63 4.99
CA ARG D 344 -13.98 -3.29 4.05
C ARG D 344 -15.31 -3.06 4.76
N PHE D 345 -15.51 -3.68 5.93
CA PHE D 345 -16.69 -3.44 6.74
C PHE D 345 -16.52 -2.23 7.66
N ARG D 346 -15.32 -2.04 8.22
CA ARG D 346 -15.07 -0.90 9.08
C ARG D 346 -15.20 0.41 8.31
N ASP D 347 -14.65 0.46 7.09
CA ASP D 347 -14.71 1.66 6.30
C ASP D 347 -16.14 1.98 5.86
N LYS D 348 -16.92 0.96 5.51
CA LYS D 348 -18.31 1.18 5.13
C LYS D 348 -19.13 1.70 6.31
N MET D 349 -18.89 1.15 7.51
CA MET D 349 -19.61 1.62 8.69
C MET D 349 -19.21 3.05 9.04
N ALA D 350 -18.01 3.46 8.67
CA ALA D 350 -17.59 4.84 8.92
C ALA D 350 -18.31 5.82 8.01
N ASP D 351 -18.41 5.50 6.72
CA ASP D 351 -19.13 6.36 5.79
C ASP D 351 -20.62 6.37 6.09
N ILE D 352 -21.18 5.21 6.44
CA ILE D 352 -22.60 5.13 6.79
C ILE D 352 -22.88 5.93 8.04
N MET D 353 -21.96 5.92 9.00
CA MET D 353 -22.13 6.72 10.21
C MET D 353 -22.20 8.21 9.88
N ARG D 354 -21.31 8.68 9.01
CA ARG D 354 -21.31 10.09 8.63
C ARG D 354 -22.62 10.49 7.96
N TYR D 355 -23.12 9.64 7.07
CA TYR D 355 -24.38 9.89 6.38
C TYR D 355 -25.54 9.90 7.36
N MET D 356 -25.33 9.35 8.55
CA MET D 356 -26.44 9.12 9.47
C MET D 356 -26.29 9.80 10.82
N ASN D 357 -25.20 10.54 11.08
CA ASN D 357 -25.16 11.48 12.18
C ASN D 357 -25.49 12.91 11.76
N ARG D 358 -25.40 13.21 10.46
CA ARG D 358 -25.77 14.50 9.91
C ARG D 358 -27.25 14.59 9.58
N ASN D 359 -28.02 13.53 9.82
CA ASN D 359 -29.42 13.50 9.44
C ASN D 359 -30.37 13.27 10.60
N LYS D 360 -29.87 13.05 11.81
CA LYS D 360 -30.68 12.84 13.00
C LYS D 360 -31.71 11.73 12.80
N LEU D 361 -31.31 10.65 12.12
CA LEU D 361 -32.22 9.54 11.87
C LEU D 361 -32.51 8.80 13.17
N GLY D 362 -33.73 8.30 13.30
CA GLY D 362 -34.17 7.62 14.50
C GLY D 362 -33.48 6.30 14.75
N ARG D 363 -33.59 5.78 15.97
CA ARG D 363 -32.88 4.55 16.33
C ARG D 363 -33.45 3.35 15.58
N ASN D 364 -34.75 3.34 15.30
CA ASN D 364 -35.36 2.20 14.62
C ASN D 364 -34.77 2.00 13.22
N ILE D 365 -34.62 3.10 12.47
CA ILE D 365 -33.99 2.99 11.16
C ILE D 365 -32.47 2.84 11.31
N ARG D 366 -31.91 3.33 12.42
CA ARG D 366 -30.50 3.15 12.69
C ARG D 366 -30.11 1.67 12.70
N GLY D 367 -30.91 0.84 13.38
CA GLY D 367 -30.58 -0.57 13.48
C GLY D 367 -30.76 -1.31 12.18
N GLN D 368 -31.76 -0.94 11.39
CA GLN D 368 -32.09 -1.68 10.18
C GLN D 368 -30.95 -1.67 9.18
N ILE D 369 -30.38 -0.48 8.92
CA ILE D 369 -29.31 -0.36 7.93
C ILE D 369 -28.02 -1.01 8.44
N THR D 370 -27.72 -0.82 9.73
CA THR D 370 -26.49 -1.38 10.31
C THR D 370 -26.49 -2.90 10.24
N GLY D 371 -27.64 -3.51 10.52
CA GLY D 371 -27.75 -4.95 10.40
C GLY D 371 -27.51 -5.44 8.99
N HIS D 372 -27.94 -4.66 8.00
CA HIS D 372 -27.71 -5.04 6.61
C HIS D 372 -26.23 -5.05 6.27
N LEU D 373 -25.50 -4.05 6.76
CA LEU D 373 -24.05 -4.06 6.59
C LEU D 373 -23.40 -5.23 7.31
N ARG D 374 -23.95 -5.63 8.46
CA ARG D 374 -23.45 -6.80 9.16
C ARG D 374 -23.67 -8.07 8.34
N LEU D 375 -24.81 -8.15 7.65
CA LEU D 375 -25.04 -9.29 6.78
C LEU D 375 -24.15 -9.24 5.54
N GLN D 376 -23.85 -8.05 5.05
CA GLN D 376 -23.10 -7.92 3.79
C GLN D 376 -21.66 -8.39 3.91
N TYR D 377 -21.11 -8.48 5.12
CA TYR D 377 -19.74 -8.93 5.31
C TYR D 377 -19.65 -10.33 5.90
N GLU D 378 -20.76 -10.92 6.33
CA GLU D 378 -20.75 -12.29 6.85
C GLU D 378 -20.76 -13.32 5.72
N SER D 379 -21.67 -13.17 4.76
CA SER D 379 -21.79 -14.10 3.64
C SER D 379 -21.08 -13.61 2.38
N SER D 380 -20.36 -12.49 2.47
CA SER D 380 -19.74 -11.87 1.30
C SER D 380 -20.80 -11.58 0.23
N TYR D 381 -21.16 -10.29 -0.04
CA TYR D 381 -22.14 -9.75 -1.10
C TYR D 381 -22.08 -9.86 -2.70
N THR D 382 -23.08 -10.58 -3.22
CA THR D 382 -23.18 -10.85 -4.70
C THR D 382 -23.56 -9.69 -5.65
N GLU D 383 -24.43 -8.76 -5.25
CA GLU D 383 -24.74 -7.59 -6.13
C GLU D 383 -23.43 -6.86 -6.42
N ALA D 384 -22.66 -6.65 -5.33
CA ALA D 384 -21.36 -5.99 -5.49
C ALA D 384 -20.62 -6.77 -6.58
N ALA D 385 -20.43 -8.09 -6.38
CA ALA D 385 -19.74 -8.80 -7.50
C ALA D 385 -20.25 -8.52 -8.94
N VAL D 386 -21.55 -8.78 -9.19
CA VAL D 386 -22.04 -8.65 -10.60
C VAL D 386 -21.71 -7.28 -11.20
N LEU D 387 -21.97 -6.23 -10.39
CA LEU D 387 -21.64 -4.85 -10.87
C LEU D 387 -20.18 -4.96 -11.25
N GLN D 388 -19.35 -5.05 -10.19
CA GLN D 388 -17.90 -5.25 -10.35
C GLN D 388 -17.59 -5.62 -11.79
N ASP D 389 -18.16 -6.73 -12.29
CA ASP D 389 -17.74 -6.87 -13.73
C ASP D 389 -18.58 -7.34 -14.95
N ILE D 390 -19.82 -6.83 -15.24
CA ILE D 390 -20.32 -7.31 -16.65
C ILE D 390 -20.96 -6.40 -17.79
N PRO D 391 -20.77 -6.53 -19.19
CA PRO D 391 -21.74 -5.88 -20.08
C PRO D 391 -23.14 -6.47 -19.94
N VAL D 392 -24.11 -5.88 -20.65
CA VAL D 392 -25.52 -6.22 -20.49
C VAL D 392 -25.87 -7.52 -21.22
N SER D 393 -25.17 -7.84 -22.31
CA SER D 393 -25.56 -8.96 -23.15
C SER D 393 -25.47 -10.29 -22.40
N ILE D 394 -24.44 -10.47 -21.58
CA ILE D 394 -24.21 -11.75 -20.92
C ILE D 394 -24.63 -11.64 -19.45
N ARG D 395 -24.75 -10.42 -18.95
CA ARG D 395 -25.39 -10.22 -17.65
C ARG D 395 -26.81 -10.78 -17.68
N ALA D 396 -27.47 -10.70 -18.85
CA ALA D 396 -28.74 -11.40 -19.03
C ALA D 396 -28.58 -12.90 -18.94
N LYS D 397 -27.51 -13.44 -19.55
CA LYS D 397 -27.26 -14.87 -19.47
C LYS D 397 -26.98 -15.31 -18.03
N ILE D 398 -26.26 -14.48 -17.27
CA ILE D 398 -26.07 -14.76 -15.85
C ILE D 398 -27.42 -14.76 -15.14
N ALA D 399 -28.26 -13.77 -15.44
CA ALA D 399 -29.61 -13.74 -14.89
C ALA D 399 -30.43 -14.93 -15.38
N GLN D 400 -30.31 -15.27 -16.67
CA GLN D 400 -31.05 -16.40 -17.21
C GLN D 400 -30.65 -17.72 -16.55
N THR D 401 -29.35 -17.90 -16.31
CA THR D 401 -28.90 -19.12 -15.67
C THR D 401 -29.36 -19.20 -14.22
N LEU D 402 -29.46 -18.06 -13.54
CA LEU D 402 -29.73 -18.04 -12.12
C LEU D 402 -31.21 -17.86 -11.77
N TYR D 403 -31.95 -17.05 -12.54
CA TYR D 403 -33.29 -16.65 -12.14
C TYR D 403 -34.40 -17.30 -12.95
N LEU D 404 -34.12 -17.84 -14.14
CA LEU D 404 -35.17 -18.38 -14.98
C LEU D 404 -35.97 -19.50 -14.33
N PRO D 405 -35.35 -20.52 -13.71
CA PRO D 405 -36.16 -21.59 -13.10
C PRO D 405 -37.13 -21.10 -12.03
N TYR D 406 -36.74 -20.10 -11.24
CA TYR D 406 -37.62 -19.56 -10.22
C TYR D 406 -38.73 -18.71 -10.82
N ILE D 407 -38.42 -17.93 -11.85
CA ILE D 407 -39.44 -17.10 -12.49
C ILE D 407 -40.44 -17.98 -13.24
N GLU D 408 -39.97 -19.05 -13.88
CA GLU D 408 -40.87 -19.91 -14.64
C GLU D 408 -41.90 -20.60 -13.74
N LYS D 409 -41.56 -20.82 -12.47
CA LYS D 409 -42.46 -21.48 -11.53
C LYS D 409 -43.46 -20.52 -10.89
N VAL D 410 -43.36 -19.23 -11.18
CA VAL D 410 -44.30 -18.26 -10.60
C VAL D 410 -45.69 -18.49 -11.19
N PRO D 411 -46.73 -18.60 -10.36
CA PRO D 411 -48.09 -18.78 -10.91
C PRO D 411 -48.56 -17.63 -11.79
N LEU D 412 -48.02 -16.42 -11.60
CA LEU D 412 -48.45 -15.29 -12.40
C LEU D 412 -48.10 -15.50 -13.88
N PHE D 413 -46.92 -16.03 -14.16
CA PHE D 413 -46.45 -16.23 -15.53
C PHE D 413 -46.90 -17.57 -16.11
N ARG D 414 -47.97 -18.15 -15.58
CA ARG D 414 -48.47 -19.41 -16.10
C ARG D 414 -49.04 -19.20 -17.50
N GLY D 415 -48.53 -19.97 -18.47
CA GLY D 415 -48.96 -19.84 -19.85
C GLY D 415 -48.33 -18.71 -20.63
N CYS D 416 -47.39 -17.98 -20.04
CA CYS D 416 -46.75 -16.87 -20.73
C CYS D 416 -45.66 -17.38 -21.67
N SER D 417 -45.38 -16.60 -22.70
CA SER D 417 -44.39 -16.97 -23.69
C SER D 417 -42.98 -16.92 -23.09
N SER D 418 -42.08 -17.70 -23.68
CA SER D 418 -40.71 -17.74 -23.20
C SER D 418 -40.00 -16.40 -23.39
N GLU D 419 -40.23 -15.74 -24.53
CA GLU D 419 -39.58 -14.46 -24.79
C GLU D 419 -40.02 -13.41 -23.78
N PHE D 420 -41.30 -13.41 -23.41
CA PHE D 420 -41.78 -12.48 -22.39
C PHE D 420 -41.09 -12.73 -21.06
N ILE D 421 -40.92 -14.00 -20.68
CA ILE D 421 -40.20 -14.33 -19.46
C ILE D 421 -38.71 -14.01 -19.61
N ASN D 422 -38.14 -14.28 -20.79
CA ASN D 422 -36.72 -14.06 -21.00
C ASN D 422 -36.35 -12.60 -20.84
N GLN D 423 -37.16 -11.70 -21.41
CA GLN D 423 -36.86 -10.28 -21.29
C GLN D 423 -37.07 -9.78 -19.86
N ILE D 424 -38.02 -10.38 -19.13
CA ILE D 424 -38.21 -10.02 -17.72
C ILE D 424 -36.99 -10.40 -16.91
N VAL D 425 -36.44 -11.60 -17.16
CA VAL D 425 -35.36 -12.14 -16.32
C VAL D 425 -34.15 -11.21 -16.32
N ILE D 426 -33.95 -10.48 -17.41
CA ILE D 426 -32.77 -9.61 -17.54
C ILE D 426 -32.78 -8.52 -16.47
N ARG D 427 -33.95 -8.01 -16.09
CA ARG D 427 -34.06 -6.80 -15.31
C ARG D 427 -34.26 -7.04 -13.81
N LEU D 428 -34.15 -8.29 -13.34
CA LEU D 428 -34.24 -8.53 -11.91
C LEU D 428 -32.98 -8.09 -11.18
N HIS D 429 -33.16 -7.66 -9.94
CA HIS D 429 -32.08 -7.32 -9.03
C HIS D 429 -32.34 -8.00 -7.70
N GLU D 430 -31.27 -8.39 -7.02
CA GLU D 430 -31.35 -9.22 -5.82
C GLU D 430 -31.21 -8.37 -4.57
N GLU D 431 -32.11 -8.60 -3.60
CA GLU D 431 -32.07 -7.94 -2.31
C GLU D 431 -32.22 -8.98 -1.21
N PHE D 432 -31.38 -8.89 -0.18
CA PHE D 432 -31.46 -9.76 0.98
C PHE D 432 -32.10 -9.00 2.14
N PHE D 433 -33.01 -9.67 2.84
CA PHE D 433 -33.78 -9.05 3.93
C PHE D 433 -33.49 -9.78 5.23
N LEU D 434 -33.02 -9.04 6.23
CA LEU D 434 -32.82 -9.61 7.55
C LEU D 434 -34.17 -9.91 8.21
N PRO D 435 -34.24 -10.98 9.01
CA PRO D 435 -35.50 -11.31 9.68
C PRO D 435 -35.95 -10.19 10.61
N GLY D 436 -37.27 -9.99 10.68
CA GLY D 436 -37.87 -8.97 11.50
C GLY D 436 -38.17 -7.67 10.77
N GLU D 437 -37.68 -7.52 9.55
CA GLU D 437 -37.91 -6.31 8.78
C GLU D 437 -39.33 -6.27 8.24
N VAL D 438 -39.76 -5.07 7.84
CA VAL D 438 -41.08 -4.84 7.27
C VAL D 438 -40.89 -4.28 5.86
N ILE D 439 -41.55 -4.91 4.88
CA ILE D 439 -41.32 -4.57 3.49
C ILE D 439 -42.34 -3.54 3.02
N MET D 440 -43.63 -3.90 3.06
CA MET D 440 -44.70 -2.92 2.89
C MET D 440 -45.53 -2.85 4.17
N GLU D 441 -46.45 -1.89 4.19
CA GLU D 441 -47.35 -1.66 5.32
C GLU D 441 -48.78 -1.53 4.82
N GLN D 442 -49.67 -1.15 5.72
CA GLN D 442 -51.07 -0.93 5.35
C GLN D 442 -51.19 0.29 4.45
N GLY D 443 -51.87 0.11 3.32
CA GLY D 443 -52.18 1.23 2.44
C GLY D 443 -50.96 1.99 1.94
N SER D 444 -49.90 1.27 1.58
CA SER D 444 -48.67 1.89 1.09
C SER D 444 -48.43 1.46 -0.34
N VAL D 445 -48.29 2.44 -1.24
CA VAL D 445 -48.04 2.14 -2.63
C VAL D 445 -46.55 1.87 -2.83
N VAL D 446 -46.24 0.72 -3.43
CA VAL D 446 -44.87 0.32 -3.69
C VAL D 446 -44.66 0.27 -5.20
N ASP D 447 -43.42 0.52 -5.62
CA ASP D 447 -43.06 0.58 -7.03
C ASP D 447 -42.10 -0.53 -7.44
N GLN D 448 -42.09 -1.65 -6.72
CA GLN D 448 -41.20 -2.77 -7.02
C GLN D 448 -41.97 -4.08 -6.95
N LEU D 449 -41.62 -5.01 -7.85
CA LEU D 449 -42.21 -6.33 -7.87
C LEU D 449 -41.20 -7.33 -7.30
N TYR D 450 -41.67 -8.19 -6.40
CA TYR D 450 -40.81 -9.05 -5.61
C TYR D 450 -41.11 -10.51 -5.91
N PHE D 451 -40.06 -11.27 -6.22
CA PHE D 451 -40.12 -12.74 -6.28
C PHE D 451 -39.15 -13.31 -5.26
N VAL D 452 -39.61 -14.28 -4.49
CA VAL D 452 -38.82 -14.85 -3.41
C VAL D 452 -38.09 -16.10 -3.91
N CYS D 453 -36.77 -16.11 -3.75
CA CYS D 453 -35.99 -17.30 -4.09
C CYS D 453 -35.91 -18.26 -2.92
N HIS D 454 -35.51 -17.76 -1.75
CA HIS D 454 -35.42 -18.55 -0.53
C HIS D 454 -36.25 -17.89 0.56
N GLY D 455 -36.29 -18.54 1.71
CA GLY D 455 -36.94 -17.98 2.88
C GLY D 455 -38.44 -18.18 2.90
N VAL D 456 -39.04 -17.74 4.00
CA VAL D 456 -40.47 -17.85 4.24
C VAL D 456 -40.97 -16.50 4.75
N LEU D 457 -42.04 -16.00 4.14
CA LEU D 457 -42.61 -14.72 4.50
C LEU D 457 -44.05 -14.92 4.99
N GLU D 458 -44.64 -13.84 5.51
CA GLU D 458 -46.00 -13.89 6.04
C GLU D 458 -46.71 -12.59 5.74
N GLU D 459 -47.90 -12.68 5.16
CA GLU D 459 -48.74 -11.51 4.93
C GLU D 459 -49.53 -11.19 6.19
N ILE D 460 -49.34 -10.00 6.75
CA ILE D 460 -50.00 -9.59 7.97
C ILE D 460 -51.09 -8.58 7.62
N GLY D 461 -52.32 -8.86 8.01
CA GLY D 461 -53.44 -7.97 7.74
C GLY D 461 -53.97 -7.29 8.99
N GLU D 469 -52.51 -10.94 12.56
CA GLU D 469 -52.81 -12.24 11.96
C GLU D 469 -52.06 -12.41 10.64
N ILE D 470 -51.68 -13.65 10.34
CA ILE D 470 -50.97 -13.97 9.10
C ILE D 470 -52.00 -14.33 8.04
N VAL D 471 -52.09 -13.52 6.99
CA VAL D 471 -53.06 -13.79 5.93
C VAL D 471 -52.62 -15.01 5.12
N ALA D 472 -51.35 -15.09 4.77
CA ALA D 472 -50.84 -16.20 3.96
C ALA D 472 -49.33 -16.28 4.13
N VAL D 473 -48.83 -17.46 4.47
CA VAL D 473 -47.39 -17.70 4.57
C VAL D 473 -46.84 -17.90 3.17
N LEU D 474 -45.81 -17.12 2.82
CA LEU D 474 -45.26 -17.13 1.47
C LEU D 474 -44.18 -18.19 1.33
N GLN D 475 -44.36 -19.08 0.37
CA GLN D 475 -43.44 -20.12 -0.04
C GLN D 475 -42.48 -19.59 -1.09
N PRO D 476 -41.29 -20.17 -1.22
CA PRO D 476 -40.42 -19.82 -2.36
C PRO D 476 -41.14 -20.07 -3.67
N ASP D 477 -40.85 -19.21 -4.66
CA ASP D 477 -41.48 -19.16 -5.97
C ASP D 477 -42.91 -18.67 -5.92
N HIS D 478 -43.33 -18.01 -4.84
CA HIS D 478 -44.64 -17.39 -4.72
C HIS D 478 -44.45 -15.88 -4.72
N SER D 479 -44.75 -15.24 -5.84
CA SER D 479 -44.54 -13.81 -5.99
C SER D 479 -45.60 -13.02 -5.23
N PHE D 480 -45.24 -11.79 -4.86
CA PHE D 480 -46.15 -10.88 -4.20
C PHE D 480 -45.85 -9.45 -4.66
N GLY D 481 -46.85 -8.58 -4.51
CA GLY D 481 -46.76 -7.23 -5.01
C GLY D 481 -47.43 -6.99 -6.34
N GLU D 482 -47.98 -8.02 -6.96
CA GLU D 482 -48.65 -7.86 -8.25
C GLU D 482 -49.90 -7.00 -8.12
N ILE D 483 -50.51 -6.97 -6.93
CA ILE D 483 -51.74 -6.19 -6.73
C ILE D 483 -51.46 -4.71 -6.93
N SER D 484 -50.38 -4.21 -6.33
CA SER D 484 -50.07 -2.79 -6.44
C SER D 484 -49.55 -2.43 -7.84
N ILE D 485 -48.77 -3.32 -8.44
CA ILE D 485 -48.16 -3.02 -9.73
C ILE D 485 -49.23 -2.98 -10.83
N LEU D 486 -50.14 -3.97 -10.82
CA LEU D 486 -51.12 -4.08 -11.89
C LEU D 486 -52.36 -3.25 -11.59
N CYS D 487 -53.04 -3.53 -10.48
CA CYS D 487 -54.30 -2.88 -10.16
C CYS D 487 -54.13 -1.48 -9.60
N ASN D 488 -52.89 -1.04 -9.34
CA ASN D 488 -52.61 0.31 -8.83
C ASN D 488 -53.31 0.59 -7.51
N ILE D 489 -53.40 -0.41 -6.65
CA ILE D 489 -54.00 -0.28 -5.32
C ILE D 489 -52.97 -0.75 -4.29
N PRO D 490 -52.69 0.03 -3.24
CA PRO D 490 -51.69 -0.39 -2.26
C PRO D 490 -52.04 -1.71 -1.60
N GLN D 491 -51.00 -2.45 -1.22
CA GLN D 491 -51.16 -3.77 -0.65
C GLN D 491 -51.98 -3.69 0.65
N PRO D 492 -53.06 -4.46 0.78
CA PRO D 492 -53.81 -4.46 2.04
C PRO D 492 -53.03 -5.05 3.20
N TYR D 493 -52.03 -5.89 2.92
CA TYR D 493 -51.32 -6.63 3.95
C TYR D 493 -49.83 -6.29 3.95
N THR D 494 -49.20 -6.47 5.10
CA THR D 494 -47.75 -6.31 5.21
C THR D 494 -47.09 -7.67 5.09
N VAL D 495 -46.10 -7.76 4.21
CA VAL D 495 -45.31 -8.98 4.03
C VAL D 495 -44.08 -8.86 4.91
N ARG D 496 -44.15 -9.45 6.11
CA ARG D 496 -43.05 -9.43 7.05
C ARG D 496 -42.17 -10.65 6.82
N VAL D 497 -40.94 -10.57 7.33
CA VAL D 497 -39.94 -11.60 7.13
C VAL D 497 -39.70 -12.32 8.46
N ALA D 498 -39.87 -13.64 8.46
CA ALA D 498 -39.51 -14.50 9.57
C ALA D 498 -38.35 -15.41 9.26
N GLU D 499 -38.12 -15.69 7.97
CA GLU D 499 -36.99 -16.48 7.49
C GLU D 499 -36.18 -15.62 6.53
N LEU D 500 -34.86 -15.73 6.61
CA LEU D 500 -34.00 -14.97 5.72
C LEU D 500 -34.28 -15.37 4.27
N CYS D 501 -34.51 -14.37 3.42
CA CYS D 501 -35.02 -14.59 2.08
C CYS D 501 -34.12 -13.91 1.05
N ARG D 502 -33.96 -14.56 -0.09
CA ARG D 502 -33.35 -13.96 -1.26
C ARG D 502 -34.46 -13.49 -2.20
N ILE D 503 -34.53 -12.19 -2.45
CA ILE D 503 -35.65 -11.57 -3.12
C ILE D 503 -35.16 -10.93 -4.41
N LEU D 504 -35.85 -11.22 -5.51
CA LEU D 504 -35.57 -10.62 -6.81
C LEU D 504 -36.51 -9.46 -7.04
N ARG D 505 -35.95 -8.31 -7.42
CA ARG D 505 -36.70 -7.07 -7.55
C ARG D 505 -36.89 -6.71 -9.02
N LEU D 506 -38.12 -6.37 -9.39
CA LEU D 506 -38.45 -5.83 -10.71
C LEU D 506 -39.17 -4.50 -10.51
N ASP D 507 -38.69 -3.46 -11.19
CA ASP D 507 -39.20 -2.12 -10.97
C ASP D 507 -40.60 -1.96 -11.56
N LYS D 508 -41.34 -1.01 -11.01
CA LYS D 508 -42.68 -0.70 -11.52
C LYS D 508 -42.62 -0.22 -12.97
N GLN D 509 -41.78 0.79 -13.22
CA GLN D 509 -41.76 1.41 -14.54
C GLN D 509 -41.28 0.44 -15.61
N SER D 510 -40.36 -0.45 -15.25
CA SER D 510 -39.87 -1.45 -16.20
C SER D 510 -40.96 -2.43 -16.57
N PHE D 511 -41.84 -2.78 -15.62
CA PHE D 511 -42.80 -3.85 -15.85
C PHE D 511 -43.87 -3.43 -16.86
N MET D 512 -44.37 -2.20 -16.77
CA MET D 512 -45.38 -1.75 -17.72
C MET D 512 -44.84 -1.75 -19.15
N ASN D 513 -43.58 -1.35 -19.33
CA ASN D 513 -42.98 -1.37 -20.65
C ASN D 513 -42.97 -2.78 -21.23
N ILE D 514 -42.75 -3.78 -20.38
CA ILE D 514 -42.82 -5.17 -20.84
C ILE D 514 -44.26 -5.56 -21.13
N LEU D 515 -45.20 -5.14 -20.27
CA LEU D 515 -46.61 -5.44 -20.51
C LEU D 515 -47.12 -4.73 -21.75
N GLU D 516 -46.71 -3.48 -21.96
CA GLU D 516 -47.19 -2.74 -23.13
C GLU D 516 -46.74 -3.39 -24.43
N ILE D 517 -45.48 -3.83 -24.49
CA ILE D 517 -44.97 -4.50 -25.69
C ILE D 517 -45.64 -5.86 -25.86
N PHE D 518 -45.53 -6.71 -24.85
CA PHE D 518 -46.16 -8.04 -24.88
C PHE D 518 -47.55 -7.95 -24.24
N PHE D 519 -48.44 -7.28 -24.96
CA PHE D 519 -49.80 -7.07 -24.44
C PHE D 519 -50.55 -8.39 -24.31
N HIS D 520 -50.38 -9.30 -25.27
CA HIS D 520 -51.03 -10.61 -25.19
C HIS D 520 -50.52 -11.39 -23.97
N ASP D 521 -49.22 -11.30 -23.70
CA ASP D 521 -48.68 -11.92 -22.49
C ASP D 521 -49.26 -11.29 -21.24
N GLY D 522 -49.49 -9.98 -21.26
CA GLY D 522 -50.12 -9.33 -20.11
C GLY D 522 -51.54 -9.82 -19.88
N ARG D 523 -52.28 -10.11 -20.96
CA ARG D 523 -53.64 -10.64 -20.81
C ARG D 523 -53.62 -11.99 -20.12
N ARG D 524 -52.65 -12.85 -20.46
CA ARG D 524 -52.52 -14.13 -19.77
C ARG D 524 -52.22 -13.92 -18.28
N ILE D 525 -51.42 -12.89 -17.97
CA ILE D 525 -51.15 -12.56 -16.57
C ILE D 525 -52.45 -12.19 -15.85
N LEU D 526 -53.29 -11.38 -16.49
CA LEU D 526 -54.57 -11.04 -15.90
C LEU D 526 -55.45 -12.27 -15.73
N ASN D 527 -55.45 -13.16 -16.72
CA ASN D 527 -56.24 -14.38 -16.61
C ASN D 527 -55.75 -15.26 -15.46
N ASN D 528 -54.43 -15.38 -15.32
CA ASN D 528 -53.87 -16.15 -14.21
C ASN D 528 -54.23 -15.53 -12.87
N LEU D 529 -54.19 -14.19 -12.79
CA LEU D 529 -54.59 -13.51 -11.56
C LEU D 529 -56.06 -13.76 -11.25
N LEU D 530 -56.92 -13.72 -12.28
CA LEU D 530 -58.34 -13.96 -12.06
C LEU D 530 -58.60 -15.39 -11.61
N GLU D 531 -57.87 -16.36 -12.18
CA GLU D 531 -58.06 -17.75 -11.81
C GLU D 531 -57.70 -17.98 -10.34
N GLY D 532 -56.60 -17.37 -9.88
CA GLY D 532 -56.20 -17.52 -8.50
C GLY D 532 -57.02 -16.72 -7.52
N LYS D 533 -57.75 -15.71 -8.00
CA LYS D 533 -58.56 -14.87 -7.14
C LYS D 533 -60.03 -14.94 -7.52
O12 PC1 E . 44.70 -4.01 -1.59
P PC1 E . 44.44 -4.50 -3.00
O14 PC1 E . 45.02 -3.77 -4.17
O13 PC1 E . 44.93 -6.03 -3.09
O11 PC1 E . 42.86 -4.57 -3.25
C1 PC1 E . 42.00 -3.71 -2.46
C2 PC1 E . 40.72 -3.32 -3.19
O21 PC1 E . 39.65 -2.85 -2.32
C21 PC1 E . 38.99 -3.71 -1.52
O22 PC1 E . 39.51 -4.48 -0.76
C22 PC1 E . 37.50 -3.60 -1.61
C23 PC1 E . 36.82 -4.79 -1.01
C24 PC1 E . 35.33 -4.81 -1.31
C25 PC1 E . 34.62 -6.02 -0.76
C26 PC1 E . 33.16 -5.80 -0.51
C27 PC1 E . 32.28 -6.46 -1.53
C3 PC1 E . 40.30 -4.28 -4.26
O31 PC1 E . 38.96 -3.93 -4.66
C31 PC1 E . 38.85 -3.17 -5.74
O32 PC1 E . 39.78 -2.94 -6.48
C32 PC1 E . 37.45 -2.69 -5.92
C33 PC1 E . 36.43 -3.66 -5.44
C34 PC1 E . 35.30 -3.85 -6.42
C35 PC1 E . 34.18 -4.71 -5.91
C36 PC1 E . 32.83 -4.39 -6.52
C37 PC1 E . 31.66 -4.94 -5.76
C38 PC1 E . 30.36 -4.22 -6.01
C32 PC1 F . 40.00 9.18 25.83
C33 PC1 F . 39.02 9.98 25.04
C34 PC1 F . 37.95 9.13 24.39
C35 PC1 F . 37.83 9.35 22.91
C36 PC1 F . 36.48 9.85 22.47
C37 PC1 F . 36.52 10.68 21.22
C38 PC1 F . 36.40 9.88 19.96
C39 PC1 F . 35.00 9.64 19.51
C3A PC1 F . 34.87 8.81 18.26
C3B PC1 F . 33.66 9.15 17.44
C3C PC1 F . 33.57 8.40 16.14
C3D PC1 F . 32.42 8.82 15.26
C3E PC1 F . 32.59 8.47 13.81
C3F PC1 F . 31.40 8.77 12.95
C32 PC1 G . 34.14 13.41 26.57
C33 PC1 G . 33.52 12.28 25.80
C34 PC1 G . 32.00 12.37 25.75
C35 PC1 G . 31.32 11.10 25.33
C36 PC1 G . 29.82 11.14 25.47
C37 PC1 G . 29.09 10.50 24.33
C38 PC1 G . 28.45 11.48 23.38
C39 PC1 G . 27.19 10.98 22.74
C3A PC1 G . 26.93 9.51 22.98
C3B PC1 G . 26.49 8.77 21.75
C3C PC1 G . 25.18 9.24 21.17
C3D PC1 G . 24.84 8.64 19.83
C3E PC1 G . 23.44 8.10 19.75
C3F PC1 G . 22.90 8.03 18.34
C32 PC1 H . 15.40 -8.40 46.50
C33 PC1 H . 14.32 -7.66 45.77
C34 PC1 H . 13.74 -8.46 44.62
C35 PC1 H . 14.26 -8.09 43.26
C36 PC1 H . 13.19 -7.67 42.29
C37 PC1 H . 12.31 -6.56 42.79
C38 PC1 H . 11.65 -5.77 41.69
C39 PC1 H . 11.96 -6.26 40.31
C3A PC1 H . 10.95 -5.85 39.28
C3B PC1 H . 11.00 -4.39 38.90
C3C PC1 H . 11.68 -4.13 37.59
C3D PC1 H . 11.25 -2.87 36.89
C3E PC1 H . 9.78 -2.84 36.54
C3F PC1 H . 9.47 -2.17 35.23
C32 PC1 I . 13.82 -2.83 46.15
C33 PC1 I . 14.31 -2.15 44.91
C34 PC1 I . 13.18 -1.68 44.01
C35 PC1 I . 13.54 -1.59 42.55
C36 PC1 I . 13.52 -0.20 42.00
C37 PC1 I . 13.17 -0.13 40.54
C38 PC1 I . 12.10 0.87 40.22
C39 PC1 I . 12.55 1.99 39.31
C3A PC1 I . 11.44 2.58 38.47
C3B PC1 I . 11.93 3.49 37.37
C3C PC1 I . 11.41 3.11 36.00
C3D PC1 I . 10.64 4.21 35.30
C3E PC1 I . 10.29 3.91 33.87
C3F PC1 I . 9.95 5.12 33.03
C32 PC1 J . 27.90 17.78 33.28
C33 PC1 J . 27.27 17.16 32.07
C34 PC1 J . 26.48 18.15 31.25
C35 PC1 J . 26.01 17.62 29.92
C36 PC1 J . 24.68 18.18 29.47
C37 PC1 J . 23.86 17.21 28.64
C38 PC1 J . 22.61 17.82 28.06
C39 PC1 J . 22.60 17.91 26.57
C3A PC1 J . 21.23 18.07 25.96
C3B PC1 J . 21.22 18.39 24.49
C3C PC1 J . 21.25 17.18 23.60
C3D PC1 J . 20.18 17.16 22.54
C3E PC1 J . 20.48 16.27 21.36
C3F PC1 J . 19.46 16.34 20.26
C32 PC1 K . 8.70 -10.93 40.88
C33 PC1 K . 8.27 -11.64 39.64
C34 PC1 K . 7.96 -10.70 38.50
C35 PC1 K . 8.15 -11.30 37.14
C36 PC1 K . 7.01 -11.07 36.19
C37 PC1 K . 7.39 -10.37 34.92
C38 PC1 K . 7.97 -11.29 33.88
C39 PC1 K . 8.02 -10.70 32.50
C3A PC1 K . 6.83 -9.84 32.15
C3B PC1 K . 7.13 -8.80 31.10
C3C PC1 K . 6.93 -9.28 29.68
C3D PC1 K . 6.65 -8.17 28.69
C3E PC1 K . 6.08 -6.93 29.33
C3F PC1 K . 5.11 -6.18 28.45
C32 PC1 L . 19.52 -34.34 24.24
C33 PC1 L . 19.93 -35.74 23.91
C34 PC1 L . 18.85 -36.51 23.17
C35 PC1 L . 17.61 -35.70 22.83
C36 PC1 L . 16.77 -36.29 21.73
C37 PC1 L . 15.29 -36.05 21.89
C38 PC1 L . 14.72 -35.02 20.96
C39 PC1 L . 13.27 -34.70 21.20
C3A PC1 L . 12.83 -33.37 20.68
C3B PC1 L . 12.61 -32.33 21.74
C3C PC1 L . 11.66 -31.23 21.35
C3D PC1 L . 11.09 -31.37 19.97
C3E PC1 L . 10.27 -30.18 19.52
C3F PC1 L . 9.58 -29.45 20.62
C32 PC1 M . 14.45 -37.48 26.86
C33 PC1 M . 13.25 -38.34 27.12
C34 PC1 M . 12.01 -37.85 26.39
C35 PC1 M . 12.01 -36.38 26.11
C36 PC1 M . 10.81 -35.92 25.32
C37 PC1 M . 10.17 -34.67 25.87
C38 PC1 M . 10.49 -33.42 25.10
C39 PC1 M . 9.28 -32.74 24.51
C3A PC1 M . 8.00 -33.54 24.63
C3B PC1 M . 6.76 -32.70 24.69
C3C PC1 M . 7.01 -31.25 24.96
C3D PC1 M . 5.76 -30.41 25.03
C3E PC1 M . 5.09 -30.23 23.70
C3F PC1 M . 4.57 -28.83 23.44
O12 PC1 N . 1.82 -18.79 40.33
P PC1 N . 0.77 -17.81 40.76
O14 PC1 N . -0.53 -18.30 41.33
O13 PC1 N . 1.40 -16.81 41.83
O11 PC1 N . 0.37 -16.86 39.52
C1 PC1 N . 1.00 -17.08 38.24
C2 PC1 N . 0.08 -16.75 37.08
O21 PC1 N . 0.65 -16.95 35.75
C21 PC1 N . 1.72 -16.25 35.35
O22 PC1 N . 2.83 -16.36 35.81
C22 PC1 N . 1.46 -15.33 34.20
C23 PC1 N . 2.56 -14.35 33.98
C24 PC1 N . 2.37 -13.54 32.72
C25 PC1 N . 3.50 -12.58 32.45
C26 PC1 N . 3.46 -12.01 31.07
C27 PC1 N . 2.86 -10.63 31.01
C3 PC1 N . -0.66 -15.44 37.23
O31 PC1 N . -1.96 -15.61 36.64
C31 PC1 N . -2.54 -14.51 36.18
O32 PC1 N . -3.31 -13.84 36.82
C32 PC1 N . -2.12 -14.23 34.77
C33 PC1 N . -2.78 -13.02 34.19
C34 PC1 N . -1.77 -11.95 33.80
C35 PC1 N . -2.24 -11.04 32.69
C36 PC1 N . -1.11 -10.29 32.01
C37 PC1 N . -1.44 -9.79 30.63
C38 PC1 N . -2.91 -9.82 30.28
C32 PC1 O . 17.47 -38.80 17.47
C33 PC1 O . 16.82 -38.21 16.25
C34 PC1 O . 16.93 -36.69 16.21
C35 PC1 O . 16.80 -36.10 14.83
C36 PC1 O . 16.99 -34.61 14.76
C37 PC1 O . 15.98 -33.90 13.90
C38 PC1 O . 16.32 -32.47 13.60
C39 PC1 O . 15.24 -31.73 12.85
C3A PC1 O . 15.55 -30.28 12.64
C3B PC1 O . 14.36 -29.38 12.80
C3C PC1 O . 14.32 -28.24 11.81
C3D PC1 O . 13.30 -27.18 12.14
C3E PC1 O . 13.35 -25.98 11.22
C3F PC1 O . 12.05 -25.22 11.14
C32 PC1 P . 42.48 -14.54 0.25
C33 PC1 P . 41.70 -13.78 1.29
C34 PC1 P . 40.78 -12.73 0.69
C35 PC1 P . 39.37 -12.78 1.22
C36 PC1 P . 38.70 -11.44 1.29
C37 PC1 P . 37.30 -11.43 0.73
C38 PC1 P . 36.48 -10.24 1.13
C39 PC1 P . 35.44 -10.54 2.15
C3A PC1 P . 34.23 -9.64 2.09
C3B PC1 P . 33.07 -10.21 1.34
C3C PC1 P . 31.85 -9.34 1.36
C3D PC1 P . 30.54 -10.09 1.36
C3E PC1 P . 29.34 -9.23 1.63
C3F PC1 P . 28.23 -9.41 0.62
C32 PC1 Q . 40.93 -24.10 0.19
C33 PC1 Q . 39.65 -24.72 0.66
C34 PC1 Q . 38.45 -23.81 0.47
C35 PC1 Q . 37.16 -24.53 0.24
C36 PC1 Q . 35.92 -23.68 0.38
C37 PC1 Q . 35.06 -23.67 -0.84
C38 PC1 Q . 33.77 -24.45 -0.69
C39 PC1 Q . 32.70 -24.06 -1.69
C3A PC1 Q . 31.31 -24.04 -1.11
C3B PC1 Q . 30.28 -24.75 -1.95
C3C PC1 Q . 29.30 -23.84 -2.64
C3D PC1 Q . 28.48 -22.99 -1.70
C3E PC1 Q . 27.38 -22.20 -2.37
C3F PC1 Q . 26.14 -23.01 -2.70
C32 PC1 R . 44.69 -21.25 3.85
C33 PC1 R . 43.63 -20.80 2.89
C34 PC1 R . 43.02 -19.46 3.26
C35 PC1 R . 41.58 -19.53 3.71
C36 PC1 R . 40.62 -18.78 2.85
C37 PC1 R . 40.37 -19.43 1.51
C38 PC1 R . 39.01 -19.11 0.93
C39 PC1 R . 38.16 -18.26 1.81
C3A PC1 R . 36.70 -18.27 1.44
C3B PC1 R . 36.42 -18.86 0.08
C3C PC1 R . 34.97 -18.86 -0.30
C3D PC1 R . 34.02 -18.83 0.88
C3E PC1 R . 32.56 -18.86 0.49
C3F PC1 R . 32.22 -18.05 -0.74
C32 PC1 S . 20.77 -41.93 8.75
C33 PC1 S . 20.43 -41.57 7.34
C34 PC1 S . 19.73 -40.23 7.22
C35 PC1 S . 18.42 -40.28 6.48
C36 PC1 S . 17.58 -39.05 6.64
C37 PC1 S . 16.81 -38.65 5.41
C38 PC1 S . 16.67 -37.16 5.23
C39 PC1 S . 15.73 -36.76 4.12
C3A PC1 S . 14.63 -35.83 4.54
C3B PC1 S . 13.39 -35.92 3.69
C3C PC1 S . 12.84 -34.60 3.25
C3D PC1 S . 12.17 -33.79 4.33
C3E PC1 S . 11.30 -32.68 3.82
C3F PC1 S . 10.82 -31.72 4.88
#